data_4NP2
# 
_entry.id   4NP2 
# 
_audit_conform.dict_name       mmcif_pdbx.dic 
_audit_conform.dict_version    5.399 
_audit_conform.dict_location   http://mmcif.pdb.org/dictionaries/ascii/mmcif_pdbx.dic 
# 
loop_
_database_2.database_id 
_database_2.database_code 
_database_2.pdbx_database_accession 
_database_2.pdbx_DOI 
PDB   4NP2         pdb_00004np2 10.2210/pdb4np2/pdb 
RCSB  RCSB083477   ?            ?                   
WWPDB D_1000083477 ?            ?                   
# 
loop_
_pdbx_audit_revision_history.ordinal 
_pdbx_audit_revision_history.data_content_type 
_pdbx_audit_revision_history.major_revision 
_pdbx_audit_revision_history.minor_revision 
_pdbx_audit_revision_history.revision_date 
1 'Structure model' 1 0 2014-04-16 
2 'Structure model' 1 1 2024-11-20 
# 
_pdbx_audit_revision_details.ordinal             1 
_pdbx_audit_revision_details.revision_ordinal    1 
_pdbx_audit_revision_details.data_content_type   'Structure model' 
_pdbx_audit_revision_details.provider            repository 
_pdbx_audit_revision_details.type                'Initial release' 
_pdbx_audit_revision_details.description         ? 
_pdbx_audit_revision_details.details             ? 
# 
loop_
_pdbx_audit_revision_group.ordinal 
_pdbx_audit_revision_group.revision_ordinal 
_pdbx_audit_revision_group.data_content_type 
_pdbx_audit_revision_group.group 
1 2 'Structure model' 'Data collection'      
2 2 'Structure model' 'Database references'  
3 2 'Structure model' 'Derived calculations' 
4 2 'Structure model' 'Structure summary'    
# 
loop_
_pdbx_audit_revision_category.ordinal 
_pdbx_audit_revision_category.revision_ordinal 
_pdbx_audit_revision_category.data_content_type 
_pdbx_audit_revision_category.category 
1 2 'Structure model' chem_comp_atom            
2 2 'Structure model' chem_comp_bond            
3 2 'Structure model' database_2                
4 2 'Structure model' pdbx_entry_details        
5 2 'Structure model' pdbx_modification_feature 
6 2 'Structure model' struct_ref_seq_dif        
7 2 'Structure model' struct_site               
# 
loop_
_pdbx_audit_revision_item.ordinal 
_pdbx_audit_revision_item.revision_ordinal 
_pdbx_audit_revision_item.data_content_type 
_pdbx_audit_revision_item.item 
1 2 'Structure model' '_database_2.pdbx_DOI'                
2 2 'Structure model' '_database_2.pdbx_database_accession' 
3 2 'Structure model' '_struct_ref_seq_dif.details'         
4 2 'Structure model' '_struct_site.pdbx_auth_asym_id'      
5 2 'Structure model' '_struct_site.pdbx_auth_comp_id'      
6 2 'Structure model' '_struct_site.pdbx_auth_seq_id'       
# 
_pdbx_database_status.entry_id                        4NP2 
_pdbx_database_status.status_code                     REL 
_pdbx_database_status.deposit_site                    RCSB 
_pdbx_database_status.process_site                    RCSB 
_pdbx_database_status.recvd_initial_deposition_date   2013-11-20 
_pdbx_database_status.status_code_sf                  REL 
_pdbx_database_status.status_code_mr                  ? 
_pdbx_database_status.SG_entry                        ? 
_pdbx_database_status.status_code_cs                  ? 
_pdbx_database_status.methods_development_category    ? 
_pdbx_database_status.pdb_format_compatible           Y 
_pdbx_database_status.status_code_nmr_data            ? 
# 
loop_
_pdbx_database_related.db_name 
_pdbx_database_related.db_id 
_pdbx_database_related.details 
_pdbx_database_related.content_type 
PDB 4MRD . unspecified 
PDB 4MRE . unspecified 
PDB 4MRF . unspecified 
PDB 4MRG . unspecified 
PDB 4MRH . unspecified 
PDB 4NP3 . unspecified 
# 
loop_
_audit_author.name 
_audit_author.pdbx_ordinal 
'Liu, L.K.'  1 
'Finzel, B.' 2 
# 
_citation.id                        primary 
_citation.title                     
;Fragment-Based Identification of an Inducible Binding Site on Cell Surface Receptor CD44 for the Design of Protein-Carbohydrate Interaction Inhibitors.
;
_citation.journal_abbrev            J.Med.Chem. 
_citation.journal_volume            57 
_citation.page_first                2714 
_citation.page_last                 2725 
_citation.year                      2014 
_citation.journal_id_ASTM           JMCMAR 
_citation.country                   US 
_citation.journal_id_ISSN           0022-2623 
_citation.journal_id_CSD            0151 
_citation.book_publisher            ? 
_citation.pdbx_database_id_PubMed   24606063 
_citation.pdbx_database_id_DOI      10.1021/jm5000276 
# 
loop_
_citation_author.citation_id 
_citation_author.name 
_citation_author.ordinal 
_citation_author.identifier_ORCID 
primary 'Liu, L.K.'    1 ? 
primary 'Finzel, B.C.' 2 ? 
# 
loop_
_entity.id 
_entity.type 
_entity.src_method 
_entity.pdbx_description 
_entity.formula_weight 
_entity.pdbx_number_of_molecules 
_entity.pdbx_ec 
_entity.pdbx_mutation 
_entity.pdbx_fragment 
_entity.details 
1 polymer     man 'CD44 antigen'                                                         16724.604 1  ? ? 
'HYALURONAN BINDING DOMAIN, RESIDUES 23-171' ? 
2 non-polymer syn '2-[(4-methyl-1H-imidazol-5-yl)methyl]-1,2,3,4-tetrahydroisoquinoline' 227.305   1  ? ? ? ? 
3 non-polymer syn '2-(N-MORPHOLINO)-ETHANESULFONIC ACID'                                 195.237   1  ? ? ? ? 
4 non-polymer syn 'SULFATE ION'                                                          96.063    2  ? ? ? ? 
5 non-polymer syn 'DIMETHYL SULFOXIDE'                                                   78.133    1  ? ? ? ? 
6 water       nat water                                                                  18.015    62 ? ? ? ? 
# 
_entity_name_com.entity_id   1 
_entity_name_com.name        
;Extracellular matrix receptor III, ECMR-III, GP90 lymphocyte homing/adhesion receptor, HUTCH-I, Hermes antigen, Hyaluronate receptor, Lymphocyte antigen 24, Ly-24, Phagocytic glycoprotein 1, PGP-1, Phagocytic glycoprotein I, PGP-I
;
# 
_entity_poly.entity_id                      1 
_entity_poly.type                           'polypeptide(L)' 
_entity_poly.nstd_linkage                   no 
_entity_poly.nstd_monomer                   no 
_entity_poly.pdbx_seq_one_letter_code       
;NQIDLNVTCRYAGVFHVEKNGRYSISRTEAADLCQAFNSTLPTMDQMKLALSKGFETCRYGFIEGNVVIPRIHPNAICAA
NHTGVYILVTSNTSHYDTYCFNASAPPEEDCTSVTDLPNSFDGPVTITIVNRDGTRYSKKGEYRTHQEDI
;
_entity_poly.pdbx_seq_one_letter_code_can   
;NQIDLNVTCRYAGVFHVEKNGRYSISRTEAADLCQAFNSTLPTMDQMKLALSKGFETCRYGFIEGNVVIPRIHPNAICAA
NHTGVYILVTSNTSHYDTYCFNASAPPEEDCTSVTDLPNSFDGPVTITIVNRDGTRYSKKGEYRTHQEDI
;
_entity_poly.pdbx_strand_id                 A 
_entity_poly.pdbx_target_identifier         ? 
# 
loop_
_pdbx_entity_nonpoly.entity_id 
_pdbx_entity_nonpoly.name 
_pdbx_entity_nonpoly.comp_id 
2 '2-[(4-methyl-1H-imidazol-5-yl)methyl]-1,2,3,4-tetrahydroisoquinoline' 2L1 
3 '2-(N-MORPHOLINO)-ETHANESULFONIC ACID'                                 MES 
4 'SULFATE ION'                                                          SO4 
5 'DIMETHYL SULFOXIDE'                                                   DMS 
6 water                                                                  HOH 
# 
loop_
_entity_poly_seq.entity_id 
_entity_poly_seq.num 
_entity_poly_seq.mon_id 
_entity_poly_seq.hetero 
1 1   ASN n 
1 2   GLN n 
1 3   ILE n 
1 4   ASP n 
1 5   LEU n 
1 6   ASN n 
1 7   VAL n 
1 8   THR n 
1 9   CYS n 
1 10  ARG n 
1 11  TYR n 
1 12  ALA n 
1 13  GLY n 
1 14  VAL n 
1 15  PHE n 
1 16  HIS n 
1 17  VAL n 
1 18  GLU n 
1 19  LYS n 
1 20  ASN n 
1 21  GLY n 
1 22  ARG n 
1 23  TYR n 
1 24  SER n 
1 25  ILE n 
1 26  SER n 
1 27  ARG n 
1 28  THR n 
1 29  GLU n 
1 30  ALA n 
1 31  ALA n 
1 32  ASP n 
1 33  LEU n 
1 34  CYS n 
1 35  GLN n 
1 36  ALA n 
1 37  PHE n 
1 38  ASN n 
1 39  SER n 
1 40  THR n 
1 41  LEU n 
1 42  PRO n 
1 43  THR n 
1 44  MET n 
1 45  ASP n 
1 46  GLN n 
1 47  MET n 
1 48  LYS n 
1 49  LEU n 
1 50  ALA n 
1 51  LEU n 
1 52  SER n 
1 53  LYS n 
1 54  GLY n 
1 55  PHE n 
1 56  GLU n 
1 57  THR n 
1 58  CYS n 
1 59  ARG n 
1 60  TYR n 
1 61  GLY n 
1 62  PHE n 
1 63  ILE n 
1 64  GLU n 
1 65  GLY n 
1 66  ASN n 
1 67  VAL n 
1 68  VAL n 
1 69  ILE n 
1 70  PRO n 
1 71  ARG n 
1 72  ILE n 
1 73  HIS n 
1 74  PRO n 
1 75  ASN n 
1 76  ALA n 
1 77  ILE n 
1 78  CYS n 
1 79  ALA n 
1 80  ALA n 
1 81  ASN n 
1 82  HIS n 
1 83  THR n 
1 84  GLY n 
1 85  VAL n 
1 86  TYR n 
1 87  ILE n 
1 88  LEU n 
1 89  VAL n 
1 90  THR n 
1 91  SER n 
1 92  ASN n 
1 93  THR n 
1 94  SER n 
1 95  HIS n 
1 96  TYR n 
1 97  ASP n 
1 98  THR n 
1 99  TYR n 
1 100 CYS n 
1 101 PHE n 
1 102 ASN n 
1 103 ALA n 
1 104 SER n 
1 105 ALA n 
1 106 PRO n 
1 107 PRO n 
1 108 GLU n 
1 109 GLU n 
1 110 ASP n 
1 111 CYS n 
1 112 THR n 
1 113 SER n 
1 114 VAL n 
1 115 THR n 
1 116 ASP n 
1 117 LEU n 
1 118 PRO n 
1 119 ASN n 
1 120 SER n 
1 121 PHE n 
1 122 ASP n 
1 123 GLY n 
1 124 PRO n 
1 125 VAL n 
1 126 THR n 
1 127 ILE n 
1 128 THR n 
1 129 ILE n 
1 130 VAL n 
1 131 ASN n 
1 132 ARG n 
1 133 ASP n 
1 134 GLY n 
1 135 THR n 
1 136 ARG n 
1 137 TYR n 
1 138 SER n 
1 139 LYS n 
1 140 LYS n 
1 141 GLY n 
1 142 GLU n 
1 143 TYR n 
1 144 ARG n 
1 145 THR n 
1 146 HIS n 
1 147 GLN n 
1 148 GLU n 
1 149 ASP n 
1 150 ILE n 
# 
_entity_src_gen.entity_id                          1 
_entity_src_gen.pdbx_src_id                        1 
_entity_src_gen.pdbx_alt_source_flag               sample 
_entity_src_gen.pdbx_seq_type                      ? 
_entity_src_gen.pdbx_beg_seq_num                   ? 
_entity_src_gen.pdbx_end_seq_num                   ? 
_entity_src_gen.gene_src_common_name               mouse 
_entity_src_gen.gene_src_genus                     ? 
_entity_src_gen.pdbx_gene_src_gene                 'Cd44, Cd44 Ly-24, Ly-24' 
_entity_src_gen.gene_src_species                   ? 
_entity_src_gen.gene_src_strain                    ? 
_entity_src_gen.gene_src_tissue                    ? 
_entity_src_gen.gene_src_tissue_fraction           ? 
_entity_src_gen.gene_src_details                   ? 
_entity_src_gen.pdbx_gene_src_fragment             ? 
_entity_src_gen.pdbx_gene_src_scientific_name      'Mus musculus' 
_entity_src_gen.pdbx_gene_src_ncbi_taxonomy_id     10090 
_entity_src_gen.pdbx_gene_src_variant              ? 
_entity_src_gen.pdbx_gene_src_cell_line            ? 
_entity_src_gen.pdbx_gene_src_atcc                 ? 
_entity_src_gen.pdbx_gene_src_organ                ? 
_entity_src_gen.pdbx_gene_src_organelle            ? 
_entity_src_gen.pdbx_gene_src_cell                 ? 
_entity_src_gen.pdbx_gene_src_cellular_location    ? 
_entity_src_gen.host_org_common_name               ? 
_entity_src_gen.pdbx_host_org_scientific_name      'Escherichia coli' 
_entity_src_gen.pdbx_host_org_ncbi_taxonomy_id     469008 
_entity_src_gen.host_org_genus                     ? 
_entity_src_gen.pdbx_host_org_gene                 ? 
_entity_src_gen.pdbx_host_org_organ                ? 
_entity_src_gen.host_org_species                   ? 
_entity_src_gen.pdbx_host_org_tissue               ? 
_entity_src_gen.pdbx_host_org_tissue_fraction      ? 
_entity_src_gen.pdbx_host_org_strain               'BL21(DE3)' 
_entity_src_gen.pdbx_host_org_variant              ? 
_entity_src_gen.pdbx_host_org_cell_line            ? 
_entity_src_gen.pdbx_host_org_atcc                 ? 
_entity_src_gen.pdbx_host_org_culture_collection   ? 
_entity_src_gen.pdbx_host_org_cell                 ? 
_entity_src_gen.pdbx_host_org_organelle            ? 
_entity_src_gen.pdbx_host_org_cellular_location    ? 
_entity_src_gen.pdbx_host_org_vector_type          plasmid 
_entity_src_gen.pdbx_host_org_vector               ? 
_entity_src_gen.host_org_details                   ? 
_entity_src_gen.expression_system_id               ? 
_entity_src_gen.plasmid_name                       pMCSG7 
_entity_src_gen.plasmid_details                    ? 
_entity_src_gen.pdbx_description                   ? 
# 
loop_
_chem_comp.id 
_chem_comp.type 
_chem_comp.mon_nstd_flag 
_chem_comp.name 
_chem_comp.pdbx_synonyms 
_chem_comp.formula 
_chem_comp.formula_weight 
2L1 non-polymer         . '2-[(4-methyl-1H-imidazol-5-yl)methyl]-1,2,3,4-tetrahydroisoquinoline' ? 'C14 H17 N3'     227.305 
ALA 'L-peptide linking' y ALANINE                                                                ? 'C3 H7 N O2'     89.093  
ARG 'L-peptide linking' y ARGININE                                                               ? 'C6 H15 N4 O2 1' 175.209 
ASN 'L-peptide linking' y ASPARAGINE                                                             ? 'C4 H8 N2 O3'    132.118 
ASP 'L-peptide linking' y 'ASPARTIC ACID'                                                        ? 'C4 H7 N O4'     133.103 
CYS 'L-peptide linking' y CYSTEINE                                                               ? 'C3 H7 N O2 S'   121.158 
DMS non-polymer         . 'DIMETHYL SULFOXIDE'                                                   ? 'C2 H6 O S'      78.133  
GLN 'L-peptide linking' y GLUTAMINE                                                              ? 'C5 H10 N2 O3'   146.144 
GLU 'L-peptide linking' y 'GLUTAMIC ACID'                                                        ? 'C5 H9 N O4'     147.129 
GLY 'peptide linking'   y GLYCINE                                                                ? 'C2 H5 N O2'     75.067  
HIS 'L-peptide linking' y HISTIDINE                                                              ? 'C6 H10 N3 O2 1' 156.162 
HOH non-polymer         . WATER                                                                  ? 'H2 O'           18.015  
ILE 'L-peptide linking' y ISOLEUCINE                                                             ? 'C6 H13 N O2'    131.173 
LEU 'L-peptide linking' y LEUCINE                                                                ? 'C6 H13 N O2'    131.173 
LYS 'L-peptide linking' y LYSINE                                                                 ? 'C6 H15 N2 O2 1' 147.195 
MES non-polymer         . '2-(N-MORPHOLINO)-ETHANESULFONIC ACID'                                 ? 'C6 H13 N O4 S'  195.237 
MET 'L-peptide linking' y METHIONINE                                                             ? 'C5 H11 N O2 S'  149.211 
PHE 'L-peptide linking' y PHENYLALANINE                                                          ? 'C9 H11 N O2'    165.189 
PRO 'L-peptide linking' y PROLINE                                                                ? 'C5 H9 N O2'     115.130 
SER 'L-peptide linking' y SERINE                                                                 ? 'C3 H7 N O3'     105.093 
SO4 non-polymer         . 'SULFATE ION'                                                          ? 'O4 S -2'        96.063  
THR 'L-peptide linking' y THREONINE                                                              ? 'C4 H9 N O3'     119.119 
TYR 'L-peptide linking' y TYROSINE                                                               ? 'C9 H11 N O3'    181.189 
VAL 'L-peptide linking' y VALINE                                                                 ? 'C5 H11 N O2'    117.146 
# 
loop_
_pdbx_poly_seq_scheme.asym_id 
_pdbx_poly_seq_scheme.entity_id 
_pdbx_poly_seq_scheme.seq_id 
_pdbx_poly_seq_scheme.mon_id 
_pdbx_poly_seq_scheme.ndb_seq_num 
_pdbx_poly_seq_scheme.pdb_seq_num 
_pdbx_poly_seq_scheme.auth_seq_num 
_pdbx_poly_seq_scheme.pdb_mon_id 
_pdbx_poly_seq_scheme.auth_mon_id 
_pdbx_poly_seq_scheme.pdb_strand_id 
_pdbx_poly_seq_scheme.pdb_ins_code 
_pdbx_poly_seq_scheme.hetero 
A 1 1   ASN 1   24  24  ASN ASN A . n 
A 1 2   GLN 2   25  25  GLN GLN A . n 
A 1 3   ILE 3   26  26  ILE ILE A . n 
A 1 4   ASP 4   27  27  ASP ASP A . n 
A 1 5   LEU 5   28  28  LEU LEU A . n 
A 1 6   ASN 6   29  29  ASN ASN A . n 
A 1 7   VAL 7   30  30  VAL VAL A . n 
A 1 8   THR 8   31  31  THR THR A . n 
A 1 9   CYS 9   32  32  CYS CYS A . n 
A 1 10  ARG 10  33  33  ARG ARG A . n 
A 1 11  TYR 11  34  34  TYR TYR A . n 
A 1 12  ALA 12  35  35  ALA ALA A . n 
A 1 13  GLY 13  36  36  GLY GLY A . n 
A 1 14  VAL 14  37  37  VAL VAL A . n 
A 1 15  PHE 15  38  38  PHE PHE A . n 
A 1 16  HIS 16  39  39  HIS HIS A . n 
A 1 17  VAL 17  40  40  VAL VAL A . n 
A 1 18  GLU 18  41  41  GLU GLU A . n 
A 1 19  LYS 19  42  42  LYS LYS A . n 
A 1 20  ASN 20  43  43  ASN ASN A . n 
A 1 21  GLY 21  44  44  GLY GLY A . n 
A 1 22  ARG 22  45  45  ARG ARG A . n 
A 1 23  TYR 23  46  46  TYR TYR A . n 
A 1 24  SER 24  47  47  SER SER A . n 
A 1 25  ILE 25  48  48  ILE ILE A . n 
A 1 26  SER 26  49  49  SER SER A . n 
A 1 27  ARG 27  50  50  ARG ARG A . n 
A 1 28  THR 28  51  51  THR THR A . n 
A 1 29  GLU 29  52  52  GLU GLU A . n 
A 1 30  ALA 30  53  53  ALA ALA A . n 
A 1 31  ALA 31  54  54  ALA ALA A . n 
A 1 32  ASP 32  55  55  ASP ASP A . n 
A 1 33  LEU 33  56  56  LEU LEU A . n 
A 1 34  CYS 34  57  57  CYS CYS A . n 
A 1 35  GLN 35  58  58  GLN GLN A . n 
A 1 36  ALA 36  59  59  ALA ALA A . n 
A 1 37  PHE 37  60  60  PHE PHE A . n 
A 1 38  ASN 38  61  61  ASN ASN A . n 
A 1 39  SER 39  62  62  SER SER A . n 
A 1 40  THR 40  63  63  THR THR A . n 
A 1 41  LEU 41  64  64  LEU LEU A . n 
A 1 42  PRO 42  65  65  PRO PRO A . n 
A 1 43  THR 43  66  66  THR THR A . n 
A 1 44  MET 44  67  67  MET MET A . n 
A 1 45  ASP 45  68  68  ASP ASP A . n 
A 1 46  GLN 46  69  69  GLN GLN A . n 
A 1 47  MET 47  70  70  MET MET A . n 
A 1 48  LYS 48  71  71  LYS LYS A . n 
A 1 49  LEU 49  72  72  LEU LEU A . n 
A 1 50  ALA 50  73  73  ALA ALA A . n 
A 1 51  LEU 51  74  74  LEU LEU A . n 
A 1 52  SER 52  75  75  SER SER A . n 
A 1 53  LYS 53  76  76  LYS LYS A . n 
A 1 54  GLY 54  77  77  GLY GLY A . n 
A 1 55  PHE 55  78  78  PHE PHE A . n 
A 1 56  GLU 56  79  79  GLU GLU A . n 
A 1 57  THR 57  80  80  THR THR A . n 
A 1 58  CYS 58  81  81  CYS CYS A . n 
A 1 59  ARG 59  82  82  ARG ARG A . n 
A 1 60  TYR 60  83  83  TYR TYR A . n 
A 1 61  GLY 61  84  84  GLY GLY A . n 
A 1 62  PHE 62  85  85  PHE PHE A . n 
A 1 63  ILE 63  86  86  ILE ILE A . n 
A 1 64  GLU 64  87  87  GLU GLU A . n 
A 1 65  GLY 65  88  88  GLY GLY A . n 
A 1 66  ASN 66  89  89  ASN ASN A . n 
A 1 67  VAL 67  90  90  VAL VAL A . n 
A 1 68  VAL 68  91  91  VAL VAL A . n 
A 1 69  ILE 69  92  92  ILE ILE A . n 
A 1 70  PRO 70  93  93  PRO PRO A . n 
A 1 71  ARG 71  94  94  ARG ARG A . n 
A 1 72  ILE 72  95  95  ILE ILE A . n 
A 1 73  HIS 73  96  96  HIS HIS A . n 
A 1 74  PRO 74  97  97  PRO PRO A . n 
A 1 75  ASN 75  98  98  ASN ASN A . n 
A 1 76  ALA 76  99  99  ALA ALA A . n 
A 1 77  ILE 77  100 100 ILE ILE A . n 
A 1 78  CYS 78  101 101 CYS CYS A . n 
A 1 79  ALA 79  102 102 ALA ALA A . n 
A 1 80  ALA 80  103 103 ALA ALA A . n 
A 1 81  ASN 81  104 104 ASN ASN A . n 
A 1 82  HIS 82  105 105 HIS HIS A . n 
A 1 83  THR 83  106 106 THR THR A . n 
A 1 84  GLY 84  107 107 GLY GLY A . n 
A 1 85  VAL 85  108 108 VAL VAL A . n 
A 1 86  TYR 86  109 109 TYR TYR A . n 
A 1 87  ILE 87  110 110 ILE ILE A . n 
A 1 88  LEU 88  111 111 LEU LEU A . n 
A 1 89  VAL 89  112 112 VAL VAL A . n 
A 1 90  THR 90  113 113 THR THR A . n 
A 1 91  SER 91  114 114 SER SER A . n 
A 1 92  ASN 92  115 115 ASN ASN A . n 
A 1 93  THR 93  116 116 THR THR A . n 
A 1 94  SER 94  117 117 SER SER A . n 
A 1 95  HIS 95  118 118 HIS HIS A . n 
A 1 96  TYR 96  119 119 TYR TYR A . n 
A 1 97  ASP 97  120 120 ASP ASP A . n 
A 1 98  THR 98  121 121 THR THR A . n 
A 1 99  TYR 99  122 122 TYR TYR A . n 
A 1 100 CYS 100 123 123 CYS CYS A . n 
A 1 101 PHE 101 124 124 PHE PHE A . n 
A 1 102 ASN 102 125 125 ASN ASN A . n 
A 1 103 ALA 103 126 126 ALA ALA A . n 
A 1 104 SER 104 127 127 SER SER A . n 
A 1 105 ALA 105 128 128 ALA ALA A . n 
A 1 106 PRO 106 129 129 PRO PRO A . n 
A 1 107 PRO 107 130 130 PRO PRO A . n 
A 1 108 GLU 108 131 131 GLU GLU A . n 
A 1 109 GLU 109 132 132 GLU GLU A . n 
A 1 110 ASP 110 133 133 ASP ASP A . n 
A 1 111 CYS 111 134 134 CYS CYS A . n 
A 1 112 THR 112 135 135 THR THR A . n 
A 1 113 SER 113 136 136 SER SER A . n 
A 1 114 VAL 114 137 137 VAL VAL A . n 
A 1 115 THR 115 138 138 THR THR A . n 
A 1 116 ASP 116 139 139 ASP ASP A . n 
A 1 117 LEU 117 140 140 LEU LEU A . n 
A 1 118 PRO 118 141 141 PRO PRO A . n 
A 1 119 ASN 119 142 142 ASN ASN A . n 
A 1 120 SER 120 143 143 SER SER A . n 
A 1 121 PHE 121 144 144 PHE PHE A . n 
A 1 122 ASP 122 145 145 ASP ASP A . n 
A 1 123 GLY 123 146 146 GLY GLY A . n 
A 1 124 PRO 124 147 147 PRO PRO A . n 
A 1 125 VAL 125 148 148 VAL VAL A . n 
A 1 126 THR 126 149 149 THR THR A . n 
A 1 127 ILE 127 150 150 ILE ILE A . n 
A 1 128 THR 128 151 151 THR THR A . n 
A 1 129 ILE 129 152 152 ILE ILE A . n 
A 1 130 VAL 130 153 153 VAL VAL A . n 
A 1 131 ASN 131 154 154 ASN ASN A . n 
A 1 132 ARG 132 155 155 ARG ARG A . n 
A 1 133 ASP 133 156 156 ASP ASP A . n 
A 1 134 GLY 134 157 157 GLY GLY A . n 
A 1 135 THR 135 158 158 THR THR A . n 
A 1 136 ARG 136 159 159 ARG ARG A . n 
A 1 137 TYR 137 160 160 TYR TYR A . n 
A 1 138 SER 138 161 161 SER SER A . n 
A 1 139 LYS 139 162 162 LYS LYS A . n 
A 1 140 LYS 140 163 163 LYS LYS A . n 
A 1 141 GLY 141 164 164 GLY GLY A . n 
A 1 142 GLU 142 165 165 GLU GLU A . n 
A 1 143 TYR 143 166 166 TYR TYR A . n 
A 1 144 ARG 144 167 167 ARG ARG A . n 
A 1 145 THR 145 168 168 THR THR A . n 
A 1 146 HIS 146 169 169 HIS HIS A . n 
A 1 147 GLN 147 170 170 GLN GLN A . n 
A 1 148 GLU 148 171 171 GLU GLU A . n 
A 1 149 ASP 149 172 172 ASP ASP A . n 
A 1 150 ILE 150 173 173 ILE ILE A . n 
# 
loop_
_pdbx_nonpoly_scheme.asym_id 
_pdbx_nonpoly_scheme.entity_id 
_pdbx_nonpoly_scheme.mon_id 
_pdbx_nonpoly_scheme.ndb_seq_num 
_pdbx_nonpoly_scheme.pdb_seq_num 
_pdbx_nonpoly_scheme.auth_seq_num 
_pdbx_nonpoly_scheme.pdb_mon_id 
_pdbx_nonpoly_scheme.auth_mon_id 
_pdbx_nonpoly_scheme.pdb_strand_id 
_pdbx_nonpoly_scheme.pdb_ins_code 
B 2 2L1 1  201 1  2L1 DRG A . 
C 3 MES 1  202 1  MES MES A . 
D 4 SO4 1  203 1  SO4 SO4 A . 
E 4 SO4 1  204 2  SO4 SO4 A . 
F 5 DMS 1  205 1  DMS DMS A . 
G 6 HOH 1  301 1  HOH HOH A . 
G 6 HOH 2  302 2  HOH HOH A . 
G 6 HOH 3  303 3  HOH HOH A . 
G 6 HOH 4  304 4  HOH HOH A . 
G 6 HOH 5  305 5  HOH HOH A . 
G 6 HOH 6  306 6  HOH HOH A . 
G 6 HOH 7  307 7  HOH HOH A . 
G 6 HOH 8  308 8  HOH HOH A . 
G 6 HOH 9  309 9  HOH HOH A . 
G 6 HOH 10 310 10 HOH HOH A . 
G 6 HOH 11 311 11 HOH HOH A . 
G 6 HOH 12 312 12 HOH HOH A . 
G 6 HOH 13 313 13 HOH HOH A . 
G 6 HOH 14 314 14 HOH HOH A . 
G 6 HOH 15 315 15 HOH HOH A . 
G 6 HOH 16 316 16 HOH HOH A . 
G 6 HOH 17 317 17 HOH HOH A . 
G 6 HOH 18 318 18 HOH HOH A . 
G 6 HOH 19 319 19 HOH HOH A . 
G 6 HOH 20 320 20 HOH HOH A . 
G 6 HOH 21 321 21 HOH HOH A . 
G 6 HOH 22 322 22 HOH HOH A . 
G 6 HOH 23 323 23 HOH HOH A . 
G 6 HOH 24 324 24 HOH HOH A . 
G 6 HOH 25 325 25 HOH HOH A . 
G 6 HOH 26 326 26 HOH HOH A . 
G 6 HOH 27 327 27 HOH HOH A . 
G 6 HOH 28 328 28 HOH HOH A . 
G 6 HOH 29 329 29 HOH HOH A . 
G 6 HOH 30 330 30 HOH HOH A . 
G 6 HOH 31 331 31 HOH HOH A . 
G 6 HOH 32 332 32 HOH HOH A . 
G 6 HOH 33 333 33 HOH HOH A . 
G 6 HOH 34 334 34 HOH HOH A . 
G 6 HOH 35 335 35 HOH HOH A . 
G 6 HOH 36 336 36 HOH HOH A . 
G 6 HOH 37 337 37 HOH HOH A . 
G 6 HOH 38 338 38 HOH HOH A . 
G 6 HOH 39 339 39 HOH HOH A . 
G 6 HOH 40 340 40 HOH HOH A . 
G 6 HOH 41 341 41 HOH HOH A . 
G 6 HOH 42 342 42 HOH HOH A . 
G 6 HOH 43 343 43 HOH HOH A . 
G 6 HOH 44 344 44 HOH HOH A . 
G 6 HOH 45 345 45 HOH HOH A . 
G 6 HOH 46 346 46 HOH HOH A . 
G 6 HOH 47 347 47 HOH HOH A . 
G 6 HOH 48 348 48 HOH HOH A . 
G 6 HOH 49 349 49 HOH HOH A . 
G 6 HOH 50 350 50 HOH HOH A . 
G 6 HOH 51 351 51 HOH HOH A . 
G 6 HOH 52 352 52 HOH HOH A . 
G 6 HOH 53 353 53 HOH HOH A . 
G 6 HOH 54 354 54 HOH HOH A . 
G 6 HOH 55 355 55 HOH HOH A . 
G 6 HOH 56 356 56 HOH HOH A . 
G 6 HOH 57 357 57 HOH HOH A . 
G 6 HOH 58 358 58 HOH HOH A . 
G 6 HOH 59 359 59 HOH HOH A . 
G 6 HOH 60 360 60 HOH HOH A . 
G 6 HOH 61 361 61 HOH HOH A . 
G 6 HOH 62 362 62 HOH HOH A . 
# 
loop_
_software.pdbx_ordinal 
_software.name 
_software.version 
_software.date 
_software.type 
_software.contact_author 
_software.contact_author_email 
_software.classification 
_software.location 
_software.language 
_software.citation_id 
1 XSCALE      .     ?                          package 'Wolfgang Kabsch'    ?                           'data scaling'    
http://www.mpimf-heidelberg.mpg.de/~kabsch/xds/html_doc/xscale_program.html ?          ? 
2 PHASER      2.1.4 'Wed Jun 16 18:01:28 2010' program 'Randy J. Read'      cimr-phaser@lists.cam.ac.uk phasing           
http://www-structmed.cimr.cam.ac.uk/phaser/                                 ?          ? 
3 REFMAC      .     ?                          program 'Garib N. Murshudov' garib@ysbl.york.ac.uk       refinement        
http://www.ccp4.ac.uk/dist/html/refmac5.html                                Fortran_77 ? 
4 PDB_EXTRACT 3.11  'April 22, 2011'           package PDB                  deposit@deposit.rcsb.org    'data extraction' 
http://sw-tools.pdb.org/apps/PDB_EXTRACT/                                   C++        ? 
5 JDirector   .     ?                          ?       ?                    ?                           'data collection' ? ? ? 
6 XDS         .     ?                          ?       ?                    ?                           'data reduction'  ? ? ? 
# 
_cell.length_a           30.970 
_cell.length_b           82.160 
_cell.length_c           32.040 
_cell.angle_alpha        90.000 
_cell.angle_beta         117.840 
_cell.angle_gamma        90.000 
_cell.entry_id           4NP2 
_cell.pdbx_unique_axis   ? 
_cell.Z_PDB              2 
_cell.length_a_esd       ? 
_cell.length_b_esd       ? 
_cell.length_c_esd       ? 
_cell.angle_alpha_esd    ? 
_cell.angle_beta_esd     ? 
_cell.angle_gamma_esd    ? 
# 
_symmetry.space_group_name_H-M             'P 1 21 1' 
_symmetry.entry_id                         4NP2 
_symmetry.Int_Tables_number                4 
_symmetry.pdbx_full_space_group_name_H-M   ? 
_symmetry.cell_setting                     ? 
_symmetry.space_group_name_Hall            ? 
# 
_exptl.crystals_number   1 
_exptl.entry_id          4NP2 
_exptl.method            'X-RAY DIFFRACTION' 
# 
_exptl_crystal.id                    1 
_exptl_crystal.density_Matthews      2.16 
_exptl_crystal.density_meas          ? 
_exptl_crystal.density_percent_sol   42.93 
_exptl_crystal.description           ? 
_exptl_crystal.F_000                 ? 
_exptl_crystal.preparation           ? 
# 
_exptl_crystal_grow.crystal_id      1 
_exptl_crystal_grow.method          'VAPOR DIFFUSION, HANGING DROP' 
_exptl_crystal_grow.pH              6.5 
_exptl_crystal_grow.temp            298 
_exptl_crystal_grow.pdbx_details    'PEG MME 5000, MES, (NH4)2SO4, pH 6.5, VAPOR DIFFUSION, HANGING DROP, temperature 298K' 
_exptl_crystal_grow.temp_details    ? 
_exptl_crystal_grow.pdbx_pH_range   ? 
# 
_diffrn.id                     1 
_diffrn.ambient_temp           100 
_diffrn.ambient_temp_details   ? 
_diffrn.crystal_id             1 
# 
_diffrn_detector.diffrn_id              1 
_diffrn_detector.detector               PIXEL 
_diffrn_detector.type                   'DECTRIS PILATUS 6M' 
_diffrn_detector.pdbx_collection_date   2013-04-20 
_diffrn_detector.details                mirror 
# 
_diffrn_radiation.diffrn_id                        1 
_diffrn_radiation.pdbx_diffrn_protocol             'SINGLE WAVELENGTH' 
_diffrn_radiation.monochromator                    'double crystal' 
_diffrn_radiation.wavelength_id                    1 
_diffrn_radiation.pdbx_monochromatic_or_laue_m_l   M 
_diffrn_radiation.pdbx_scattering_type             x-ray 
# 
_diffrn_radiation_wavelength.id           1 
_diffrn_radiation_wavelength.wavelength   1.000 
_diffrn_radiation_wavelength.wt           1.0 
# 
_diffrn_source.diffrn_id                   1 
_diffrn_source.source                      SYNCHROTRON 
_diffrn_source.type                        'APS BEAMLINE 17-ID' 
_diffrn_source.pdbx_wavelength_list        1.000 
_diffrn_source.pdbx_wavelength             ? 
_diffrn_source.pdbx_synchrotron_site       APS 
_diffrn_source.pdbx_synchrotron_beamline   17-ID 
# 
_reflns.entry_id                     4NP2 
_reflns.d_resolution_high            1.75 
_reflns.number_obs                   14170 
_reflns.pdbx_Rmerge_I_obs            0.072 
_reflns.pdbx_netI_over_sigmaI        11.6 
_reflns.percent_possible_obs         97.5 
_reflns.B_iso_Wilson_estimate        23.574 
_reflns.observed_criterion_sigma_I   ? 
_reflns.observed_criterion_sigma_F   ? 
_reflns.d_resolution_low             40.08 
_reflns.number_all                   46025 
_reflns.pdbx_Rsym_value              0.086 
_reflns.pdbx_redundancy              3.2 
_reflns.R_free_details               ? 
_reflns.limit_h_max                  ? 
_reflns.limit_h_min                  ? 
_reflns.limit_k_max                  ? 
_reflns.limit_k_min                  ? 
_reflns.limit_l_max                  ? 
_reflns.limit_l_min                  ? 
_reflns.observed_criterion_F_max     ? 
_reflns.observed_criterion_F_min     ? 
_reflns.pdbx_chi_squared             ? 
_reflns.pdbx_scaling_rejects         ? 
_reflns.pdbx_ordinal                 1 
_reflns.pdbx_diffrn_id               1 
# 
loop_
_reflns_shell.d_res_high 
_reflns_shell.d_res_low 
_reflns_shell.number_measured_obs 
_reflns_shell.number_measured_all 
_reflns_shell.number_unique_obs 
_reflns_shell.Rmerge_I_obs 
_reflns_shell.meanI_over_sigI_obs 
_reflns_shell.pdbx_Rsym_value 
_reflns_shell.pdbx_chi_squared 
_reflns_shell.pdbx_redundancy 
_reflns_shell.percent_possible_obs 
_reflns_shell.number_unique_all 
_reflns_shell.percent_possible_all 
_reflns_shell.pdbx_ordinal 
_reflns_shell.pdbx_diffrn_id 
1.740 1.790 2748 ? 960  0.374 3.280  ? ? ? ? ? 89.100 1  1 
1.790 1.840 3374 ? 1036 0.288 4.340  ? ? ? ? ? 98.800 2  1 
1.840 1.890 3049 ? 994  0.241 5.050  ? ? ? ? ? 98.600 3  1 
1.890 1.950 3167 ? 971  0.217 6.310  ? ? ? ? ? 98.300 4  1 
1.950 2.010 3130 ? 945  0.178 7.180  ? ? ? ? ? 98.700 5  1 
2.010 2.080 3038 ? 900  0.150 8.420  ? ? ? ? ? 98.100 6  1 
2.080 2.160 2997 ? 882  0.128 9.640  ? ? ? ? ? 98.200 7  1 
2.160 2.250 2798 ? 833  0.109 10.790 ? ? ? ? ? 97.900 8  1 
2.250 2.350 2591 ? 813  0.098 11.790 ? ? ? ? ? 98.900 9  1 
2.350 2.470 2525 ? 778  0.086 12.610 ? ? ? ? ? 97.900 10 1 
2.470 2.600 2441 ? 742  0.076 13.790 ? ? ? ? ? 98.400 11 1 
2.600 2.760 2368 ? 685  0.068 15.140 ? ? ? ? ? 98.100 12 1 
2.760 2.950 2228 ? 659  0.065 17.190 ? ? ? ? ? 97.500 13 1 
2.950 3.180 2008 ? 611  0.059 18.400 ? ? ? ? ? 98.500 14 1 
3.180 3.490 1696 ? 553  0.052 19.300 ? ? ? ? ? 96.500 15 1 
3.490 3.900 1598 ? 510  0.049 20.660 ? ? ? ? ? 97.100 16 1 
3.900 4.500 1512 ? 452  0.043 23.430 ? ? ? ? ? 98.000 17 1 
4.500 5.520 1277 ? 383  0.046 23.110 ? ? ? ? ? 98.200 18 1 
5.520 7.800 924  ? 298  0.044 21.870 ? ? ? ? ? 96.800 19 1 
7.800 ?     556  ? 165  0.038 24.350 ? ? ? ? ? 98.200 20 1 
# 
_refine.entry_id                                 4NP2 
_refine.ls_d_res_high                            1.75 
_refine.ls_d_res_low                             40.08 
_refine.pdbx_ls_sigma_F                          0.000 
_refine.pdbx_data_cutoff_high_absF               ? 
_refine.pdbx_data_cutoff_low_absF                ? 
_refine.ls_percent_reflns_obs                    98.6 
_refine.ls_number_reflns_obs                     14041 
_refine.ls_number_reflns_all                     ? 
_refine.pdbx_ls_cross_valid_method               THROUGHOUT 
_refine.pdbx_R_Free_selection_details            RANDOM 
_refine.details                                  
'HYDROGENS HAVE BEEN ADDED IN THE RIDING POSITIONS U VALUES      : REFINED INDIVIDUALLY' 
_refine.ls_R_factor_all                          ? 
_refine.ls_R_factor_obs                          0.1766 
_refine.ls_R_factor_R_work                       0.1744 
_refine.ls_wR_factor_R_work                      0.1745 
_refine.ls_R_factor_R_free                       0.2168 
_refine.ls_wR_factor_R_free                      0.2134 
_refine.ls_percent_reflns_R_free                 5.2000 
_refine.ls_number_reflns_R_free                  733 
_refine.ls_R_factor_R_free_error                 ? 
_refine.B_iso_mean                               16.7488 
_refine.solvent_model_param_bsol                 ? 
_refine.solvent_model_param_ksol                 ? 
_refine.pdbx_isotropic_thermal_model             ? 
_refine.aniso_B[1][1]                            -0.9000 
_refine.aniso_B[2][2]                            0.7600 
_refine.aniso_B[3][3]                            -0.1700 
_refine.aniso_B[1][2]                            -0.0000 
_refine.aniso_B[1][3]                            -0.3400 
_refine.aniso_B[2][3]                            -0.0000 
_refine.correlation_coeff_Fo_to_Fc               0.9570 
_refine.correlation_coeff_Fo_to_Fc_free          0.9300 
_refine.overall_SU_R_Cruickshank_DPI             0.1274 
_refine.overall_SU_R_free                        0.1227 
_refine.pdbx_overall_ESU_R                       0.1270 
_refine.pdbx_overall_ESU_R_Free                  0.1230 
_refine.overall_SU_ML                            0.0790 
_refine.overall_SU_B                             2.4970 
_refine.solvent_model_details                    MASK 
_refine.pdbx_solvent_vdw_probe_radii             1.4000 
_refine.pdbx_solvent_ion_probe_radii             0.8000 
_refine.pdbx_solvent_shrinkage_radii             0.8000 
_refine.ls_number_parameters                     ? 
_refine.ls_number_restraints                     ? 
_refine.pdbx_starting_model                      ? 
_refine.pdbx_method_to_determine_struct          'MOLECULAR REPLACEMENT' 
_refine.pdbx_stereochemistry_target_values       'MAXIMUM LIKELIHOOD' 
_refine.pdbx_stereochem_target_val_spec_case     ? 
_refine.overall_FOM_work_R_set                   0.8601 
_refine.B_iso_max                                54.190 
_refine.B_iso_min                                7.060 
_refine.pdbx_overall_phase_error                 ? 
_refine.occupancy_max                            1.000 
_refine.occupancy_min                            0.500 
_refine.pdbx_ls_sigma_I                          ? 
_refine.ls_redundancy_reflns_obs                 ? 
_refine.ls_R_factor_R_free_error_details         ? 
_refine.pdbx_data_cutoff_high_rms_absF           ? 
_refine.overall_FOM_free_R_set                   ? 
_refine.pdbx_diffrn_id                           1 
_refine.pdbx_refine_id                           'X-RAY DIFFRACTION' 
_refine.pdbx_TLS_residual_ADP_flag               ? 
_refine.pdbx_overall_SU_R_free_Cruickshank_DPI   ? 
_refine.pdbx_overall_SU_R_Blow_DPI               ? 
_refine.pdbx_overall_SU_R_free_Blow_DPI          ? 
# 
_refine_hist.pdbx_refine_id                   'X-RAY DIFFRACTION' 
_refine_hist.cycle_id                         LAST 
_refine_hist.pdbx_number_atoms_protein        1171 
_refine_hist.pdbx_number_atoms_nucleic_acid   0 
_refine_hist.pdbx_number_atoms_ligand         43 
_refine_hist.number_atoms_solvent             62 
_refine_hist.number_atoms_total               1276 
_refine_hist.d_res_high                       1.75 
_refine_hist.d_res_low                        40.08 
# 
loop_
_refine_ls_restr.type 
_refine_ls_restr.number 
_refine_ls_restr.dev_ideal 
_refine_ls_restr.dev_ideal_target 
_refine_ls_restr.weight 
_refine_ls_restr.pdbx_restraint_function 
_refine_ls_restr.pdbx_refine_id 
r_bond_refined_d       1300 0.014  0.021  ? ? 'X-RAY DIFFRACTION' 
r_angle_refined_deg    1776 1.469  1.968  ? ? 'X-RAY DIFFRACTION' 
r_dihedral_angle_1_deg 159  6.863  5.000  ? ? 'X-RAY DIFFRACTION' 
r_dihedral_angle_2_deg 63   36.808 23.968 ? ? 'X-RAY DIFFRACTION' 
r_dihedral_angle_3_deg 198  11.799 15.000 ? ? 'X-RAY DIFFRACTION' 
r_dihedral_angle_4_deg 9    21.024 15.000 ? ? 'X-RAY DIFFRACTION' 
r_chiral_restr         192  0.107  0.200  ? ? 'X-RAY DIFFRACTION' 
r_gen_planes_refined   1008 0.007  0.021  ? ? 'X-RAY DIFFRACTION' 
r_mcbond_it            782  0.787  1.500  ? ? 'X-RAY DIFFRACTION' 
r_mcangle_it           1279 1.509  2.000  ? ? 'X-RAY DIFFRACTION' 
r_scbond_it            518  2.529  3.000  ? ? 'X-RAY DIFFRACTION' 
r_scangle_it           497  4.059  4.500  ? ? 'X-RAY DIFFRACTION' 
# 
_refine_ls_shell.d_res_high                       1.7500 
_refine_ls_shell.d_res_low                        1.7950 
_refine_ls_shell.pdbx_total_number_of_bins_used   20 
_refine_ls_shell.percent_reflns_obs               98.5800 
_refine_ls_shell.number_reflns_R_work             926 
_refine_ls_shell.R_factor_all                     ? 
_refine_ls_shell.R_factor_R_work                  0.2790 
_refine_ls_shell.R_factor_R_free                  0.3760 
_refine_ls_shell.percent_reflns_R_free            ? 
_refine_ls_shell.number_reflns_R_free             43 
_refine_ls_shell.R_factor_R_free_error            ? 
_refine_ls_shell.number_reflns_all                969 
_refine_ls_shell.number_reflns_obs                ? 
_refine_ls_shell.redundancy_reflns_obs            ? 
_refine_ls_shell.pdbx_refine_id                   'X-RAY DIFFRACTION' 
# 
_struct.entry_id                  4NP2 
_struct.title                     'Crystal structure of the murine CD44 hyaluronan binding domain complex with a small molecule' 
_struct.pdbx_model_details        ? 
_struct.pdbx_CASP_flag            ? 
_struct.pdbx_model_type_details   ? 
# 
_struct_keywords.entry_id        4NP2 
_struct_keywords.text            
'Link module, Cell surface receptor, Hyaluronan, non-glycosylated, Cell surface, Cell adhesion-inhibitor complex' 
_struct_keywords.pdbx_keywords   'Cell adhesion/inhibitor' 
# 
loop_
_struct_asym.id 
_struct_asym.pdbx_blank_PDB_chainid_flag 
_struct_asym.pdbx_modified 
_struct_asym.entity_id 
_struct_asym.details 
A N N 1 ? 
B N N 2 ? 
C N N 3 ? 
D N N 4 ? 
E N N 4 ? 
F N N 5 ? 
G N N 6 ? 
# 
_struct_ref.id                         1 
_struct_ref.db_name                    UNP 
_struct_ref.db_code                    CD44_MOUSE 
_struct_ref.pdbx_db_accession          P15379 
_struct_ref.entity_id                  1 
_struct_ref.pdbx_seq_one_letter_code   
;QIDLNVTCRYAGVFHVEKNGRYSISRTEAADLCQAFNSTLPTMDQMKLALSKGFETCRYGFIEGNVVIPRIHPNAICAAN
HTGVYILVTSNTSHYDTYCFNASAPPEEDCTSVTDLPNSFDGPVTITIVNRDGTRYSKKGEYRTHQEDI
;
_struct_ref.pdbx_align_begin           23 
_struct_ref.pdbx_db_isoform            ? 
# 
_struct_ref_seq.align_id                      1 
_struct_ref_seq.ref_id                        1 
_struct_ref_seq.pdbx_PDB_id_code              4NP2 
_struct_ref_seq.pdbx_strand_id                A 
_struct_ref_seq.seq_align_beg                 2 
_struct_ref_seq.pdbx_seq_align_beg_ins_code   ? 
_struct_ref_seq.seq_align_end                 150 
_struct_ref_seq.pdbx_seq_align_end_ins_code   ? 
_struct_ref_seq.pdbx_db_accession             P15379 
_struct_ref_seq.db_align_beg                  23 
_struct_ref_seq.pdbx_db_align_beg_ins_code    ? 
_struct_ref_seq.db_align_end                  171 
_struct_ref_seq.pdbx_db_align_end_ins_code    ? 
_struct_ref_seq.pdbx_auth_seq_align_beg       25 
_struct_ref_seq.pdbx_auth_seq_align_end       173 
# 
_struct_ref_seq_dif.align_id                     1 
_struct_ref_seq_dif.pdbx_pdb_id_code             4NP2 
_struct_ref_seq_dif.mon_id                       ASN 
_struct_ref_seq_dif.pdbx_pdb_strand_id           A 
_struct_ref_seq_dif.seq_num                      1 
_struct_ref_seq_dif.pdbx_pdb_ins_code            ? 
_struct_ref_seq_dif.pdbx_seq_db_name             UNP 
_struct_ref_seq_dif.pdbx_seq_db_accession_code   P15379 
_struct_ref_seq_dif.db_mon_id                    ? 
_struct_ref_seq_dif.pdbx_seq_db_seq_num          ? 
_struct_ref_seq_dif.details                      'expression tag' 
_struct_ref_seq_dif.pdbx_auth_seq_num            24 
_struct_ref_seq_dif.pdbx_ordinal                 1 
# 
_pdbx_struct_assembly.id                   1 
_pdbx_struct_assembly.details              author_and_software_defined_assembly 
_pdbx_struct_assembly.method_details       PISA 
_pdbx_struct_assembly.oligomeric_details   monomeric 
_pdbx_struct_assembly.oligomeric_count     1 
# 
_pdbx_struct_assembly_gen.assembly_id       1 
_pdbx_struct_assembly_gen.oper_expression   1 
_pdbx_struct_assembly_gen.asym_id_list      A,B,C,D,E,F,G 
# 
_pdbx_struct_oper_list.id                   1 
_pdbx_struct_oper_list.type                 'identity operation' 
_pdbx_struct_oper_list.name                 1_555 
_pdbx_struct_oper_list.symmetry_operation   x,y,z 
_pdbx_struct_oper_list.matrix[1][1]         1.0000000000 
_pdbx_struct_oper_list.matrix[1][2]         0.0000000000 
_pdbx_struct_oper_list.matrix[1][3]         0.0000000000 
_pdbx_struct_oper_list.vector[1]            0.0000000000 
_pdbx_struct_oper_list.matrix[2][1]         0.0000000000 
_pdbx_struct_oper_list.matrix[2][2]         1.0000000000 
_pdbx_struct_oper_list.matrix[2][3]         0.0000000000 
_pdbx_struct_oper_list.vector[2]            0.0000000000 
_pdbx_struct_oper_list.matrix[3][1]         0.0000000000 
_pdbx_struct_oper_list.matrix[3][2]         0.0000000000 
_pdbx_struct_oper_list.matrix[3][3]         1.0000000000 
_pdbx_struct_oper_list.vector[3]            0.0000000000 
# 
_struct_biol.id        1 
_struct_biol.details   ? 
# 
loop_
_struct_conf.conf_type_id 
_struct_conf.id 
_struct_conf.pdbx_PDB_helix_id 
_struct_conf.beg_label_comp_id 
_struct_conf.beg_label_asym_id 
_struct_conf.beg_label_seq_id 
_struct_conf.pdbx_beg_PDB_ins_code 
_struct_conf.end_label_comp_id 
_struct_conf.end_label_asym_id 
_struct_conf.end_label_seq_id 
_struct_conf.pdbx_end_PDB_ins_code 
_struct_conf.beg_auth_comp_id 
_struct_conf.beg_auth_asym_id 
_struct_conf.beg_auth_seq_id 
_struct_conf.end_auth_comp_id 
_struct_conf.end_auth_asym_id 
_struct_conf.end_auth_seq_id 
_struct_conf.pdbx_PDB_helix_class 
_struct_conf.details 
_struct_conf.pdbx_PDB_helix_length 
HELX_P HELX_P1 1 SER A 26  ? PHE A 37  ? SER A 49  PHE A 60  1 ? 12 
HELX_P HELX_P2 2 THR A 43  ? LYS A 53  ? THR A 66  LYS A 76  1 ? 11 
HELX_P HELX_P3 3 CYS A 78  ? HIS A 82  ? CYS A 101 HIS A 105 5 ? 5  
HELX_P HELX_P4 4 HIS A 146 ? ILE A 150 ? HIS A 169 ILE A 173 5 ? 5  
# 
_struct_conf_type.id          HELX_P 
_struct_conf_type.criteria    ? 
_struct_conf_type.reference   ? 
# 
loop_
_struct_conn.id 
_struct_conn.conn_type_id 
_struct_conn.pdbx_leaving_atom_flag 
_struct_conn.pdbx_PDB_id 
_struct_conn.ptnr1_label_asym_id 
_struct_conn.ptnr1_label_comp_id 
_struct_conn.ptnr1_label_seq_id 
_struct_conn.ptnr1_label_atom_id 
_struct_conn.pdbx_ptnr1_label_alt_id 
_struct_conn.pdbx_ptnr1_PDB_ins_code 
_struct_conn.pdbx_ptnr1_standard_comp_id 
_struct_conn.ptnr1_symmetry 
_struct_conn.ptnr2_label_asym_id 
_struct_conn.ptnr2_label_comp_id 
_struct_conn.ptnr2_label_seq_id 
_struct_conn.ptnr2_label_atom_id 
_struct_conn.pdbx_ptnr2_label_alt_id 
_struct_conn.pdbx_ptnr2_PDB_ins_code 
_struct_conn.ptnr1_auth_asym_id 
_struct_conn.ptnr1_auth_comp_id 
_struct_conn.ptnr1_auth_seq_id 
_struct_conn.ptnr2_auth_asym_id 
_struct_conn.ptnr2_auth_comp_id 
_struct_conn.ptnr2_auth_seq_id 
_struct_conn.ptnr2_symmetry 
_struct_conn.pdbx_ptnr3_label_atom_id 
_struct_conn.pdbx_ptnr3_label_seq_id 
_struct_conn.pdbx_ptnr3_label_comp_id 
_struct_conn.pdbx_ptnr3_label_asym_id 
_struct_conn.pdbx_ptnr3_label_alt_id 
_struct_conn.pdbx_ptnr3_PDB_ins_code 
_struct_conn.details 
_struct_conn.pdbx_dist_value 
_struct_conn.pdbx_value_order 
_struct_conn.pdbx_role 
disulf1 disulf ? ? A CYS 9  SG ? ? ? 1_555 A CYS 111 SG ? ? A CYS 32 A CYS 134 1_555 ? ? ? ? ? ? ? 2.099 ? ? 
disulf2 disulf ? ? A CYS 34 SG ? ? ? 1_555 A CYS 100 SG ? ? A CYS 57 A CYS 123 1_555 ? ? ? ? ? ? ? 2.110 ? ? 
disulf3 disulf ? ? A CYS 58 SG ? ? ? 1_555 A CYS 78  SG ? ? A CYS 81 A CYS 101 1_555 ? ? ? ? ? ? ? 2.082 ? ? 
# 
_struct_conn_type.id          disulf 
_struct_conn_type.criteria    ? 
_struct_conn_type.reference   ? 
# 
loop_
_pdbx_modification_feature.ordinal 
_pdbx_modification_feature.label_comp_id 
_pdbx_modification_feature.label_asym_id 
_pdbx_modification_feature.label_seq_id 
_pdbx_modification_feature.label_alt_id 
_pdbx_modification_feature.modified_residue_label_comp_id 
_pdbx_modification_feature.modified_residue_label_asym_id 
_pdbx_modification_feature.modified_residue_label_seq_id 
_pdbx_modification_feature.modified_residue_label_alt_id 
_pdbx_modification_feature.auth_comp_id 
_pdbx_modification_feature.auth_asym_id 
_pdbx_modification_feature.auth_seq_id 
_pdbx_modification_feature.PDB_ins_code 
_pdbx_modification_feature.symmetry 
_pdbx_modification_feature.modified_residue_auth_comp_id 
_pdbx_modification_feature.modified_residue_auth_asym_id 
_pdbx_modification_feature.modified_residue_auth_seq_id 
_pdbx_modification_feature.modified_residue_PDB_ins_code 
_pdbx_modification_feature.modified_residue_symmetry 
_pdbx_modification_feature.comp_id_linking_atom 
_pdbx_modification_feature.modified_residue_id_linking_atom 
_pdbx_modification_feature.modified_residue_id 
_pdbx_modification_feature.ref_pcm_id 
_pdbx_modification_feature.ref_comp_id 
_pdbx_modification_feature.type 
_pdbx_modification_feature.category 
1 CYS A 9  ? CYS A 111 ? CYS A 32 ? 1_555 CYS A 134 ? 1_555 SG SG . . . None 'Disulfide bridge' 
2 CYS A 34 ? CYS A 100 ? CYS A 57 ? 1_555 CYS A 123 ? 1_555 SG SG . . . None 'Disulfide bridge' 
3 CYS A 58 ? CYS A 78  ? CYS A 81 ? 1_555 CYS A 101 ? 1_555 SG SG . . . None 'Disulfide bridge' 
# 
loop_
_struct_sheet.id 
_struct_sheet.type 
_struct_sheet.number_strands 
_struct_sheet.details 
A ? 8 ? 
B ? 2 ? 
# 
loop_
_struct_sheet_order.sheet_id 
_struct_sheet_order.range_id_1 
_struct_sheet_order.range_id_2 
_struct_sheet_order.offset 
_struct_sheet_order.sense 
A 1 2 ? anti-parallel 
A 2 3 ? anti-parallel 
A 3 4 ? parallel      
A 4 5 ? anti-parallel 
A 5 6 ? anti-parallel 
A 6 7 ? parallel      
A 7 8 ? anti-parallel 
B 1 2 ? anti-parallel 
# 
loop_
_struct_sheet_range.sheet_id 
_struct_sheet_range.id 
_struct_sheet_range.beg_label_comp_id 
_struct_sheet_range.beg_label_asym_id 
_struct_sheet_range.beg_label_seq_id 
_struct_sheet_range.pdbx_beg_PDB_ins_code 
_struct_sheet_range.end_label_comp_id 
_struct_sheet_range.end_label_asym_id 
_struct_sheet_range.end_label_seq_id 
_struct_sheet_range.pdbx_end_PDB_ins_code 
_struct_sheet_range.beg_auth_comp_id 
_struct_sheet_range.beg_auth_asym_id 
_struct_sheet_range.beg_auth_seq_id 
_struct_sheet_range.end_auth_comp_id 
_struct_sheet_range.end_auth_asym_id 
_struct_sheet_range.end_auth_seq_id 
A 1 GLY A 84  ? ILE A 87  ? GLY A 107 ILE A 110 
A 2 VAL A 67  ? ARG A 71  ? VAL A 90  ARG A 94  
A 3 GLY A 61  ? PHE A 62  ? GLY A 84  PHE A 85  
A 4 ASP A 97  ? PHE A 101 ? ASP A 120 PHE A 124 
A 5 VAL A 14  ? LYS A 19  ? VAL A 37  LYS A 42  
A 6 GLN A 2   ? VAL A 7   ? GLN A 25  VAL A 30  
A 7 PHE A 121 ? ASN A 131 ? PHE A 144 ASN A 154 
A 8 ARG A 136 ? GLU A 142 ? ARG A 159 GLU A 165 
B 1 ARG A 10  ? TYR A 11  ? ARG A 33  TYR A 34  
B 2 GLU A 109 ? ASP A 110 ? GLU A 132 ASP A 133 
# 
loop_
_pdbx_struct_sheet_hbond.sheet_id 
_pdbx_struct_sheet_hbond.range_id_1 
_pdbx_struct_sheet_hbond.range_id_2 
_pdbx_struct_sheet_hbond.range_1_label_atom_id 
_pdbx_struct_sheet_hbond.range_1_label_comp_id 
_pdbx_struct_sheet_hbond.range_1_label_asym_id 
_pdbx_struct_sheet_hbond.range_1_label_seq_id 
_pdbx_struct_sheet_hbond.range_1_PDB_ins_code 
_pdbx_struct_sheet_hbond.range_1_auth_atom_id 
_pdbx_struct_sheet_hbond.range_1_auth_comp_id 
_pdbx_struct_sheet_hbond.range_1_auth_asym_id 
_pdbx_struct_sheet_hbond.range_1_auth_seq_id 
_pdbx_struct_sheet_hbond.range_2_label_atom_id 
_pdbx_struct_sheet_hbond.range_2_label_comp_id 
_pdbx_struct_sheet_hbond.range_2_label_asym_id 
_pdbx_struct_sheet_hbond.range_2_label_seq_id 
_pdbx_struct_sheet_hbond.range_2_PDB_ins_code 
_pdbx_struct_sheet_hbond.range_2_auth_atom_id 
_pdbx_struct_sheet_hbond.range_2_auth_comp_id 
_pdbx_struct_sheet_hbond.range_2_auth_asym_id 
_pdbx_struct_sheet_hbond.range_2_auth_seq_id 
A 1 2 O GLY A 84  ? O GLY A 107 N ARG A 71  ? N ARG A 94  
A 2 3 O VAL A 68  ? O VAL A 91  N GLY A 61  ? N GLY A 84  
A 3 4 N PHE A 62  ? N PHE A 85  O TYR A 99  ? O TYR A 122 
A 4 5 O THR A 98  ? O THR A 121 N VAL A 17  ? N VAL A 40  
A 5 6 O GLU A 18  ? O GLU A 41  N ASN A 6   ? N ASN A 29  
A 6 7 N LEU A 5   ? N LEU A 28  O THR A 128 ? O THR A 151 
A 7 8 N ILE A 127 ? N ILE A 150 O LYS A 139 ? O LYS A 162 
B 1 2 N ARG A 10  ? N ARG A 33  O ASP A 110 ? O ASP A 133 
# 
loop_
_struct_site.id 
_struct_site.pdbx_evidence_code 
_struct_site.pdbx_auth_asym_id 
_struct_site.pdbx_auth_comp_id 
_struct_site.pdbx_auth_seq_id 
_struct_site.pdbx_auth_ins_code 
_struct_site.pdbx_num_residues 
_struct_site.details 
AC1 Software A 2L1 201 ? 10 'BINDING SITE FOR RESIDUE 2L1 A 201' 
AC2 Software A MES 202 ? 5  'BINDING SITE FOR RESIDUE MES A 202' 
AC3 Software A SO4 203 ? 6  'BINDING SITE FOR RESIDUE SO4 A 203' 
AC4 Software A SO4 204 ? 7  'BINDING SITE FOR RESIDUE SO4 A 204' 
AC5 Software A DMS 205 ? 9  'BINDING SITE FOR RESIDUE DMS A 205' 
# 
loop_
_struct_site_gen.id 
_struct_site_gen.site_id 
_struct_site_gen.pdbx_num_res 
_struct_site_gen.label_comp_id 
_struct_site_gen.label_asym_id 
_struct_site_gen.label_seq_id 
_struct_site_gen.pdbx_auth_ins_code 
_struct_site_gen.auth_comp_id 
_struct_site_gen.auth_asym_id 
_struct_site_gen.auth_seq_id 
_struct_site_gen.label_atom_id 
_struct_site_gen.label_alt_id 
_struct_site_gen.symmetry 
_struct_site_gen.details 
1  AC1 10 ASN A 6   ? ASN A 29  . ? 1_555 ? 
2  AC1 10 VAL A 7   ? VAL A 30  . ? 1_555 ? 
3  AC1 10 GLU A 18  ? GLU A 41  . ? 1_555 ? 
4  AC1 10 GLY A 21  ? GLY A 44  . ? 1_555 ? 
5  AC1 10 ASP A 45  ? ASP A 68  . ? 1_655 ? 
6  AC1 10 ARG A 59  ? ARG A 82  . ? 1_555 ? 
7  AC1 10 VAL A 130 ? VAL A 153 . ? 1_555 ? 
8  AC1 10 ARG A 132 ? ARG A 155 . ? 1_555 ? 
9  AC1 10 MES C .   ? MES A 202 . ? 1_555 ? 
10 AC1 10 SO4 D .   ? SO4 A 203 . ? 1_555 ? 
11 AC2 5  ASP A 45  ? ASP A 68  . ? 1_655 ? 
12 AC2 5  LEU A 49  ? LEU A 72  . ? 1_655 ? 
13 AC2 5  ARG A 132 ? ARG A 155 . ? 1_555 ? 
14 AC2 5  2L1 B .   ? 2L1 A 201 . ? 1_555 ? 
15 AC2 5  HOH G .   ? HOH A 354 . ? 1_554 ? 
16 AC3 6  MET A 44  ? MET A 67  . ? 1_655 ? 
17 AC3 6  ASP A 45  ? ASP A 68  . ? 1_655 ? 
18 AC3 6  LYS A 48  ? LYS A 71  . ? 1_655 ? 
19 AC3 6  2L1 B .   ? 2L1 A 201 . ? 1_555 ? 
20 AC3 6  HOH G .   ? HOH A 309 . ? 1_655 ? 
21 AC3 6  HOH G .   ? HOH A 353 . ? 1_555 ? 
22 AC4 7  TYR A 86  ? TYR A 109 . ? 1_555 ? 
23 AC4 7  ILE A 87  ? ILE A 110 . ? 1_555 ? 
24 AC4 7  LEU A 88  ? LEU A 111 . ? 1_555 ? 
25 AC4 7  VAL A 89  ? VAL A 112 . ? 1_555 ? 
26 AC4 7  THR A 90  ? THR A 113 . ? 1_555 ? 
27 AC4 7  HOH G .   ? HOH A 352 . ? 1_555 ? 
28 AC4 7  HOH G .   ? HOH A 362 . ? 1_555 ? 
29 AC5 9  CYS A 9   ? CYS A 32  . ? 1_555 ? 
30 AC5 9  GLY A 65  ? GLY A 88  . ? 1_554 ? 
31 AC5 9  ASN A 66  ? ASN A 89  . ? 1_554 ? 
32 AC5 9  CYS A 111 ? CYS A 134 . ? 1_555 ? 
33 AC5 9  SER A 113 ? SER A 136 . ? 1_555 ? 
34 AC5 9  ARG A 132 ? ARG A 155 . ? 1_555 ? 
35 AC5 9  ASP A 133 ? ASP A 156 . ? 1_555 ? 
36 AC5 9  HOH G .   ? HOH A 305 . ? 1_554 ? 
37 AC5 9  HOH G .   ? HOH A 316 . ? 1_555 ? 
# 
_pdbx_entry_details.entry_id                   4NP2 
_pdbx_entry_details.compound_details           ? 
_pdbx_entry_details.source_details             ? 
_pdbx_entry_details.nonpolymer_details         ? 
_pdbx_entry_details.sequence_details           ? 
_pdbx_entry_details.has_ligand_of_interest     ? 
_pdbx_entry_details.has_protein_modification   Y 
# 
loop_
_pdbx_validate_torsion.id 
_pdbx_validate_torsion.PDB_model_num 
_pdbx_validate_torsion.auth_comp_id 
_pdbx_validate_torsion.auth_asym_id 
_pdbx_validate_torsion.auth_seq_id 
_pdbx_validate_torsion.PDB_ins_code 
_pdbx_validate_torsion.label_alt_id 
_pdbx_validate_torsion.phi 
_pdbx_validate_torsion.psi 
1 1 SER A 47  ? ? -158.92 14.01   
2 1 TYR A 119 ? ? -135.87 -159.34 
3 1 GLU A 131 ? ? -117.79 -133.90 
# 
_pdbx_phasing_MR.entry_id                     4NP2 
_pdbx_phasing_MR.method_rotation              ? 
_pdbx_phasing_MR.method_translation           ? 
_pdbx_phasing_MR.model_details                'Phaser MODE: MR_AUTO' 
_pdbx_phasing_MR.R_factor                     31.750 
_pdbx_phasing_MR.R_rigid_body                 ? 
_pdbx_phasing_MR.correlation_coeff_Fo_to_Fc   ? 
_pdbx_phasing_MR.correlation_coeff_Io_to_Ic   ? 
_pdbx_phasing_MR.d_res_high_rotation          2.500 
_pdbx_phasing_MR.d_res_low_rotation           19.690 
_pdbx_phasing_MR.d_res_high_translation       2.500 
_pdbx_phasing_MR.d_res_low_translation        19.690 
_pdbx_phasing_MR.packing                      ? 
_pdbx_phasing_MR.reflns_percent_rotation      ? 
_pdbx_phasing_MR.reflns_percent_translation   ? 
_pdbx_phasing_MR.sigma_F_rotation             ? 
_pdbx_phasing_MR.sigma_F_translation          ? 
_pdbx_phasing_MR.sigma_I_rotation             ? 
_pdbx_phasing_MR.sigma_I_translation          ? 
# 
_phasing.method   MR 
# 
loop_
_chem_comp_atom.comp_id 
_chem_comp_atom.atom_id 
_chem_comp_atom.type_symbol 
_chem_comp_atom.pdbx_aromatic_flag 
_chem_comp_atom.pdbx_stereo_config 
_chem_comp_atom.pdbx_ordinal 
2L1 CAH  C N N 1   
2L1 CAG  C N N 2   
2L1 CAN  C Y N 3   
2L1 CAD  C Y N 4   
2L1 CAB  C Y N 5   
2L1 CAC  C Y N 6   
2L1 CAE  C Y N 7   
2L1 CAO  C Y N 8   
2L1 CAI  C N N 9   
2L1 NAQ  N N N 10  
2L1 CAJ  C N N 11  
2L1 CAP  C Y N 12  
2L1 NAL  N Y N 13  
2L1 CAF  C Y N 14  
2L1 NAK  N Y N 15  
2L1 CAM  C Y N 16  
2L1 CAA  C N N 17  
2L1 H1   H N N 18  
2L1 H2   H N N 19  
2L1 H3   H N N 20  
2L1 H4   H N N 21  
2L1 H5   H N N 22  
2L1 H6   H N N 23  
2L1 H7   H N N 24  
2L1 H8   H N N 25  
2L1 H9   H N N 26  
2L1 H10  H N N 27  
2L1 H12  H N N 28  
2L1 H13  H N N 29  
2L1 H14  H N N 30  
2L1 H15  H N N 31  
2L1 H17  H N N 32  
2L1 H18  H N N 33  
2L1 H19  H N N 34  
ALA N    N N N 35  
ALA CA   C N S 36  
ALA C    C N N 37  
ALA O    O N N 38  
ALA CB   C N N 39  
ALA OXT  O N N 40  
ALA H    H N N 41  
ALA H2   H N N 42  
ALA HA   H N N 43  
ALA HB1  H N N 44  
ALA HB2  H N N 45  
ALA HB3  H N N 46  
ALA HXT  H N N 47  
ARG N    N N N 48  
ARG CA   C N S 49  
ARG C    C N N 50  
ARG O    O N N 51  
ARG CB   C N N 52  
ARG CG   C N N 53  
ARG CD   C N N 54  
ARG NE   N N N 55  
ARG CZ   C N N 56  
ARG NH1  N N N 57  
ARG NH2  N N N 58  
ARG OXT  O N N 59  
ARG H    H N N 60  
ARG H2   H N N 61  
ARG HA   H N N 62  
ARG HB2  H N N 63  
ARG HB3  H N N 64  
ARG HG2  H N N 65  
ARG HG3  H N N 66  
ARG HD2  H N N 67  
ARG HD3  H N N 68  
ARG HE   H N N 69  
ARG HH11 H N N 70  
ARG HH12 H N N 71  
ARG HH21 H N N 72  
ARG HH22 H N N 73  
ARG HXT  H N N 74  
ASN N    N N N 75  
ASN CA   C N S 76  
ASN C    C N N 77  
ASN O    O N N 78  
ASN CB   C N N 79  
ASN CG   C N N 80  
ASN OD1  O N N 81  
ASN ND2  N N N 82  
ASN OXT  O N N 83  
ASN H    H N N 84  
ASN H2   H N N 85  
ASN HA   H N N 86  
ASN HB2  H N N 87  
ASN HB3  H N N 88  
ASN HD21 H N N 89  
ASN HD22 H N N 90  
ASN HXT  H N N 91  
ASP N    N N N 92  
ASP CA   C N S 93  
ASP C    C N N 94  
ASP O    O N N 95  
ASP CB   C N N 96  
ASP CG   C N N 97  
ASP OD1  O N N 98  
ASP OD2  O N N 99  
ASP OXT  O N N 100 
ASP H    H N N 101 
ASP H2   H N N 102 
ASP HA   H N N 103 
ASP HB2  H N N 104 
ASP HB3  H N N 105 
ASP HD2  H N N 106 
ASP HXT  H N N 107 
CYS N    N N N 108 
CYS CA   C N R 109 
CYS C    C N N 110 
CYS O    O N N 111 
CYS CB   C N N 112 
CYS SG   S N N 113 
CYS OXT  O N N 114 
CYS H    H N N 115 
CYS H2   H N N 116 
CYS HA   H N N 117 
CYS HB2  H N N 118 
CYS HB3  H N N 119 
CYS HG   H N N 120 
CYS HXT  H N N 121 
DMS S    S N N 122 
DMS O    O N N 123 
DMS C1   C N N 124 
DMS C2   C N N 125 
DMS H11  H N N 126 
DMS H12  H N N 127 
DMS H13  H N N 128 
DMS H21  H N N 129 
DMS H22  H N N 130 
DMS H23  H N N 131 
GLN N    N N N 132 
GLN CA   C N S 133 
GLN C    C N N 134 
GLN O    O N N 135 
GLN CB   C N N 136 
GLN CG   C N N 137 
GLN CD   C N N 138 
GLN OE1  O N N 139 
GLN NE2  N N N 140 
GLN OXT  O N N 141 
GLN H    H N N 142 
GLN H2   H N N 143 
GLN HA   H N N 144 
GLN HB2  H N N 145 
GLN HB3  H N N 146 
GLN HG2  H N N 147 
GLN HG3  H N N 148 
GLN HE21 H N N 149 
GLN HE22 H N N 150 
GLN HXT  H N N 151 
GLU N    N N N 152 
GLU CA   C N S 153 
GLU C    C N N 154 
GLU O    O N N 155 
GLU CB   C N N 156 
GLU CG   C N N 157 
GLU CD   C N N 158 
GLU OE1  O N N 159 
GLU OE2  O N N 160 
GLU OXT  O N N 161 
GLU H    H N N 162 
GLU H2   H N N 163 
GLU HA   H N N 164 
GLU HB2  H N N 165 
GLU HB3  H N N 166 
GLU HG2  H N N 167 
GLU HG3  H N N 168 
GLU HE2  H N N 169 
GLU HXT  H N N 170 
GLY N    N N N 171 
GLY CA   C N N 172 
GLY C    C N N 173 
GLY O    O N N 174 
GLY OXT  O N N 175 
GLY H    H N N 176 
GLY H2   H N N 177 
GLY HA2  H N N 178 
GLY HA3  H N N 179 
GLY HXT  H N N 180 
HIS N    N N N 181 
HIS CA   C N S 182 
HIS C    C N N 183 
HIS O    O N N 184 
HIS CB   C N N 185 
HIS CG   C Y N 186 
HIS ND1  N Y N 187 
HIS CD2  C Y N 188 
HIS CE1  C Y N 189 
HIS NE2  N Y N 190 
HIS OXT  O N N 191 
HIS H    H N N 192 
HIS H2   H N N 193 
HIS HA   H N N 194 
HIS HB2  H N N 195 
HIS HB3  H N N 196 
HIS HD1  H N N 197 
HIS HD2  H N N 198 
HIS HE1  H N N 199 
HIS HE2  H N N 200 
HIS HXT  H N N 201 
HOH O    O N N 202 
HOH H1   H N N 203 
HOH H2   H N N 204 
ILE N    N N N 205 
ILE CA   C N S 206 
ILE C    C N N 207 
ILE O    O N N 208 
ILE CB   C N S 209 
ILE CG1  C N N 210 
ILE CG2  C N N 211 
ILE CD1  C N N 212 
ILE OXT  O N N 213 
ILE H    H N N 214 
ILE H2   H N N 215 
ILE HA   H N N 216 
ILE HB   H N N 217 
ILE HG12 H N N 218 
ILE HG13 H N N 219 
ILE HG21 H N N 220 
ILE HG22 H N N 221 
ILE HG23 H N N 222 
ILE HD11 H N N 223 
ILE HD12 H N N 224 
ILE HD13 H N N 225 
ILE HXT  H N N 226 
LEU N    N N N 227 
LEU CA   C N S 228 
LEU C    C N N 229 
LEU O    O N N 230 
LEU CB   C N N 231 
LEU CG   C N N 232 
LEU CD1  C N N 233 
LEU CD2  C N N 234 
LEU OXT  O N N 235 
LEU H    H N N 236 
LEU H2   H N N 237 
LEU HA   H N N 238 
LEU HB2  H N N 239 
LEU HB3  H N N 240 
LEU HG   H N N 241 
LEU HD11 H N N 242 
LEU HD12 H N N 243 
LEU HD13 H N N 244 
LEU HD21 H N N 245 
LEU HD22 H N N 246 
LEU HD23 H N N 247 
LEU HXT  H N N 248 
LYS N    N N N 249 
LYS CA   C N S 250 
LYS C    C N N 251 
LYS O    O N N 252 
LYS CB   C N N 253 
LYS CG   C N N 254 
LYS CD   C N N 255 
LYS CE   C N N 256 
LYS NZ   N N N 257 
LYS OXT  O N N 258 
LYS H    H N N 259 
LYS H2   H N N 260 
LYS HA   H N N 261 
LYS HB2  H N N 262 
LYS HB3  H N N 263 
LYS HG2  H N N 264 
LYS HG3  H N N 265 
LYS HD2  H N N 266 
LYS HD3  H N N 267 
LYS HE2  H N N 268 
LYS HE3  H N N 269 
LYS HZ1  H N N 270 
LYS HZ2  H N N 271 
LYS HZ3  H N N 272 
LYS HXT  H N N 273 
MES O1   O N N 274 
MES C2   C N N 275 
MES C3   C N N 276 
MES N4   N N N 277 
MES C5   C N N 278 
MES C6   C N N 279 
MES C7   C N N 280 
MES C8   C N N 281 
MES S    S N N 282 
MES O1S  O N N 283 
MES O2S  O N N 284 
MES O3S  O N N 285 
MES H21  H N N 286 
MES H22  H N N 287 
MES H31  H N N 288 
MES H32  H N N 289 
MES HN4  H N N 290 
MES H51  H N N 291 
MES H52  H N N 292 
MES H61  H N N 293 
MES H62  H N N 294 
MES H71  H N N 295 
MES H72  H N N 296 
MES H81  H N N 297 
MES H82  H N N 298 
MET N    N N N 299 
MET CA   C N S 300 
MET C    C N N 301 
MET O    O N N 302 
MET CB   C N N 303 
MET CG   C N N 304 
MET SD   S N N 305 
MET CE   C N N 306 
MET OXT  O N N 307 
MET H    H N N 308 
MET H2   H N N 309 
MET HA   H N N 310 
MET HB2  H N N 311 
MET HB3  H N N 312 
MET HG2  H N N 313 
MET HG3  H N N 314 
MET HE1  H N N 315 
MET HE2  H N N 316 
MET HE3  H N N 317 
MET HXT  H N N 318 
PHE N    N N N 319 
PHE CA   C N S 320 
PHE C    C N N 321 
PHE O    O N N 322 
PHE CB   C N N 323 
PHE CG   C Y N 324 
PHE CD1  C Y N 325 
PHE CD2  C Y N 326 
PHE CE1  C Y N 327 
PHE CE2  C Y N 328 
PHE CZ   C Y N 329 
PHE OXT  O N N 330 
PHE H    H N N 331 
PHE H2   H N N 332 
PHE HA   H N N 333 
PHE HB2  H N N 334 
PHE HB3  H N N 335 
PHE HD1  H N N 336 
PHE HD2  H N N 337 
PHE HE1  H N N 338 
PHE HE2  H N N 339 
PHE HZ   H N N 340 
PHE HXT  H N N 341 
PRO N    N N N 342 
PRO CA   C N S 343 
PRO C    C N N 344 
PRO O    O N N 345 
PRO CB   C N N 346 
PRO CG   C N N 347 
PRO CD   C N N 348 
PRO OXT  O N N 349 
PRO H    H N N 350 
PRO HA   H N N 351 
PRO HB2  H N N 352 
PRO HB3  H N N 353 
PRO HG2  H N N 354 
PRO HG3  H N N 355 
PRO HD2  H N N 356 
PRO HD3  H N N 357 
PRO HXT  H N N 358 
SER N    N N N 359 
SER CA   C N S 360 
SER C    C N N 361 
SER O    O N N 362 
SER CB   C N N 363 
SER OG   O N N 364 
SER OXT  O N N 365 
SER H    H N N 366 
SER H2   H N N 367 
SER HA   H N N 368 
SER HB2  H N N 369 
SER HB3  H N N 370 
SER HG   H N N 371 
SER HXT  H N N 372 
SO4 S    S N N 373 
SO4 O1   O N N 374 
SO4 O2   O N N 375 
SO4 O3   O N N 376 
SO4 O4   O N N 377 
THR N    N N N 378 
THR CA   C N S 379 
THR C    C N N 380 
THR O    O N N 381 
THR CB   C N R 382 
THR OG1  O N N 383 
THR CG2  C N N 384 
THR OXT  O N N 385 
THR H    H N N 386 
THR H2   H N N 387 
THR HA   H N N 388 
THR HB   H N N 389 
THR HG1  H N N 390 
THR HG21 H N N 391 
THR HG22 H N N 392 
THR HG23 H N N 393 
THR HXT  H N N 394 
TYR N    N N N 395 
TYR CA   C N S 396 
TYR C    C N N 397 
TYR O    O N N 398 
TYR CB   C N N 399 
TYR CG   C Y N 400 
TYR CD1  C Y N 401 
TYR CD2  C Y N 402 
TYR CE1  C Y N 403 
TYR CE2  C Y N 404 
TYR CZ   C Y N 405 
TYR OH   O N N 406 
TYR OXT  O N N 407 
TYR H    H N N 408 
TYR H2   H N N 409 
TYR HA   H N N 410 
TYR HB2  H N N 411 
TYR HB3  H N N 412 
TYR HD1  H N N 413 
TYR HD2  H N N 414 
TYR HE1  H N N 415 
TYR HE2  H N N 416 
TYR HH   H N N 417 
TYR HXT  H N N 418 
VAL N    N N N 419 
VAL CA   C N S 420 
VAL C    C N N 421 
VAL O    O N N 422 
VAL CB   C N N 423 
VAL CG1  C N N 424 
VAL CG2  C N N 425 
VAL OXT  O N N 426 
VAL H    H N N 427 
VAL H2   H N N 428 
VAL HA   H N N 429 
VAL HB   H N N 430 
VAL HG11 H N N 431 
VAL HG12 H N N 432 
VAL HG13 H N N 433 
VAL HG21 H N N 434 
VAL HG22 H N N 435 
VAL HG23 H N N 436 
VAL HXT  H N N 437 
# 
loop_
_chem_comp_bond.comp_id 
_chem_comp_bond.atom_id_1 
_chem_comp_bond.atom_id_2 
_chem_comp_bond.value_order 
_chem_comp_bond.pdbx_aromatic_flag 
_chem_comp_bond.pdbx_stereo_config 
_chem_comp_bond.pdbx_ordinal 
2L1 CAB CAC  doub Y N 1   
2L1 CAB CAD  sing Y N 2   
2L1 CAC CAE  sing Y N 3   
2L1 CAD CAN  doub Y N 4   
2L1 CAE CAO  doub Y N 5   
2L1 CAN CAO  sing Y N 6   
2L1 CAN CAG  sing N N 7   
2L1 CAO CAI  sing N N 8   
2L1 CAG CAH  sing N N 9   
2L1 CAI NAQ  sing N N 10  
2L1 CAH NAQ  sing N N 11  
2L1 NAQ CAJ  sing N N 12  
2L1 CAJ CAP  sing N N 13  
2L1 CAA CAM  sing N N 14  
2L1 CAP CAM  doub Y N 15  
2L1 CAP NAL  sing Y N 16  
2L1 CAM NAK  sing Y N 17  
2L1 NAL CAF  sing Y N 18  
2L1 NAK CAF  doub Y N 19  
2L1 CAH H1   sing N N 20  
2L1 CAH H2   sing N N 21  
2L1 CAG H3   sing N N 22  
2L1 CAG H4   sing N N 23  
2L1 CAD H5   sing N N 24  
2L1 CAB H6   sing N N 25  
2L1 CAC H7   sing N N 26  
2L1 CAE H8   sing N N 27  
2L1 CAI H9   sing N N 28  
2L1 CAI H10  sing N N 29  
2L1 CAJ H12  sing N N 30  
2L1 CAJ H13  sing N N 31  
2L1 NAL H14  sing N N 32  
2L1 CAF H15  sing N N 33  
2L1 CAA H17  sing N N 34  
2L1 CAA H18  sing N N 35  
2L1 CAA H19  sing N N 36  
ALA N   CA   sing N N 37  
ALA N   H    sing N N 38  
ALA N   H2   sing N N 39  
ALA CA  C    sing N N 40  
ALA CA  CB   sing N N 41  
ALA CA  HA   sing N N 42  
ALA C   O    doub N N 43  
ALA C   OXT  sing N N 44  
ALA CB  HB1  sing N N 45  
ALA CB  HB2  sing N N 46  
ALA CB  HB3  sing N N 47  
ALA OXT HXT  sing N N 48  
ARG N   CA   sing N N 49  
ARG N   H    sing N N 50  
ARG N   H2   sing N N 51  
ARG CA  C    sing N N 52  
ARG CA  CB   sing N N 53  
ARG CA  HA   sing N N 54  
ARG C   O    doub N N 55  
ARG C   OXT  sing N N 56  
ARG CB  CG   sing N N 57  
ARG CB  HB2  sing N N 58  
ARG CB  HB3  sing N N 59  
ARG CG  CD   sing N N 60  
ARG CG  HG2  sing N N 61  
ARG CG  HG3  sing N N 62  
ARG CD  NE   sing N N 63  
ARG CD  HD2  sing N N 64  
ARG CD  HD3  sing N N 65  
ARG NE  CZ   sing N N 66  
ARG NE  HE   sing N N 67  
ARG CZ  NH1  sing N N 68  
ARG CZ  NH2  doub N N 69  
ARG NH1 HH11 sing N N 70  
ARG NH1 HH12 sing N N 71  
ARG NH2 HH21 sing N N 72  
ARG NH2 HH22 sing N N 73  
ARG OXT HXT  sing N N 74  
ASN N   CA   sing N N 75  
ASN N   H    sing N N 76  
ASN N   H2   sing N N 77  
ASN CA  C    sing N N 78  
ASN CA  CB   sing N N 79  
ASN CA  HA   sing N N 80  
ASN C   O    doub N N 81  
ASN C   OXT  sing N N 82  
ASN CB  CG   sing N N 83  
ASN CB  HB2  sing N N 84  
ASN CB  HB3  sing N N 85  
ASN CG  OD1  doub N N 86  
ASN CG  ND2  sing N N 87  
ASN ND2 HD21 sing N N 88  
ASN ND2 HD22 sing N N 89  
ASN OXT HXT  sing N N 90  
ASP N   CA   sing N N 91  
ASP N   H    sing N N 92  
ASP N   H2   sing N N 93  
ASP CA  C    sing N N 94  
ASP CA  CB   sing N N 95  
ASP CA  HA   sing N N 96  
ASP C   O    doub N N 97  
ASP C   OXT  sing N N 98  
ASP CB  CG   sing N N 99  
ASP CB  HB2  sing N N 100 
ASP CB  HB3  sing N N 101 
ASP CG  OD1  doub N N 102 
ASP CG  OD2  sing N N 103 
ASP OD2 HD2  sing N N 104 
ASP OXT HXT  sing N N 105 
CYS N   CA   sing N N 106 
CYS N   H    sing N N 107 
CYS N   H2   sing N N 108 
CYS CA  C    sing N N 109 
CYS CA  CB   sing N N 110 
CYS CA  HA   sing N N 111 
CYS C   O    doub N N 112 
CYS C   OXT  sing N N 113 
CYS CB  SG   sing N N 114 
CYS CB  HB2  sing N N 115 
CYS CB  HB3  sing N N 116 
CYS SG  HG   sing N N 117 
CYS OXT HXT  sing N N 118 
DMS S   O    doub N N 119 
DMS S   C1   sing N N 120 
DMS S   C2   sing N N 121 
DMS C1  H11  sing N N 122 
DMS C1  H12  sing N N 123 
DMS C1  H13  sing N N 124 
DMS C2  H21  sing N N 125 
DMS C2  H22  sing N N 126 
DMS C2  H23  sing N N 127 
GLN N   CA   sing N N 128 
GLN N   H    sing N N 129 
GLN N   H2   sing N N 130 
GLN CA  C    sing N N 131 
GLN CA  CB   sing N N 132 
GLN CA  HA   sing N N 133 
GLN C   O    doub N N 134 
GLN C   OXT  sing N N 135 
GLN CB  CG   sing N N 136 
GLN CB  HB2  sing N N 137 
GLN CB  HB3  sing N N 138 
GLN CG  CD   sing N N 139 
GLN CG  HG2  sing N N 140 
GLN CG  HG3  sing N N 141 
GLN CD  OE1  doub N N 142 
GLN CD  NE2  sing N N 143 
GLN NE2 HE21 sing N N 144 
GLN NE2 HE22 sing N N 145 
GLN OXT HXT  sing N N 146 
GLU N   CA   sing N N 147 
GLU N   H    sing N N 148 
GLU N   H2   sing N N 149 
GLU CA  C    sing N N 150 
GLU CA  CB   sing N N 151 
GLU CA  HA   sing N N 152 
GLU C   O    doub N N 153 
GLU C   OXT  sing N N 154 
GLU CB  CG   sing N N 155 
GLU CB  HB2  sing N N 156 
GLU CB  HB3  sing N N 157 
GLU CG  CD   sing N N 158 
GLU CG  HG2  sing N N 159 
GLU CG  HG3  sing N N 160 
GLU CD  OE1  doub N N 161 
GLU CD  OE2  sing N N 162 
GLU OE2 HE2  sing N N 163 
GLU OXT HXT  sing N N 164 
GLY N   CA   sing N N 165 
GLY N   H    sing N N 166 
GLY N   H2   sing N N 167 
GLY CA  C    sing N N 168 
GLY CA  HA2  sing N N 169 
GLY CA  HA3  sing N N 170 
GLY C   O    doub N N 171 
GLY C   OXT  sing N N 172 
GLY OXT HXT  sing N N 173 
HIS N   CA   sing N N 174 
HIS N   H    sing N N 175 
HIS N   H2   sing N N 176 
HIS CA  C    sing N N 177 
HIS CA  CB   sing N N 178 
HIS CA  HA   sing N N 179 
HIS C   O    doub N N 180 
HIS C   OXT  sing N N 181 
HIS CB  CG   sing N N 182 
HIS CB  HB2  sing N N 183 
HIS CB  HB3  sing N N 184 
HIS CG  ND1  sing Y N 185 
HIS CG  CD2  doub Y N 186 
HIS ND1 CE1  doub Y N 187 
HIS ND1 HD1  sing N N 188 
HIS CD2 NE2  sing Y N 189 
HIS CD2 HD2  sing N N 190 
HIS CE1 NE2  sing Y N 191 
HIS CE1 HE1  sing N N 192 
HIS NE2 HE2  sing N N 193 
HIS OXT HXT  sing N N 194 
HOH O   H1   sing N N 195 
HOH O   H2   sing N N 196 
ILE N   CA   sing N N 197 
ILE N   H    sing N N 198 
ILE N   H2   sing N N 199 
ILE CA  C    sing N N 200 
ILE CA  CB   sing N N 201 
ILE CA  HA   sing N N 202 
ILE C   O    doub N N 203 
ILE C   OXT  sing N N 204 
ILE CB  CG1  sing N N 205 
ILE CB  CG2  sing N N 206 
ILE CB  HB   sing N N 207 
ILE CG1 CD1  sing N N 208 
ILE CG1 HG12 sing N N 209 
ILE CG1 HG13 sing N N 210 
ILE CG2 HG21 sing N N 211 
ILE CG2 HG22 sing N N 212 
ILE CG2 HG23 sing N N 213 
ILE CD1 HD11 sing N N 214 
ILE CD1 HD12 sing N N 215 
ILE CD1 HD13 sing N N 216 
ILE OXT HXT  sing N N 217 
LEU N   CA   sing N N 218 
LEU N   H    sing N N 219 
LEU N   H2   sing N N 220 
LEU CA  C    sing N N 221 
LEU CA  CB   sing N N 222 
LEU CA  HA   sing N N 223 
LEU C   O    doub N N 224 
LEU C   OXT  sing N N 225 
LEU CB  CG   sing N N 226 
LEU CB  HB2  sing N N 227 
LEU CB  HB3  sing N N 228 
LEU CG  CD1  sing N N 229 
LEU CG  CD2  sing N N 230 
LEU CG  HG   sing N N 231 
LEU CD1 HD11 sing N N 232 
LEU CD1 HD12 sing N N 233 
LEU CD1 HD13 sing N N 234 
LEU CD2 HD21 sing N N 235 
LEU CD2 HD22 sing N N 236 
LEU CD2 HD23 sing N N 237 
LEU OXT HXT  sing N N 238 
LYS N   CA   sing N N 239 
LYS N   H    sing N N 240 
LYS N   H2   sing N N 241 
LYS CA  C    sing N N 242 
LYS CA  CB   sing N N 243 
LYS CA  HA   sing N N 244 
LYS C   O    doub N N 245 
LYS C   OXT  sing N N 246 
LYS CB  CG   sing N N 247 
LYS CB  HB2  sing N N 248 
LYS CB  HB3  sing N N 249 
LYS CG  CD   sing N N 250 
LYS CG  HG2  sing N N 251 
LYS CG  HG3  sing N N 252 
LYS CD  CE   sing N N 253 
LYS CD  HD2  sing N N 254 
LYS CD  HD3  sing N N 255 
LYS CE  NZ   sing N N 256 
LYS CE  HE2  sing N N 257 
LYS CE  HE3  sing N N 258 
LYS NZ  HZ1  sing N N 259 
LYS NZ  HZ2  sing N N 260 
LYS NZ  HZ3  sing N N 261 
LYS OXT HXT  sing N N 262 
MES O1  C2   sing N N 263 
MES O1  C6   sing N N 264 
MES C2  C3   sing N N 265 
MES C2  H21  sing N N 266 
MES C2  H22  sing N N 267 
MES C3  N4   sing N N 268 
MES C3  H31  sing N N 269 
MES C3  H32  sing N N 270 
MES N4  C5   sing N N 271 
MES N4  C7   sing N N 272 
MES N4  HN4  sing N N 273 
MES C5  C6   sing N N 274 
MES C5  H51  sing N N 275 
MES C5  H52  sing N N 276 
MES C6  H61  sing N N 277 
MES C6  H62  sing N N 278 
MES C7  C8   sing N N 279 
MES C7  H71  sing N N 280 
MES C7  H72  sing N N 281 
MES C8  S    sing N N 282 
MES C8  H81  sing N N 283 
MES C8  H82  sing N N 284 
MES S   O1S  doub N N 285 
MES S   O2S  doub N N 286 
MES S   O3S  sing N N 287 
MET N   CA   sing N N 288 
MET N   H    sing N N 289 
MET N   H2   sing N N 290 
MET CA  C    sing N N 291 
MET CA  CB   sing N N 292 
MET CA  HA   sing N N 293 
MET C   O    doub N N 294 
MET C   OXT  sing N N 295 
MET CB  CG   sing N N 296 
MET CB  HB2  sing N N 297 
MET CB  HB3  sing N N 298 
MET CG  SD   sing N N 299 
MET CG  HG2  sing N N 300 
MET CG  HG3  sing N N 301 
MET SD  CE   sing N N 302 
MET CE  HE1  sing N N 303 
MET CE  HE2  sing N N 304 
MET CE  HE3  sing N N 305 
MET OXT HXT  sing N N 306 
PHE N   CA   sing N N 307 
PHE N   H    sing N N 308 
PHE N   H2   sing N N 309 
PHE CA  C    sing N N 310 
PHE CA  CB   sing N N 311 
PHE CA  HA   sing N N 312 
PHE C   O    doub N N 313 
PHE C   OXT  sing N N 314 
PHE CB  CG   sing N N 315 
PHE CB  HB2  sing N N 316 
PHE CB  HB3  sing N N 317 
PHE CG  CD1  doub Y N 318 
PHE CG  CD2  sing Y N 319 
PHE CD1 CE1  sing Y N 320 
PHE CD1 HD1  sing N N 321 
PHE CD2 CE2  doub Y N 322 
PHE CD2 HD2  sing N N 323 
PHE CE1 CZ   doub Y N 324 
PHE CE1 HE1  sing N N 325 
PHE CE2 CZ   sing Y N 326 
PHE CE2 HE2  sing N N 327 
PHE CZ  HZ   sing N N 328 
PHE OXT HXT  sing N N 329 
PRO N   CA   sing N N 330 
PRO N   CD   sing N N 331 
PRO N   H    sing N N 332 
PRO CA  C    sing N N 333 
PRO CA  CB   sing N N 334 
PRO CA  HA   sing N N 335 
PRO C   O    doub N N 336 
PRO C   OXT  sing N N 337 
PRO CB  CG   sing N N 338 
PRO CB  HB2  sing N N 339 
PRO CB  HB3  sing N N 340 
PRO CG  CD   sing N N 341 
PRO CG  HG2  sing N N 342 
PRO CG  HG3  sing N N 343 
PRO CD  HD2  sing N N 344 
PRO CD  HD3  sing N N 345 
PRO OXT HXT  sing N N 346 
SER N   CA   sing N N 347 
SER N   H    sing N N 348 
SER N   H2   sing N N 349 
SER CA  C    sing N N 350 
SER CA  CB   sing N N 351 
SER CA  HA   sing N N 352 
SER C   O    doub N N 353 
SER C   OXT  sing N N 354 
SER CB  OG   sing N N 355 
SER CB  HB2  sing N N 356 
SER CB  HB3  sing N N 357 
SER OG  HG   sing N N 358 
SER OXT HXT  sing N N 359 
SO4 S   O1   doub N N 360 
SO4 S   O2   doub N N 361 
SO4 S   O3   sing N N 362 
SO4 S   O4   sing N N 363 
THR N   CA   sing N N 364 
THR N   H    sing N N 365 
THR N   H2   sing N N 366 
THR CA  C    sing N N 367 
THR CA  CB   sing N N 368 
THR CA  HA   sing N N 369 
THR C   O    doub N N 370 
THR C   OXT  sing N N 371 
THR CB  OG1  sing N N 372 
THR CB  CG2  sing N N 373 
THR CB  HB   sing N N 374 
THR OG1 HG1  sing N N 375 
THR CG2 HG21 sing N N 376 
THR CG2 HG22 sing N N 377 
THR CG2 HG23 sing N N 378 
THR OXT HXT  sing N N 379 
TYR N   CA   sing N N 380 
TYR N   H    sing N N 381 
TYR N   H2   sing N N 382 
TYR CA  C    sing N N 383 
TYR CA  CB   sing N N 384 
TYR CA  HA   sing N N 385 
TYR C   O    doub N N 386 
TYR C   OXT  sing N N 387 
TYR CB  CG   sing N N 388 
TYR CB  HB2  sing N N 389 
TYR CB  HB3  sing N N 390 
TYR CG  CD1  doub Y N 391 
TYR CG  CD2  sing Y N 392 
TYR CD1 CE1  sing Y N 393 
TYR CD1 HD1  sing N N 394 
TYR CD2 CE2  doub Y N 395 
TYR CD2 HD2  sing N N 396 
TYR CE1 CZ   doub Y N 397 
TYR CE1 HE1  sing N N 398 
TYR CE2 CZ   sing Y N 399 
TYR CE2 HE2  sing N N 400 
TYR CZ  OH   sing N N 401 
TYR OH  HH   sing N N 402 
TYR OXT HXT  sing N N 403 
VAL N   CA   sing N N 404 
VAL N   H    sing N N 405 
VAL N   H2   sing N N 406 
VAL CA  C    sing N N 407 
VAL CA  CB   sing N N 408 
VAL CA  HA   sing N N 409 
VAL C   O    doub N N 410 
VAL C   OXT  sing N N 411 
VAL CB  CG1  sing N N 412 
VAL CB  CG2  sing N N 413 
VAL CB  HB   sing N N 414 
VAL CG1 HG11 sing N N 415 
VAL CG1 HG12 sing N N 416 
VAL CG1 HG13 sing N N 417 
VAL CG2 HG21 sing N N 418 
VAL CG2 HG22 sing N N 419 
VAL CG2 HG23 sing N N 420 
VAL OXT HXT  sing N N 421 
# 
_atom_sites.entry_id                    4NP2 
_atom_sites.fract_transf_matrix[1][1]   -0.01705231 
_atom_sites.fract_transf_matrix[1][2]   0.01270533 
_atom_sites.fract_transf_matrix[1][3]   0.02968291 
_atom_sites.fract_transf_matrix[2][1]   0.00553807 
_atom_sites.fract_transf_matrix[2][2]   -0.00844304 
_atom_sites.fract_transf_matrix[2][3]   0.00679544 
_atom_sites.fract_transf_matrix[3][1]   0.01596740 
_atom_sites.fract_transf_matrix[3][2]   0.02541739 
_atom_sites.fract_transf_matrix[3][3]   0.01856706 
_atom_sites.fract_transf_vector[1]      0.098025 
_atom_sites.fract_transf_vector[2]      -0.002796 
_atom_sites.fract_transf_vector[3]      0.078267 
# 
loop_
_atom_type.symbol 
C 
N 
O 
S 
# 
loop_
_atom_site.group_PDB 
_atom_site.id 
_atom_site.type_symbol 
_atom_site.label_atom_id 
_atom_site.label_alt_id 
_atom_site.label_comp_id 
_atom_site.label_asym_id 
_atom_site.label_entity_id 
_atom_site.label_seq_id 
_atom_site.pdbx_PDB_ins_code 
_atom_site.Cartn_x 
_atom_site.Cartn_y 
_atom_site.Cartn_z 
_atom_site.occupancy 
_atom_site.B_iso_or_equiv 
_atom_site.pdbx_formal_charge 
_atom_site.auth_seq_id 
_atom_site.auth_comp_id 
_atom_site.auth_asym_id 
_atom_site.auth_atom_id 
_atom_site.pdbx_PDB_model_num 
ATOM   1    N N   . ASN A 1 1   ? -4.781  -8.737  19.675  1.00 27.14 ? 24  ASN A N   1 
ATOM   2    C CA  . ASN A 1 1   ? -3.510  -8.496  18.929  1.00 27.17 ? 24  ASN A CA  1 
ATOM   3    C C   . ASN A 1 1   ? -3.762  -8.613  17.424  1.00 26.06 ? 24  ASN A C   1 
ATOM   4    O O   . ASN A 1 1   ? -3.555  -9.684  16.836  1.00 25.26 ? 24  ASN A O   1 
ATOM   5    C CB  . ASN A 1 1   ? -2.443  -9.508  19.368  1.00 27.96 ? 24  ASN A CB  1 
ATOM   6    C CG  . ASN A 1 1   ? -1.048  -9.085  18.981  1.00 29.60 ? 24  ASN A CG  1 
ATOM   7    O OD1 . ASN A 1 1   ? -0.864  -8.097  18.258  1.00 35.50 ? 24  ASN A OD1 1 
ATOM   8    N ND2 . ASN A 1 1   ? -0.052  -9.818  19.459  1.00 28.60 ? 24  ASN A ND2 1 
ATOM   9    N N   . GLN A 1 2   ? -4.215  -7.510  16.823  1.00 24.80 ? 25  GLN A N   1 
ATOM   10   C CA  . GLN A 1 2   ? -4.862  -7.526  15.505  1.00 24.45 ? 25  GLN A CA  1 
ATOM   11   C C   . GLN A 1 2   ? -4.485  -6.334  14.639  1.00 22.95 ? 25  GLN A C   1 
ATOM   12   O O   . GLN A 1 2   ? -4.446  -5.199  15.131  1.00 22.90 ? 25  GLN A O   1 
ATOM   13   C CB  . GLN A 1 2   ? -6.386  -7.520  15.664  1.00 25.46 ? 25  GLN A CB  1 
ATOM   14   C CG  . GLN A 1 2   ? -7.054  -8.841  15.410  1.00 30.25 ? 25  GLN A CG  1 
ATOM   15   C CD  . GLN A 1 2   ? -7.796  -8.916  14.067  1.00 35.77 ? 25  GLN A CD  1 
ATOM   16   O OE1 . GLN A 1 2   ? -8.962  -9.335  14.038  1.00 38.48 ? 25  GLN A OE1 1 
ATOM   17   N NE2 . GLN A 1 2   ? -7.130  -8.521  12.949  1.00 36.29 ? 25  GLN A NE2 1 
ATOM   18   N N   . ILE A 1 3   ? -4.238  -6.608  13.355  1.00 20.45 ? 26  ILE A N   1 
ATOM   19   C CA  . ILE A 1 3   ? -3.900  -5.593  12.347  1.00 19.24 ? 26  ILE A CA  1 
ATOM   20   C C   . ILE A 1 3   ? -4.786  -5.799  11.119  1.00 17.60 ? 26  ILE A C   1 
ATOM   21   O O   . ILE A 1 3   ? -4.885  -6.905  10.600  1.00 17.80 ? 26  ILE A O   1 
ATOM   22   C CB  . ILE A 1 3   ? -2.405  -5.664  11.937  1.00 18.24 ? 26  ILE A CB  1 
ATOM   23   C CG1 . ILE A 1 3   ? -1.508  -5.361  13.152  1.00 19.82 ? 26  ILE A CG1 1 
ATOM   24   C CG2 . ILE A 1 3   ? -2.116  -4.708  10.775  1.00 20.43 ? 26  ILE A CG2 1 
ATOM   25   C CD1 . ILE A 1 3   ? -0.002  -5.360  12.853  1.00 20.87 ? 26  ILE A CD1 1 
ATOM   26   N N   . ASP A 1 4   ? -5.462  -4.741  10.693  1.00 16.36 ? 27  ASP A N   1 
ATOM   27   C CA  . ASP A 1 4   ? -6.202  -4.748  9.428   1.00 16.24 ? 27  ASP A CA  1 
ATOM   28   C C   . ASP A 1 4   ? -5.336  -4.074  8.373   1.00 14.78 ? 27  ASP A C   1 
ATOM   29   O O   . ASP A 1 4   ? -4.790  -3.006  8.631   1.00 14.13 ? 27  ASP A O   1 
ATOM   30   C CB  . ASP A 1 4   ? -7.491  -3.928  9.522   1.00 17.05 ? 27  ASP A CB  1 
ATOM   31   C CG  . ASP A 1 4   ? -8.626  -4.666  10.258  1.00 22.89 ? 27  ASP A CG  1 
ATOM   32   O OD1 . ASP A 1 4   ? -8.434  -5.818  10.690  1.00 28.97 ? 27  ASP A OD1 1 
ATOM   33   O OD2 . ASP A 1 4   ? -9.706  -4.054  10.415  1.00 30.25 ? 27  ASP A OD2 1 
ATOM   34   N N   . LEU A 1 5   ? -5.254  -4.679  7.194   1.00 13.64 ? 28  LEU A N   1 
ATOM   35   C CA  . LEU A 1 5   ? -4.561  -4.072  6.065   1.00 12.71 ? 28  LEU A CA  1 
ATOM   36   C C   . LEU A 1 5   ? -5.571  -3.853  4.955   1.00 12.35 ? 28  LEU A C   1 
ATOM   37   O O   . LEU A 1 5   ? -6.052  -4.814  4.356   1.00 12.18 ? 28  LEU A O   1 
ATOM   38   C CB  . LEU A 1 5   ? -3.400  -4.977  5.605   1.00 12.81 ? 28  LEU A CB  1 
ATOM   39   C CG  . LEU A 1 5   ? -2.353  -5.262  6.674   1.00 12.42 ? 28  LEU A CG  1 
ATOM   40   C CD1 . LEU A 1 5   ? -1.389  -6.331  6.175   1.00 11.76 ? 28  LEU A CD1 1 
ATOM   41   C CD2 . LEU A 1 5   ? -1.572  -3.985  7.104   1.00 10.66 ? 28  LEU A CD2 1 
ATOM   42   N N   . ASN A 1 6   ? -5.917  -2.599  4.693   1.00 11.37 ? 29  ASN A N   1 
ATOM   43   C CA  . ASN A 1 6   ? -6.861  -2.252  3.616   1.00 11.97 ? 29  ASN A CA  1 
ATOM   44   C C   . ASN A 1 6   ? -6.092  -2.165  2.307   1.00 11.33 ? 29  ASN A C   1 
ATOM   45   O O   . ASN A 1 6   ? -5.105  -1.431  2.225   1.00 11.73 ? 29  ASN A O   1 
ATOM   46   C CB  . ASN A 1 6   ? -7.564  -0.906  3.887   1.00 11.67 ? 29  ASN A CB  1 
ATOM   47   C CG  . ASN A 1 6   ? -8.419  -0.926  5.133   1.00 14.06 ? 29  ASN A CG  1 
ATOM   48   O OD1 . ASN A 1 6   ? -8.807  -1.975  5.623   1.00 15.19 ? 29  ASN A OD1 1 
ATOM   49   N ND2 . ASN A 1 6   ? -8.682  0.248   5.674   1.00 16.77 ? 29  ASN A ND2 1 
ATOM   50   N N   . VAL A 1 7   ? -6.504  -2.919  1.308   1.00 10.78 ? 30  VAL A N   1 
ATOM   51   C CA  . VAL A 1 7   ? -5.748  -2.972  0.035   1.00 11.40 ? 30  VAL A CA  1 
ATOM   52   C C   . VAL A 1 7   ? -6.644  -2.622  -1.153  1.00 12.45 ? 30  VAL A C   1 
ATOM   53   O O   . VAL A 1 7   ? -7.865  -2.889  -1.131  1.00 12.76 ? 30  VAL A O   1 
ATOM   54   C CB  . VAL A 1 7   ? -5.148  -4.368  -0.203  1.00 11.42 ? 30  VAL A CB  1 
ATOM   55   C CG1 . VAL A 1 7   ? -4.236  -4.772  0.988   1.00 11.55 ? 30  VAL A CG1 1 
ATOM   56   C CG2 . VAL A 1 7   ? -6.275  -5.421  -0.316  1.00 12.77 ? 30  VAL A CG2 1 
ATOM   57   N N   . THR A 1 8   ? -6.027  -2.050  -2.187  1.00 11.56 ? 31  THR A N   1 
ATOM   58   C CA  . THR A 1 8   ? -6.714  -1.628  -3.400  1.00 10.96 ? 31  THR A CA  1 
ATOM   59   C C   . THR A 1 8   ? -6.510  -2.595  -4.561  1.00 10.85 ? 31  THR A C   1 
ATOM   60   O O   . THR A 1 8   ? -5.774  -3.561  -4.461  1.00 10.72 ? 31  THR A O   1 
ATOM   61   C CB  . THR A 1 8   ? -6.220  -0.239  -3.869  1.00 10.80 ? 31  THR A CB  1 
ATOM   62   O OG1 . THR A 1 8   ? -4.853  -0.328  -4.323  1.00 9.36  ? 31  THR A OG1 1 
ATOM   63   C CG2 . THR A 1 8   ? -6.340  0.780   -2.737  1.00 11.46 ? 31  THR A CG2 1 
ATOM   64   N N   . CYS A 1 9   ? -7.201  -2.306  -5.655  1.00 10.66 ? 32  CYS A N   1 
ATOM   65   C CA  . CYS A 1 9   ? -6.910  -2.902  -6.976  1.00 11.50 ? 32  CYS A CA  1 
ATOM   66   C C   . CYS A 1 9   ? -5.453  -2.662  -7.282  1.00 11.35 ? 32  CYS A C   1 
ATOM   67   O O   . CYS A 1 9   ? -4.878  -1.679  -6.778  1.00 11.22 ? 32  CYS A O   1 
ATOM   68   C CB  . CYS A 1 9   ? -7.668  -2.095  -8.010  1.00 12.39 ? 32  CYS A CB  1 
ATOM   69   S SG  . CYS A 1 9   ? -9.455  -2.271  -7.878  1.00 19.83 ? 32  CYS A SG  1 
ATOM   70   N N   . ARG A 1 10  ? -4.871  -3.527  -8.122  1.00 10.52 ? 33  ARG A N   1 
ATOM   71   C CA  . ARG A 1 10  ? -3.532  -3.337  -8.635  1.00 9.92  ? 33  ARG A CA  1 
ATOM   72   C C   . ARG A 1 10  ? -3.629  -2.716  -10.019 1.00 10.34 ? 33  ARG A C   1 
ATOM   73   O O   . ARG A 1 10  ? -4.528  -3.046  -10.807 1.00 10.87 ? 33  ARG A O   1 
ATOM   74   C CB  . ARG A 1 10  ? -2.769  -4.666  -8.709  1.00 10.31 ? 33  ARG A CB  1 
ATOM   75   C CG  . ARG A 1 10  ? -2.125  -5.111  -7.391  1.00 9.00  ? 33  ARG A CG  1 
ATOM   76   C CD  . ARG A 1 10  ? -3.133  -5.544  -6.316  1.00 8.51  ? 33  ARG A CD  1 
ATOM   77   N NE  . ARG A 1 10  ? -3.875  -6.712  -6.789  1.00 9.05  ? 33  ARG A NE  1 
ATOM   78   C CZ  . ARG A 1 10  ? -5.155  -6.967  -6.559  1.00 12.30 ? 33  ARG A CZ  1 
ATOM   79   N NH1 . ARG A 1 10  ? -5.672  -8.081  -7.087  1.00 11.93 ? 33  ARG A NH1 1 
ATOM   80   N NH2 . ARG A 1 10  ? -5.904  -6.146  -5.825  1.00 9.75  ? 33  ARG A NH2 1 
ATOM   81   N N   . TYR A 1 11  ? -2.707  -1.811  -10.316 1.00 8.86  ? 34  TYR A N   1 
ATOM   82   C CA  . TYR A 1 11  ? -2.621  -1.230  -11.658 1.00 10.13 ? 34  TYR A CA  1 
ATOM   83   C C   . TYR A 1 11  ? -1.191  -1.343  -12.102 1.00 9.02  ? 34  TYR A C   1 
ATOM   84   O O   . TYR A 1 11  ? -0.306  -0.763  -11.477 1.00 8.89  ? 34  TYR A O   1 
ATOM   85   C CB  . TYR A 1 11  ? -2.968  0.258   -11.597 1.00 9.66  ? 34  TYR A CB  1 
ATOM   86   C CG  . TYR A 1 11  ? -4.413  0.478   -11.336 1.00 13.03 ? 34  TYR A CG  1 
ATOM   87   C CD1 . TYR A 1 11  ? -5.298  0.720   -12.387 1.00 14.12 ? 34  TYR A CD1 1 
ATOM   88   C CD2 . TYR A 1 11  ? -4.914  0.405   -10.034 1.00 16.14 ? 34  TYR A CD2 1 
ATOM   89   C CE1 . TYR A 1 11  ? -6.648  0.926   -12.133 1.00 19.01 ? 34  TYR A CE1 1 
ATOM   90   C CE2 . TYR A 1 11  ? -6.256  0.591   -9.777  1.00 20.94 ? 34  TYR A CE2 1 
ATOM   91   C CZ  . TYR A 1 11  ? -7.114  0.857   -10.827 1.00 21.38 ? 34  TYR A CZ  1 
ATOM   92   O OH  . TYR A 1 11  ? -8.453  1.045   -10.554 1.00 27.57 ? 34  TYR A OH  1 
ATOM   93   N N   . ALA A 1 12  ? -0.948  -2.083  -13.177 1.00 9.23  ? 35  ALA A N   1 
ATOM   94   C CA  . ALA A 1 12  ? 0.421   -2.432  -13.544 1.00 8.92  ? 35  ALA A CA  1 
ATOM   95   C C   . ALA A 1 12  ? 1.221   -2.907  -12.310 1.00 9.09  ? 35  ALA A C   1 
ATOM   96   O O   . ALA A 1 12  ? 2.391   -2.550  -12.125 1.00 10.08 ? 35  ALA A O   1 
ATOM   97   C CB  . ALA A 1 12  ? 1.105   -1.230  -14.254 1.00 8.10  ? 35  ALA A CB  1 
ATOM   98   N N   . GLY A 1 13  ? 0.564   -3.685  -11.448 1.00 8.97  ? 36  GLY A N   1 
ATOM   99   C CA  . GLY A 1 13  ? 1.253   -4.296  -10.300 1.00 8.37  ? 36  GLY A CA  1 
ATOM   100  C C   . GLY A 1 13  ? 1.318   -3.412  -9.063  1.00 8.20  ? 36  GLY A C   1 
ATOM   101  O O   . GLY A 1 13  ? 1.707   -3.880  -7.989  1.00 10.01 ? 36  GLY A O   1 
ATOM   102  N N   . VAL A 1 14  ? 0.972   -2.141  -9.205  1.00 8.47  ? 37  VAL A N   1 
ATOM   103  C CA  . VAL A 1 14  ? 1.036   -1.184  -8.088  1.00 8.02  ? 37  VAL A CA  1 
ATOM   104  C C   . VAL A 1 14  ? -0.301  -1.126  -7.306  1.00 8.69  ? 37  VAL A C   1 
ATOM   105  O O   . VAL A 1 14  ? -1.366  -0.980  -7.896  1.00 8.92  ? 37  VAL A O   1 
ATOM   106  C CB  . VAL A 1 14  ? 1.410   0.243   -8.579  1.00 9.01  ? 37  VAL A CB  1 
ATOM   107  C CG1 . VAL A 1 14  ? 1.508   1.234   -7.385  1.00 8.69  ? 37  VAL A CG1 1 
ATOM   108  C CG2 . VAL A 1 14  ? 2.755   0.214   -9.313  1.00 8.41  ? 37  VAL A CG2 1 
ATOM   109  N N   . PHE A 1 15  ? -0.236  -1.206  -5.978  1.00 9.12  ? 38  PHE A N   1 
ATOM   110  C CA  . PHE A 1 15  ? -1.440  -1.043  -5.145  1.00 9.13  ? 38  PHE A CA  1 
ATOM   111  C C   . PHE A 1 15  ? -1.143  -0.237  -3.914  1.00 9.37  ? 38  PHE A C   1 
ATOM   112  O O   . PHE A 1 15  ? 0.017   0.007   -3.571  1.00 9.08  ? 38  PHE A O   1 
ATOM   113  C CB  . PHE A 1 15  ? -2.083  -2.383  -4.745  1.00 8.42  ? 38  PHE A CB  1 
ATOM   114  C CG  . PHE A 1 15  ? -1.158  -3.334  -4.001  1.00 10.52 ? 38  PHE A CG  1 
ATOM   115  C CD1 . PHE A 1 15  ? -1.411  -3.667  -2.670  1.00 11.06 ? 38  PHE A CD1 1 
ATOM   116  C CD2 . PHE A 1 15  ? -0.076  -3.956  -4.647  1.00 10.05 ? 38  PHE A CD2 1 
ATOM   117  C CE1 . PHE A 1 15  ? -0.601  -4.573  -1.991  1.00 9.44  ? 38  PHE A CE1 1 
ATOM   118  C CE2 . PHE A 1 15  ? 0.745   -4.861  -3.973  1.00 9.65  ? 38  PHE A CE2 1 
ATOM   119  C CZ  . PHE A 1 15  ? 0.485   -5.167  -2.633  1.00 11.35 ? 38  PHE A CZ  1 
ATOM   120  N N   . HIS A 1 16  ? -2.221  0.190   -3.265  1.00 9.48  ? 39  HIS A N   1 
ATOM   121  C CA  . HIS A 1 16  ? -2.139  1.009   -2.037  1.00 9.82  ? 39  HIS A CA  1 
ATOM   122  C C   . HIS A 1 16  ? -2.519  0.127   -0.826  1.00 9.86  ? 39  HIS A C   1 
ATOM   123  O O   . HIS A 1 16  ? -3.455  -0.686  -0.908  1.00 9.39  ? 39  HIS A O   1 
ATOM   124  C CB  . HIS A 1 16  ? -3.068  2.218   -2.207  1.00 9.70  ? 39  HIS A CB  1 
ATOM   125  C CG  . HIS A 1 16  ? -3.318  2.995   -0.958  1.00 13.58 ? 39  HIS A CG  1 
ATOM   126  N ND1 . HIS A 1 16  ? -4.563  3.049   -0.358  1.00 18.62 ? 39  HIS A ND1 1 
ATOM   127  C CD2 . HIS A 1 16  ? -2.509  3.783   -0.214  1.00 14.44 ? 39  HIS A CD2 1 
ATOM   128  C CE1 . HIS A 1 16  ? -4.501  3.826   0.713   1.00 16.72 ? 39  HIS A CE1 1 
ATOM   129  N NE2 . HIS A 1 16  ? -3.265  4.282   0.825   1.00 13.98 ? 39  HIS A NE2 1 
ATOM   130  N N   . VAL A 1 17  ? -1.761  0.255   0.265   1.00 9.27  ? 40  VAL A N   1 
ATOM   131  C CA  . VAL A 1 17  ? -2.050  -0.456  1.507   1.00 10.32 ? 40  VAL A CA  1 
ATOM   132  C C   . VAL A 1 17  ? -2.109  0.558   2.627   1.00 10.35 ? 40  VAL A C   1 
ATOM   133  O O   . VAL A 1 17  ? -1.184  1.361   2.785   1.00 9.93  ? 40  VAL A O   1 
ATOM   134  C CB  . VAL A 1 17  ? -0.944  -1.472  1.876   1.00 9.30  ? 40  VAL A CB  1 
ATOM   135  C CG1 . VAL A 1 17  ? -1.399  -2.330  3.109   1.00 11.93 ? 40  VAL A CG1 1 
ATOM   136  C CG2 . VAL A 1 17  ? -0.617  -2.387  0.677   1.00 11.51 ? 40  VAL A CG2 1 
ATOM   137  N N   . GLU A 1 18  ? -3.185  0.474   3.414   1.00 10.66 ? 41  GLU A N   1 
ATOM   138  C CA  . GLU A 1 18  ? -3.432  1.337   4.576   1.00 12.29 ? 41  GLU A CA  1 
ATOM   139  C C   . GLU A 1 18  ? -3.523  0.448   5.811   1.00 12.30 ? 41  GLU A C   1 
ATOM   140  O O   . GLU A 1 18  ? -4.239  -0.553  5.780   1.00 12.21 ? 41  GLU A O   1 
ATOM   141  C CB  . GLU A 1 18  ? -4.776  1.967   4.289   1.00 13.40 ? 41  GLU A CB  1 
ATOM   142  C CG  . GLU A 1 18  ? -5.457  2.755   5.296   1.00 18.36 ? 41  GLU A CG  1 
ATOM   143  C CD  . GLU A 1 18  ? -6.670  3.350   4.635   1.00 21.33 ? 41  GLU A CD  1 
ATOM   144  O OE1 . GLU A 1 18  ? -6.516  4.453   4.086   1.00 21.86 ? 41  GLU A OE1 1 
ATOM   145  O OE2 . GLU A 1 18  ? -7.742  2.669   4.570   1.00 21.14 ? 41  GLU A OE2 1 
ATOM   146  N N   . LYS A 1 19  ? -2.852  0.808   6.902   1.00 12.15 ? 42  LYS A N   1 
ATOM   147  C CA  . LYS A 1 19  ? -2.936  -0.010  8.117   1.00 13.47 ? 42  LYS A CA  1 
ATOM   148  C C   . LYS A 1 19  ? -3.969  0.550   9.076   1.00 14.10 ? 42  LYS A C   1 
ATOM   149  O O   . LYS A 1 19  ? -3.880  1.711   9.471   1.00 13.71 ? 42  LYS A O   1 
ATOM   150  C CB  . LYS A 1 19  ? -1.575  -0.092  8.791   1.00 13.18 ? 42  LYS A CB  1 
ATOM   151  C CG  . LYS A 1 19  ? -1.504  -0.980  10.009  1.00 16.69 ? 42  LYS A CG  1 
ATOM   152  C CD  . LYS A 1 19  ? -0.188  -0.730  10.673  1.00 19.60 ? 42  LYS A CD  1 
ATOM   153  C CE  . LYS A 1 19  ? -0.052  -1.570  11.932  1.00 23.68 ? 42  LYS A CE  1 
ATOM   154  N NZ  . LYS A 1 19  ? 1.202   -1.162  12.632  1.00 27.73 ? 42  LYS A NZ  1 
ATOM   155  N N   . ASN A 1 20  ? -4.938  -0.294  9.457   1.00 14.91 ? 43  ASN A N   1 
ATOM   156  C CA  . ASN A 1 20  ? -6.026  0.085   10.363  1.00 16.35 ? 43  ASN A CA  1 
ATOM   157  C C   . ASN A 1 20  ? -6.827  1.322   9.919   1.00 16.66 ? 43  ASN A C   1 
ATOM   158  O O   . ASN A 1 20  ? -7.432  1.993   10.755  1.00 18.01 ? 43  ASN A O   1 
ATOM   159  C CB  . ASN A 1 20  ? -5.468  0.233   11.792  1.00 16.85 ? 43  ASN A CB  1 
ATOM   160  C CG  . ASN A 1 20  ? -4.951  -1.090  12.349  1.00 18.68 ? 43  ASN A CG  1 
ATOM   161  O OD1 . ASN A 1 20  ? -5.558  -2.144  12.116  1.00 18.02 ? 43  ASN A OD1 1 
ATOM   162  N ND2 . ASN A 1 20  ? -3.819  -1.048  13.067  1.00 16.84 ? 43  ASN A ND2 1 
ATOM   163  N N   . GLY A 1 21  ? -6.821  1.614   8.619   1.00 16.09 ? 44  GLY A N   1 
ATOM   164  C CA  . GLY A 1 21  ? -7.604  2.705   8.057   1.00 16.02 ? 44  GLY A CA  1 
ATOM   165  C C   . GLY A 1 21  ? -7.176  4.112   8.460   1.00 16.73 ? 44  GLY A C   1 
ATOM   166  O O   . GLY A 1 21  ? -7.987  5.039   8.394   1.00 16.25 ? 44  GLY A O   1 
ATOM   167  N N   . ARG A 1 22  ? -5.925  4.282   8.874   1.00 16.17 ? 45  ARG A N   1 
ATOM   168  C CA  . ARG A 1 22  ? -5.405  5.603   9.233   1.00 15.88 ? 45  ARG A CA  1 
ATOM   169  C C   . ARG A 1 22  ? -3.911  5.667   8.894   1.00 14.68 ? 45  ARG A C   1 
ATOM   170  O O   . ARG A 1 22  ? -3.244  4.639   8.804   1.00 14.87 ? 45  ARG A O   1 
ATOM   171  C CB  . ARG A 1 22  ? -5.650  5.882   10.736  1.00 17.07 ? 45  ARG A CB  1 
ATOM   172  C CG  . ARG A 1 22  ? -5.019  4.856   11.685  1.00 20.22 ? 45  ARG A CG  1 
ATOM   173  C CD  . ARG A 1 22  ? -5.477  5.076   13.138  1.00 27.22 ? 45  ARG A CD  1 
ATOM   174  N NE  . ARG A 1 22  ? -4.731  4.222   14.076  1.00 31.50 ? 45  ARG A NE  1 
ATOM   175  C CZ  . ARG A 1 22  ? -5.208  3.131   14.686  1.00 34.25 ? 45  ARG A CZ  1 
ATOM   176  N NH1 . ARG A 1 22  ? -6.456  2.701   14.479  1.00 34.55 ? 45  ARG A NH1 1 
ATOM   177  N NH2 . ARG A 1 22  ? -4.424  2.451   15.516  1.00 36.51 ? 45  ARG A NH2 1 
ATOM   178  N N   . TYR A 1 23  ? -3.376  6.863   8.724   1.00 13.34 ? 46  TYR A N   1 
ATOM   179  C CA  . TYR A 1 23  ? -1.937  6.985   8.482   1.00 12.91 ? 46  TYR A CA  1 
ATOM   180  C C   . TYR A 1 23  ? -1.159  6.444   9.668   1.00 12.44 ? 46  TYR A C   1 
ATOM   181  O O   . TYR A 1 23  ? -1.215  7.031   10.756  1.00 13.43 ? 46  TYR A O   1 
ATOM   182  C CB  . TYR A 1 23  ? -1.564  8.462   8.263   1.00 12.41 ? 46  TYR A CB  1 
ATOM   183  C CG  . TYR A 1 23  ? -2.068  9.037   6.961   1.00 11.29 ? 46  TYR A CG  1 
ATOM   184  C CD1 . TYR A 1 23  ? -1.751  8.435   5.734   1.00 8.30  ? 46  TYR A CD1 1 
ATOM   185  C CD2 . TYR A 1 23  ? -2.830  10.210  6.946   1.00 10.99 ? 46  TYR A CD2 1 
ATOM   186  C CE1 . TYR A 1 23  ? -2.211  8.986   4.534   1.00 8.74  ? 46  TYR A CE1 1 
ATOM   187  C CE2 . TYR A 1 23  ? -3.272  10.771  5.741   1.00 10.08 ? 46  TYR A CE2 1 
ATOM   188  C CZ  . TYR A 1 23  ? -2.949  10.136  4.536   1.00 9.21  ? 46  TYR A CZ  1 
ATOM   189  O OH  . TYR A 1 23  ? -3.381  10.698  3.349   1.00 9.73  ? 46  TYR A OH  1 
ATOM   190  N N   . SER A 1 24  ? -0.423  5.355   9.498   1.00 12.21 ? 47  SER A N   1 
ATOM   191  C CA  . SER A 1 24  ? 0.196   4.716   10.651  1.00 11.98 ? 47  SER A CA  1 
ATOM   192  C C   . SER A 1 24  ? 1.375   3.823   10.354  1.00 12.28 ? 47  SER A C   1 
ATOM   193  O O   . SER A 1 24  ? 1.817   3.044   11.232  1.00 11.97 ? 47  SER A O   1 
ATOM   194  C CB  . SER A 1 24  ? -0.838  3.913   11.432  1.00 13.24 ? 47  SER A CB  1 
ATOM   195  O OG  . SER A 1 24  ? -1.455  2.944   10.599  1.00 14.02 ? 47  SER A OG  1 
ATOM   196  N N   . ILE A 1 25  ? 1.891   3.949   9.134   1.00 12.12 ? 48  ILE A N   1 
ATOM   197  C CA  . ILE A 1 25  ? 3.027   3.164   8.676   1.00 11.96 ? 48  ILE A CA  1 
ATOM   198  C C   . ILE A 1 25  ? 4.298   4.011   8.539   1.00 11.68 ? 48  ILE A C   1 
ATOM   199  O O   . ILE A 1 25  ? 4.322   5.006   7.817   1.00 10.91 ? 48  ILE A O   1 
ATOM   200  C CB  . ILE A 1 25  ? 2.736   2.482   7.321   1.00 11.50 ? 48  ILE A CB  1 
ATOM   201  C CG1 . ILE A 1 25  ? 1.411   1.669   7.363   1.00 10.59 ? 48  ILE A CG1 1 
ATOM   202  C CG2 . ILE A 1 25  ? 3.904   1.573   6.947   1.00 13.39 ? 48  ILE A CG2 1 
ATOM   203  C CD1 . ILE A 1 25  ? 0.863   1.180   5.922   1.00 10.29 ? 48  ILE A CD1 1 
ATOM   204  N N   . SER A 1 26  ? 5.358   3.590   9.221   1.00 11.96 ? 49  SER A N   1 
ATOM   205  C CA  . SER A 1 26  ? 6.671   4.251   9.090   1.00 12.73 ? 49  SER A CA  1 
ATOM   206  C C   . SER A 1 26  ? 7.384   3.759   7.824   1.00 13.19 ? 49  SER A C   1 
ATOM   207  O O   . SER A 1 26  ? 7.001   2.751   7.246   1.00 12.03 ? 49  SER A O   1 
ATOM   208  C CB  . SER A 1 26  ? 7.542   3.928   10.287  1.00 13.70 ? 49  SER A CB  1 
ATOM   209  O OG  . SER A 1 26  ? 7.921   2.553   10.224  1.00 16.49 ? 49  SER A OG  1 
ATOM   210  N N   . ARG A 1 27  ? 8.456   4.432   7.429   1.00 13.21 ? 50  ARG A N   1 
ATOM   211  C CA  . ARG A 1 27  ? 9.151   4.036   6.199   1.00 13.52 ? 50  ARG A CA  1 
ATOM   212  C C   . ARG A 1 27  ? 9.725   2.609   6.317   1.00 13.79 ? 50  ARG A C   1 
ATOM   213  O O   . ARG A 1 27  ? 9.661   1.823   5.360   1.00 14.00 ? 50  ARG A O   1 
ATOM   214  C CB  . ARG A 1 27  ? 10.230  5.057   5.845   1.00 14.41 ? 50  ARG A CB  1 
ATOM   215  C CG  . ARG A 1 27  ? 11.054  4.705   4.608   1.00 17.85 ? 50  ARG A CG  1 
ATOM   216  C CD  . ARG A 1 27  ? 10.225  4.617   3.328   1.00 23.75 ? 50  ARG A CD  1 
ATOM   217  N NE  . ARG A 1 27  ? 11.061  4.385   2.143   1.00 28.88 ? 50  ARG A NE  1 
ATOM   218  C CZ  . ARG A 1 27  ? 11.709  3.243   1.897   1.00 31.03 ? 50  ARG A CZ  1 
ATOM   219  N NH1 . ARG A 1 27  ? 11.623  2.223   2.753   1.00 31.59 ? 50  ARG A NH1 1 
ATOM   220  N NH2 . ARG A 1 27  ? 12.455  3.110   0.803   1.00 31.62 ? 50  ARG A NH2 1 
ATOM   221  N N   . THR A 1 28  ? 10.247  2.258   7.489   1.00 13.79 ? 51  THR A N   1 
ATOM   222  C CA  . THR A 1 28  ? 10.747  0.890   7.692   1.00 14.66 ? 51  THR A CA  1 
ATOM   223  C C   . THR A 1 28  ? 9.646   -0.164  7.689   1.00 14.17 ? 51  THR A C   1 
ATOM   224  O O   . THR A 1 28  ? 9.825   -1.246  7.132   1.00 13.66 ? 51  THR A O   1 
ATOM   225  C CB  . THR A 1 28  ? 11.628  0.766   8.933   1.00 15.77 ? 51  THR A CB  1 
ATOM   226  O OG1 . THR A 1 28  ? 10.917  1.239   10.081  1.00 18.22 ? 51  THR A OG1 1 
ATOM   227  C CG2 . THR A 1 28  ? 12.888  1.605   8.739   1.00 18.33 ? 51  THR A CG2 1 
ATOM   228  N N   . GLU A 1 29  ? 8.509   0.153   8.293   1.00 12.90 ? 52  GLU A N   1 
ATOM   229  C CA  . GLU A 1 29  ? 7.371   -0.750  8.290   1.00 13.65 ? 52  GLU A CA  1 
ATOM   230  C C   . GLU A 1 29  ? 6.816   -0.943  6.880   1.00 13.25 ? 52  GLU A C   1 
ATOM   231  O O   . GLU A 1 29  ? 6.347   -2.022  6.542   1.00 12.84 ? 52  GLU A O   1 
ATOM   232  C CB  . GLU A 1 29  ? 6.271   -0.292  9.257   1.00 13.77 ? 52  GLU A CB  1 
ATOM   233  C CG  . GLU A 1 29  ? 5.061   -1.276  9.303   1.00 16.12 ? 52  GLU A CG  1 
ATOM   234  C CD  . GLU A 1 29  ? 4.145   -1.146  10.528  1.00 21.37 ? 52  GLU A CD  1 
ATOM   235  O OE1 . GLU A 1 29  ? 4.475   -0.430  11.496  1.00 26.83 ? 52  GLU A OE1 1 
ATOM   236  O OE2 . GLU A 1 29  ? 3.080   -1.793  10.554  1.00 22.36 ? 52  GLU A OE2 1 
ATOM   237  N N   . ALA A 1 30  ? 6.868   0.119   6.069   1.00 12.29 ? 53  ALA A N   1 
ATOM   238  C CA  . ALA A 1 30  ? 6.366   0.076   4.696   1.00 12.51 ? 53  ALA A CA  1 
ATOM   239  C C   . ALA A 1 30  ? 7.153   -0.945  3.869   1.00 11.98 ? 53  ALA A C   1 
ATOM   240  O O   . ALA A 1 30  ? 6.556   -1.752  3.142   1.00 10.39 ? 53  ALA A O   1 
ATOM   241  C CB  . ALA A 1 30  ? 6.409   1.484   4.057   1.00 11.82 ? 53  ALA A CB  1 
ATOM   242  N N   . ALA A 1 31  ? 8.482   -0.932  4.011   1.00 12.24 ? 54  ALA A N   1 
ATOM   243  C CA  . ALA A 1 31  ? 9.362   -1.896  3.339   1.00 12.92 ? 54  ALA A CA  1 
ATOM   244  C C   . ALA A 1 31  ? 9.000   -3.334  3.755   1.00 13.60 ? 54  ALA A C   1 
ATOM   245  O O   . ALA A 1 31  ? 8.863   -4.222  2.893   1.00 14.06 ? 54  ALA A O   1 
ATOM   246  C CB  . ALA A 1 31  ? 10.819  -1.591  3.649   1.00 13.21 ? 54  ALA A CB  1 
ATOM   247  N N   . ASP A 1 32  ? 8.817   -3.545  5.067   1.00 14.03 ? 55  ASP A N   1 
ATOM   248  C CA  . ASP A 1 32  ? 8.473   -4.875  5.616   1.00 13.80 ? 55  ASP A CA  1 
ATOM   249  C C   . ASP A 1 32  ? 7.108   -5.329  5.128   1.00 13.18 ? 55  ASP A C   1 
ATOM   250  O O   . ASP A 1 32  ? 6.908   -6.506  4.777   1.00 11.65 ? 55  ASP A O   1 
ATOM   251  C CB  . ASP A 1 32  ? 8.491   -4.857  7.136   1.00 14.50 ? 55  ASP A CB  1 
ATOM   252  C CG  . ASP A 1 32  ? 9.898   -4.789  7.709   1.00 18.89 ? 55  ASP A CG  1 
ATOM   253  O OD1 . ASP A 1 32  ? 10.867  -4.970  6.941   1.00 21.35 ? 55  ASP A OD1 1 
ATOM   254  O OD2 . ASP A 1 32  ? 10.023  -4.553  8.932   1.00 21.58 ? 55  ASP A OD2 1 
ATOM   255  N N   . LEU A 1 33  ? 6.166   -4.390  5.084   1.00 12.83 ? 56  LEU A N   1 
ATOM   256  C CA  . LEU A 1 33  ? 4.837   -4.702  4.597   1.00 12.84 ? 56  LEU A CA  1 
ATOM   257  C C   . LEU A 1 33  ? 4.846   -5.129  3.132   1.00 12.49 ? 56  LEU A C   1 
ATOM   258  O O   . LEU A 1 33  ? 4.255   -6.155  2.796   1.00 11.98 ? 56  LEU A O   1 
ATOM   259  C CB  . LEU A 1 33  ? 3.914   -3.494  4.803   1.00 12.74 ? 56  LEU A CB  1 
ATOM   260  C CG  . LEU A 1 33  ? 2.418   -3.747  4.618   1.00 16.23 ? 56  LEU A CG  1 
ATOM   261  C CD1 . LEU A 1 33  ? 2.013   -4.998  5.423   1.00 18.55 ? 56  LEU A CD1 1 
ATOM   262  C CD2 . LEU A 1 33  ? 1.627   -2.509  5.080   1.00 18.29 ? 56  LEU A CD2 1 
ATOM   263  N N   . CYS A 1 34  ? 5.514   -4.358  2.256   1.00 11.93 ? 57  CYS A N   1 
ATOM   264  C CA  . CYS A 1 34  ? 5.577   -4.778  0.856   1.00 12.65 ? 57  CYS A CA  1 
ATOM   265  C C   . CYS A 1 34  ? 6.246   -6.140  0.737   1.00 12.57 ? 57  CYS A C   1 
ATOM   266  O O   . CYS A 1 34  ? 5.786   -6.969  -0.050  1.00 12.61 ? 57  CYS A O   1 
ATOM   267  C CB  . CYS A 1 34  ? 6.257   -3.762  -0.067  1.00 13.63 ? 57  CYS A CB  1 
ATOM   268  S SG  . CYS A 1 34  ? 5.360   -2.189  -0.134  1.00 15.29 ? 57  CYS A SG  1 
ATOM   269  N N   A GLN A 1 35  ? 7.305   -6.373  1.508   0.50 12.65 ? 58  GLN A N   1 
ATOM   270  N N   B GLN A 1 35  ? 7.310   -6.361  1.512   0.50 12.67 ? 58  GLN A N   1 
ATOM   271  C CA  A GLN A 1 35  ? 7.966   -7.689  1.474   0.50 13.28 ? 58  GLN A CA  1 
ATOM   272  C CA  B GLN A 1 35  ? 8.009   -7.664  1.529   0.50 13.38 ? 58  GLN A CA  1 
ATOM   273  C C   A GLN A 1 35  ? 7.017   -8.847  1.816   0.50 13.05 ? 58  GLN A C   1 
ATOM   274  C C   B GLN A 1 35  ? 7.071   -8.847  1.862   0.50 13.10 ? 58  GLN A C   1 
ATOM   275  O O   A GLN A 1 35  ? 7.041   -9.906  1.169   0.50 12.25 ? 58  GLN A O   1 
ATOM   276  O O   B GLN A 1 35  ? 7.147   -9.917  1.238   0.50 12.43 ? 58  GLN A O   1 
ATOM   277  C CB  A GLN A 1 35  ? 9.187   -7.733  2.384   0.50 13.64 ? 58  GLN A CB  1 
ATOM   278  C CB  B GLN A 1 35  ? 9.212   -7.628  2.483   0.50 13.72 ? 58  GLN A CB  1 
ATOM   279  C CG  A GLN A 1 35  ? 9.818   -9.112  2.420   0.50 16.57 ? 58  GLN A CG  1 
ATOM   280  C CG  B GLN A 1 35  ? 9.856   -8.991  2.738   0.50 16.93 ? 58  GLN A CG  1 
ATOM   281  C CD  A GLN A 1 35  ? 11.201  -9.076  2.987   0.50 18.84 ? 58  GLN A CD  1 
ATOM   282  C CD  B GLN A 1 35  ? 10.473  -9.591  1.489   0.50 18.96 ? 58  GLN A CD  1 
ATOM   283  O OE1 A GLN A 1 35  ? 12.166  -9.359  2.284   0.50 20.68 ? 58  GLN A OE1 1 
ATOM   284  O OE1 B GLN A 1 35  ? 10.650  -10.807 1.401   0.50 20.75 ? 58  GLN A OE1 1 
ATOM   285  N NE2 A GLN A 1 35  ? 11.313  -8.720  4.264   0.50 19.08 ? 58  GLN A NE2 1 
ATOM   286  N NE2 B GLN A 1 35  ? 10.807  -8.741  0.517   0.50 19.47 ? 58  GLN A NE2 1 
ATOM   287  N N   . ALA A 1 36  ? 6.170   -8.630  2.819   1.00 12.72 ? 59  ALA A N   1 
ATOM   288  C CA  . ALA A 1 36  ? 5.133   -9.599  3.188   1.00 12.80 ? 59  ALA A CA  1 
ATOM   289  C C   . ALA A 1 36  ? 4.149   -9.941  2.067   1.00 12.48 ? 59  ALA A C   1 
ATOM   290  O O   . ALA A 1 36  ? 3.594   -11.044 2.042   1.00 12.97 ? 59  ALA A O   1 
ATOM   291  C CB  . ALA A 1 36  ? 4.339   -9.070  4.402   1.00 12.78 ? 59  ALA A CB  1 
ATOM   292  N N   . PHE A 1 37  ? 3.901   -8.976  1.178   1.00 12.21 ? 60  PHE A N   1 
ATOM   293  C CA  . PHE A 1 37  ? 3.148   -9.208  -0.034  1.00 12.91 ? 60  PHE A CA  1 
ATOM   294  C C   . PHE A 1 37  ? 3.979   -9.683  -1.247  1.00 13.12 ? 60  PHE A C   1 
ATOM   295  O O   . PHE A 1 37  ? 3.512   -9.579  -2.382  1.00 14.08 ? 60  PHE A O   1 
ATOM   296  C CB  . PHE A 1 37  ? 2.461   -7.897  -0.453  1.00 12.12 ? 60  PHE A CB  1 
ATOM   297  C CG  . PHE A 1 37  ? 1.246   -7.559  0.351   1.00 11.21 ? 60  PHE A CG  1 
ATOM   298  C CD1 . PHE A 1 37  ? 0.075   -8.302  0.212   1.00 12.28 ? 60  PHE A CD1 1 
ATOM   299  C CD2 . PHE A 1 37  ? 1.278   -6.482  1.249   1.00 12.45 ? 60  PHE A CD2 1 
ATOM   300  C CE1 . PHE A 1 37  ? -1.066  -7.974  0.943   1.00 12.14 ? 60  PHE A CE1 1 
ATOM   301  C CE2 . PHE A 1 37  ? 0.151   -6.151  2.014   1.00 11.70 ? 60  PHE A CE2 1 
ATOM   302  C CZ  . PHE A 1 37  ? -1.030  -6.895  1.859   1.00 12.73 ? 60  PHE A CZ  1 
ATOM   303  N N   A ASN A 1 38  ? 5.198   -10.169 -1.005  0.50 13.79 ? 61  ASN A N   1 
ATOM   304  N N   B ASN A 1 38  ? 5.198   -10.156 -1.011  0.50 14.07 ? 61  ASN A N   1 
ATOM   305  C CA  A ASN A 1 38  ? 6.162   -10.476 -2.074  0.50 14.10 ? 61  ASN A CA  1 
ATOM   306  C CA  B ASN A 1 38  ? 6.105   -10.490 -2.103  0.50 14.72 ? 61  ASN A CA  1 
ATOM   307  C C   A ASN A 1 38  ? 6.261   -9.335  -3.087  0.50 14.36 ? 61  ASN A C   1 
ATOM   308  C C   B ASN A 1 38  ? 6.222   -9.331  -3.094  0.50 14.67 ? 61  ASN A C   1 
ATOM   309  O O   A ASN A 1 38  ? 6.312   -9.556  -4.309  0.50 14.70 ? 61  ASN A O   1 
ATOM   310  O O   B ASN A 1 38  ? 6.243   -9.538  -4.319  0.50 15.00 ? 61  ASN A O   1 
ATOM   311  C CB  A ASN A 1 38  ? 5.820   -11.808 -2.762  0.50 14.53 ? 61  ASN A CB  1 
ATOM   312  C CB  B ASN A 1 38  ? 5.616   -11.739 -2.845  0.50 15.26 ? 61  ASN A CB  1 
ATOM   313  C CG  A ASN A 1 38  ? 6.329   -12.998 -1.980  0.50 14.61 ? 61  ASN A CG  1 
ATOM   314  C CG  B ASN A 1 38  ? 6.679   -12.317 -3.719  0.50 17.43 ? 61  ASN A CG  1 
ATOM   315  O OD1 A ASN A 1 38  ? 7.372   -12.916 -1.331  0.50 17.99 ? 61  ASN A OD1 1 
ATOM   316  O OD1 B ASN A 1 38  ? 7.862   -12.248 -3.378  0.50 21.99 ? 61  ASN A OD1 1 
ATOM   317  N ND2 A ASN A 1 38  ? 5.591   -14.102 -2.016  0.50 17.05 ? 61  ASN A ND2 1 
ATOM   318  N ND2 B ASN A 1 38  ? 6.286   -12.888 -4.853  0.50 19.40 ? 61  ASN A ND2 1 
ATOM   319  N N   . SER A 1 39  ? 6.287   -8.115  -2.554  1.00 14.09 ? 62  SER A N   1 
ATOM   320  C CA  . SER A 1 39  ? 6.276   -6.888  -3.357  1.00 13.30 ? 62  SER A CA  1 
ATOM   321  C C   . SER A 1 39  ? 7.403   -5.983  -2.880  1.00 13.05 ? 62  SER A C   1 
ATOM   322  O O   . SER A 1 39  ? 8.049   -6.268  -1.872  1.00 13.07 ? 62  SER A O   1 
ATOM   323  C CB  . SER A 1 39  ? 4.904   -6.207  -3.194  1.00 12.65 ? 62  SER A CB  1 
ATOM   324  O OG  . SER A 1 39  ? 3.882   -7.057  -3.718  1.00 14.33 ? 62  SER A OG  1 
ATOM   325  N N   . THR A 1 40  ? 7.657   -4.895  -3.606  1.00 12.36 ? 63  THR A N   1 
ATOM   326  C CA  . THR A 1 40  ? 8.665   -3.907  -3.216  1.00 12.93 ? 63  THR A CA  1 
ATOM   327  C C   . THR A 1 40  ? 8.012   -2.524  -3.227  1.00 11.75 ? 63  THR A C   1 
ATOM   328  O O   . THR A 1 40  ? 6.932   -2.348  -3.785  1.00 12.17 ? 63  THR A O   1 
ATOM   329  C CB  . THR A 1 40  ? 9.844   -3.910  -4.199  1.00 13.23 ? 63  THR A CB  1 
ATOM   330  O OG1 . THR A 1 40  ? 9.350   -3.823  -5.547  1.00 15.67 ? 63  THR A OG1 1 
ATOM   331  C CG2 . THR A 1 40  ? 10.670  -5.199  -4.064  1.00 16.40 ? 63  THR A CG2 1 
ATOM   332  N N   . LEU A 1 41  ? 8.669   -1.520  -2.649  1.00 12.15 ? 64  LEU A N   1 
ATOM   333  C CA  . LEU A 1 41  ? 8.154   -0.167  -2.819  1.00 12.12 ? 64  LEU A CA  1 
ATOM   334  C C   . LEU A 1 41  ? 8.339   0.236   -4.262  1.00 11.34 ? 64  LEU A C   1 
ATOM   335  O O   . LEU A 1 41  ? 9.427   0.030   -4.805  1.00 10.70 ? 64  LEU A O   1 
ATOM   336  C CB  . LEU A 1 41  ? 8.918   0.803   -1.925  1.00 12.89 ? 64  LEU A CB  1 
ATOM   337  C CG  . LEU A 1 41  ? 8.645   0.786   -0.422  1.00 15.90 ? 64  LEU A CG  1 
ATOM   338  C CD1 . LEU A 1 41  ? 7.246   1.313   -0.123  1.00 18.76 ? 64  LEU A CD1 1 
ATOM   339  C CD2 . LEU A 1 41  ? 8.858   -0.519  0.218   1.00 22.25 ? 64  LEU A CD2 1 
ATOM   340  N N   . PRO A 1 42  ? 7.306   0.845   -4.886  1.00 10.87 ? 65  PRO A N   1 
ATOM   341  C CA  . PRO A 1 42  ? 7.475   1.158   -6.304  1.00 10.74 ? 65  PRO A CA  1 
ATOM   342  C C   . PRO A 1 42  ? 8.475   2.270   -6.598  1.00 10.25 ? 65  PRO A C   1 
ATOM   343  O O   . PRO A 1 42  ? 8.717   3.166   -5.771  1.00 10.24 ? 65  PRO A O   1 
ATOM   344  C CB  . PRO A 1 42  ? 6.078   1.604   -6.781  1.00 11.64 ? 65  PRO A CB  1 
ATOM   345  C CG  . PRO A 1 42  ? 5.126   1.422   -5.598  1.00 12.17 ? 65  PRO A CG  1 
ATOM   346  C CD  . PRO A 1 42  ? 5.946   1.113   -4.372  1.00 11.17 ? 65  PRO A CD  1 
ATOM   347  N N   . THR A 1 43  ? 9.078   2.211   -7.776  1.00 10.44 ? 66  THR A N   1 
ATOM   348  C CA  . THR A 1 43  ? 9.831   3.363   -8.285  1.00 10.57 ? 66  THR A CA  1 
ATOM   349  C C   . THR A 1 43  ? 8.849   4.397   -8.829  1.00 10.39 ? 66  THR A C   1 
ATOM   350  O O   . THR A 1 43  ? 7.677   4.083   -9.031  1.00 10.50 ? 66  THR A O   1 
ATOM   351  C CB  . THR A 1 43  ? 10.793  2.973   -9.412  1.00 10.52 ? 66  THR A CB  1 
ATOM   352  O OG1 . THR A 1 43  ? 10.044  2.479   -10.525 1.00 10.69 ? 66  THR A OG1 1 
ATOM   353  C CG2 . THR A 1 43  ? 11.747  1.910   -8.948  1.00 11.66 ? 66  THR A CG2 1 
ATOM   354  N N   . MET A 1 44  ? 9.316   5.617   -9.050  1.00 10.90 ? 67  MET A N   1 
ATOM   355  C CA  . MET A 1 44  ? 8.472   6.643   -9.641  1.00 11.47 ? 67  MET A CA  1 
ATOM   356  C C   . MET A 1 44  ? 8.021   6.222   -11.038 1.00 11.67 ? 67  MET A C   1 
ATOM   357  O O   . MET A 1 44  ? 6.866   6.429   -11.391 1.00 10.97 ? 67  MET A O   1 
ATOM   358  C CB  . MET A 1 44  ? 9.194   7.996   -9.677  1.00 12.37 ? 67  MET A CB  1 
ATOM   359  C CG  . MET A 1 44  ? 8.388   9.105   -10.350 1.00 14.11 ? 67  MET A CG  1 
ATOM   360  S SD  . MET A 1 44  ? 6.823   9.474   -9.506  1.00 18.27 ? 67  MET A SD  1 
ATOM   361  C CE  . MET A 1 44  ? 7.422   10.429  -8.154  1.00 14.35 ? 67  MET A CE  1 
ATOM   362  N N   . ASP A 1 45  ? 8.915   5.614   -11.815 1.00 11.44 ? 68  ASP A N   1 
ATOM   363  C CA  . ASP A 1 45  ? 8.518   5.117   -13.137 1.00 11.74 ? 68  ASP A CA  1 
ATOM   364  C C   . ASP A 1 45  ? 7.438   4.051   -13.059 1.00 10.67 ? 68  ASP A C   1 
ATOM   365  O O   . ASP A 1 45  ? 6.499   4.045   -13.865 1.00 11.21 ? 68  ASP A O   1 
ATOM   366  C CB  . ASP A 1 45  ? 9.713   4.551   -13.908 1.00 12.42 ? 68  ASP A CB  1 
ATOM   367  C CG  . ASP A 1 45  ? 9.395   4.336   -15.391 1.00 15.21 ? 68  ASP A CG  1 
ATOM   368  O OD1 . ASP A 1 45  ? 9.169   5.349   -16.115 1.00 21.04 ? 68  ASP A OD1 1 
ATOM   369  O OD2 . ASP A 1 45  ? 9.366   3.162   -15.828 1.00 18.76 ? 68  ASP A OD2 1 
ATOM   370  N N   . GLN A 1 46  ? 7.566   3.123   -12.106 1.00 10.30 ? 69  GLN A N   1 
ATOM   371  C CA  . GLN A 1 46  ? 6.493   2.135   -11.922 1.00 8.78  ? 69  GLN A CA  1 
ATOM   372  C C   . GLN A 1 46  ? 5.159   2.783   -11.547 1.00 8.82  ? 69  GLN A C   1 
ATOM   373  O O   . GLN A 1 46  ? 4.099   2.379   -12.040 1.00 7.94  ? 69  GLN A O   1 
ATOM   374  C CB  . GLN A 1 46  ? 6.898   1.105   -10.864 1.00 9.27  ? 69  GLN A CB  1 
ATOM   375  C CG  . GLN A 1 46  ? 7.943   0.139   -11.391 1.00 8.09  ? 69  GLN A CG  1 
ATOM   376  C CD  . GLN A 1 46  ? 8.607   -0.676  -10.274 1.00 10.41 ? 69  GLN A CD  1 
ATOM   377  O OE1 . GLN A 1 46  ? 8.629   -0.274  -9.092  1.00 10.73 ? 69  GLN A OE1 1 
ATOM   378  N NE2 . GLN A 1 46  ? 9.196   -1.814  -10.652 1.00 12.72 ? 69  GLN A NE2 1 
ATOM   379  N N   . MET A 1 47  ? 5.206   3.799   -10.683 1.00 8.55  ? 70  MET A N   1 
ATOM   380  C CA  . MET A 1 47  ? 4.006   4.515   -10.267 1.00 9.14  ? 70  MET A CA  1 
ATOM   381  C C   . MET A 1 47  ? 3.377   5.280   -11.428 1.00 9.00  ? 70  MET A C   1 
ATOM   382  O O   . MET A 1 47  ? 2.151   5.328   -11.577 1.00 7.38  ? 70  MET A O   1 
ATOM   383  C CB  . MET A 1 47  ? 4.335   5.492   -9.100  1.00 9.10  ? 70  MET A CB  1 
ATOM   384  C CG  . MET A 1 47  ? 3.142   6.325   -8.615  1.00 12.16 ? 70  MET A CG  1 
ATOM   385  S SD  . MET A 1 47  ? 1.725   5.335   -8.066  1.00 15.86 ? 70  MET A SD  1 
ATOM   386  C CE  . MET A 1 47  ? 2.198   4.939   -6.412  1.00 13.84 ? 70  MET A CE  1 
ATOM   387  N N   . LYS A 1 48  ? 4.222   5.875   -12.264 1.00 9.30  ? 71  LYS A N   1 
ATOM   388  C CA  . LYS A 1 48  ? 3.695   6.639   -13.407 1.00 9.02  ? 71  LYS A CA  1 
ATOM   389  C C   . LYS A 1 48  ? 2.967   5.712   -14.395 1.00 8.91  ? 71  LYS A C   1 
ATOM   390  O O   . LYS A 1 48  ? 1.952   6.082   -14.980 1.00 9.36  ? 71  LYS A O   1 
ATOM   391  C CB  . LYS A 1 48  ? 4.810   7.434   -14.078 1.00 9.37  ? 71  LYS A CB  1 
ATOM   392  C CG  . LYS A 1 48  ? 5.139   8.751   -13.345 1.00 12.11 ? 71  LYS A CG  1 
ATOM   393  C CD  . LYS A 1 48  ? 6.360   9.458   -13.940 1.00 17.23 ? 71  LYS A CD  1 
ATOM   394  C CE  . LYS A 1 48  ? 6.636   10.784  -13.167 1.00 18.90 ? 71  LYS A CE  1 
ATOM   395  N NZ  . LYS A 1 48  ? 7.872   11.463  -13.658 1.00 19.93 ? 71  LYS A NZ  1 
ATOM   396  N N   . LEU A 1 49  ? 3.472   4.498   -14.586 1.00 9.39  ? 72  LEU A N   1 
ATOM   397  C CA  . LEU A 1 49  ? 2.791   3.544   -15.471 1.00 9.42  ? 72  LEU A CA  1 
ATOM   398  C C   . LEU A 1 49  ? 1.448   3.114   -14.852 1.00 9.49  ? 72  LEU A C   1 
ATOM   399  O O   . LEU A 1 49  ? 0.425   3.036   -15.545 1.00 10.36 ? 72  LEU A O   1 
ATOM   400  C CB  . LEU A 1 49  ? 3.678   2.310   -15.765 1.00 10.23 ? 72  LEU A CB  1 
ATOM   401  C CG  . LEU A 1 49  ? 3.053   1.407   -16.855 1.00 13.27 ? 72  LEU A CG  1 
ATOM   402  C CD1 . LEU A 1 49  ? 3.020   2.156   -18.198 1.00 15.66 ? 72  LEU A CD1 1 
ATOM   403  C CD2 . LEU A 1 49  ? 3.877   0.137   -17.035 1.00 14.74 ? 72  LEU A CD2 1 
ATOM   404  N N   . ALA A 1 50  ? 1.439   2.877   -13.546 1.00 9.16  ? 73  ALA A N   1 
ATOM   405  C CA  . ALA A 1 50  ? 0.181   2.553   -12.838 1.00 9.25  ? 73  ALA A CA  1 
ATOM   406  C C   . ALA A 1 50  ? -0.851  3.666   -13.018 1.00 9.42  ? 73  ALA A C   1 
ATOM   407  O O   . ALA A 1 50  ? -2.021  3.387   -13.327 1.00 8.12  ? 73  ALA A O   1 
ATOM   408  C CB  . ALA A 1 50  ? 0.452   2.303   -11.386 1.00 8.88  ? 73  ALA A CB  1 
ATOM   409  N N   . LEU A 1 51  ? -0.405  4.924   -12.843 1.00 10.78 ? 74  LEU A N   1 
ATOM   410  C CA  . LEU A 1 51  ? -1.288  6.089   -13.047 1.00 12.30 ? 74  LEU A CA  1 
ATOM   411  C C   . LEU A 1 51  ? -1.902  6.074   -14.454 1.00 12.70 ? 74  LEU A C   1 
ATOM   412  O O   . LEU A 1 51  ? -3.110  6.304   -14.644 1.00 12.52 ? 74  LEU A O   1 
ATOM   413  C CB  . LEU A 1 51  ? -0.528  7.390   -12.782 1.00 13.75 ? 74  LEU A CB  1 
ATOM   414  C CG  . LEU A 1 51  ? -1.280  8.692   -13.111 1.00 17.75 ? 74  LEU A CG  1 
ATOM   415  C CD1 . LEU A 1 51  ? -2.158  9.008   -11.976 1.00 20.74 ? 74  LEU A CD1 1 
ATOM   416  C CD2 . LEU A 1 51  ? -0.261  9.795   -13.313 1.00 22.88 ? 74  LEU A CD2 1 
ATOM   417  N N   . SER A 1 52  ? -1.082  5.726   -15.439 1.00 13.30 ? 75  SER A N   1 
ATOM   418  C CA  . SER A 1 52  ? -1.526  5.738   -16.824 1.00 14.40 ? 75  SER A CA  1 
ATOM   419  C C   . SER A 1 52  ? -2.581  4.669   -17.108 1.00 14.81 ? 75  SER A C   1 
ATOM   420  O O   . SER A 1 52  ? -3.342  4.811   -18.071 1.00 15.68 ? 75  SER A O   1 
ATOM   421  C CB  . SER A 1 52  ? -0.336  5.599   -17.791 1.00 14.03 ? 75  SER A CB  1 
ATOM   422  O OG  . SER A 1 52  ? 0.079   4.252   -17.883 1.00 16.74 ? 75  SER A OG  1 
ATOM   423  N N   . LYS A 1 53  ? -2.595  3.611   -16.291 1.00 13.96 ? 76  LYS A N   1 
ATOM   424  C CA  . LYS A 1 53  ? -3.556  2.501   -16.412 1.00 14.74 ? 76  LYS A CA  1 
ATOM   425  C C   . LYS A 1 53  ? -4.811  2.720   -15.571 1.00 14.61 ? 76  LYS A C   1 
ATOM   426  O O   . LYS A 1 53  ? -5.730  1.889   -15.583 1.00 15.22 ? 76  LYS A O   1 
ATOM   427  C CB  . LYS A 1 53  ? -2.904  1.182   -15.959 1.00 15.09 ? 76  LYS A CB  1 
ATOM   428  C CG  . LYS A 1 53  ? -1.610  0.819   -16.669 1.00 17.34 ? 76  LYS A CG  1 
ATOM   429  C CD  . LYS A 1 53  ? -1.750  0.721   -18.165 1.00 20.94 ? 76  LYS A CD  1 
ATOM   430  C CE  . LYS A 1 53  ? -0.528  -0.006  -18.768 1.00 21.42 ? 76  LYS A CE  1 
ATOM   431  N NZ  . LYS A 1 53  ? -0.661  -0.023  -20.256 1.00 22.82 ? 76  LYS A NZ  1 
ATOM   432  N N   . GLY A 1 54  ? -4.848  3.824   -14.821 1.00 13.08 ? 77  GLY A N   1 
ATOM   433  C CA  . GLY A 1 54  ? -6.072  4.191   -14.102 1.00 13.28 ? 77  GLY A CA  1 
ATOM   434  C C   . GLY A 1 54  ? -5.960  4.294   -12.583 1.00 12.75 ? 77  GLY A C   1 
ATOM   435  O O   . GLY A 1 54  ? -6.977  4.471   -11.896 1.00 12.90 ? 77  GLY A O   1 
ATOM   436  N N   . PHE A 1 55  ? -4.735  4.243   -12.053 1.00 11.43 ? 78  PHE A N   1 
ATOM   437  C CA  . PHE A 1 55  ? -4.558  4.243   -10.601 1.00 10.94 ? 78  PHE A CA  1 
ATOM   438  C C   . PHE A 1 55  ? -4.650  5.653   -10.046 1.00 11.23 ? 78  PHE A C   1 
ATOM   439  O O   . PHE A 1 55  ? -3.858  6.520   -10.442 1.00 11.65 ? 78  PHE A O   1 
ATOM   440  C CB  . PHE A 1 55  ? -3.190  3.654   -10.246 1.00 10.71 ? 78  PHE A CB  1 
ATOM   441  C CG  . PHE A 1 55  ? -2.968  3.396   -8.753  1.00 9.15  ? 78  PHE A CG  1 
ATOM   442  C CD1 . PHE A 1 55  ? -3.979  2.885   -7.953  1.00 10.71 ? 78  PHE A CD1 1 
ATOM   443  C CD2 . PHE A 1 55  ? -1.707  3.612   -8.178  1.00 9.76  ? 78  PHE A CD2 1 
ATOM   444  C CE1 . PHE A 1 55  ? -3.763  2.600   -6.585  1.00 11.74 ? 78  PHE A CE1 1 
ATOM   445  C CE2 . PHE A 1 55  ? -1.484  3.345   -6.807  1.00 10.53 ? 78  PHE A CE2 1 
ATOM   446  C CZ  . PHE A 1 55  ? -2.504  2.806   -6.018  1.00 10.76 ? 78  PHE A CZ  1 
ATOM   447  N N   . GLU A 1 56  ? -5.580  5.889   -9.113  1.00 11.09 ? 79  GLU A N   1 
ATOM   448  C CA  . GLU A 1 56  ? -5.503  7.090   -8.298  1.00 11.71 ? 79  GLU A CA  1 
ATOM   449  C C   . GLU A 1 56  ? -6.001  6.819   -6.859  1.00 11.27 ? 79  GLU A C   1 
ATOM   450  O O   . GLU A 1 56  ? -6.756  5.882   -6.638  1.00 10.62 ? 79  GLU A O   1 
ATOM   451  C CB  . GLU A 1 56  ? -6.218  8.274   -8.974  1.00 13.09 ? 79  GLU A CB  1 
ATOM   452  C CG  . GLU A 1 56  ? -7.720  8.161   -8.951  1.00 14.45 ? 79  GLU A CG  1 
ATOM   453  C CD  . GLU A 1 56  ? -8.447  9.399   -9.527  1.00 18.50 ? 79  GLU A CD  1 
ATOM   454  O OE1 . GLU A 1 56  ? -7.924  10.551  -9.550  1.00 14.31 ? 79  GLU A OE1 1 
ATOM   455  O OE2 . GLU A 1 56  ? -9.587  9.185   -9.976  1.00 18.18 ? 79  GLU A OE2 1 
ATOM   456  N N   . THR A 1 57  ? -5.519  7.593   -5.885  1.00 11.22 ? 80  THR A N   1 
ATOM   457  C CA  . THR A 1 57  ? -6.020  7.475   -4.498  1.00 11.31 ? 80  THR A CA  1 
ATOM   458  C C   . THR A 1 57  ? -6.144  8.896   -3.984  1.00 11.97 ? 80  THR A C   1 
ATOM   459  O O   . THR A 1 57  ? -5.777  9.848   -4.693  1.00 11.15 ? 80  THR A O   1 
ATOM   460  C CB  . THR A 1 57  ? -5.044  6.710   -3.550  1.00 11.78 ? 80  THR A CB  1 
ATOM   461  O OG1 . THR A 1 57  ? -3.958  7.571   -3.231  1.00 11.35 ? 80  THR A OG1 1 
ATOM   462  C CG2 . THR A 1 57  ? -4.510  5.405   -4.166  1.00 11.58 ? 80  THR A CG2 1 
ATOM   463  N N   . CYS A 1 58  ? -6.639  9.039   -2.755  1.00 12.67 ? 81  CYS A N   1 
ATOM   464  C CA  . CYS A 1 58  ? -6.661  10.324  -2.083  1.00 14.17 ? 81  CYS A CA  1 
ATOM   465  C C   . CYS A 1 58  ? -5.843  10.249  -0.792  1.00 14.11 ? 81  CYS A C   1 
ATOM   466  O O   . CYS A 1 58  ? -6.136  10.963  0.176   1.00 14.45 ? 81  CYS A O   1 
ATOM   467  C CB  . CYS A 1 58  ? -8.105  10.773  -1.792  1.00 15.59 ? 81  CYS A CB  1 
ATOM   468  S SG  . CYS A 1 58  ? -8.181  12.554  -1.308  1.00 22.55 ? 81  CYS A SG  1 
ATOM   469  N N   . ARG A 1 59  ? -4.823  9.385   -0.778  1.00 12.85 ? 82  ARG A N   1 
ATOM   470  C CA  . ARG A 1 59  ? -3.993  9.180   0.409   1.00 12.34 ? 82  ARG A CA  1 
ATOM   471  C C   . ARG A 1 59  ? -2.481  9.228   0.139   1.00 10.96 ? 82  ARG A C   1 
ATOM   472  O O   . ARG A 1 59  ? -1.993  8.651   -0.833  1.00 10.66 ? 82  ARG A O   1 
ATOM   473  C CB  . ARG A 1 59  ? -4.284  7.814   1.022   1.00 12.73 ? 82  ARG A CB  1 
ATOM   474  C CG  . ARG A 1 59  ? -5.753  7.566   1.329   1.00 13.30 ? 82  ARG A CG  1 
ATOM   475  C CD  . ARG A 1 59  ? -6.134  8.153   2.673   1.00 14.54 ? 82  ARG A CD  1 
ATOM   476  N NE  . ARG A 1 59  ? -5.461  7.415   3.757   1.00 16.83 ? 82  ARG A NE  1 
ATOM   477  C CZ  . ARG A 1 59  ? -5.484  7.783   5.035   1.00 18.95 ? 82  ARG A CZ  1 
ATOM   478  N NH1 . ARG A 1 59  ? -4.842  7.047   5.963   1.00 20.14 ? 82  ARG A NH1 1 
ATOM   479  N NH2 . ARG A 1 59  ? -6.174  8.853   5.378   1.00 18.28 ? 82  ARG A NH2 1 
ATOM   480  N N   . TYR A 1 60  ? -1.754  9.886   1.033   1.00 10.59 ? 83  TYR A N   1 
ATOM   481  C CA  . TYR A 1 60  ? -0.287  9.890   0.984   1.00 11.42 ? 83  TYR A CA  1 
ATOM   482  C C   . TYR A 1 60  ? 0.260   8.491   1.257   1.00 11.47 ? 83  TYR A C   1 
ATOM   483  O O   . TYR A 1 60  ? -0.164  7.839   2.216   1.00 11.56 ? 83  TYR A O   1 
ATOM   484  C CB  . TYR A 1 60  ? 0.259   10.813  2.071   1.00 10.89 ? 83  TYR A CB  1 
ATOM   485  C CG  . TYR A 1 60  ? 0.007   12.272  1.806   1.00 13.30 ? 83  TYR A CG  1 
ATOM   486  C CD1 . TYR A 1 60  ? 0.617   12.915  0.737   1.00 15.92 ? 83  TYR A CD1 1 
ATOM   487  C CD2 . TYR A 1 60  ? -0.822  13.018  2.657   1.00 16.96 ? 83  TYR A CD2 1 
ATOM   488  C CE1 . TYR A 1 60  ? 0.391   14.297  0.485   1.00 19.28 ? 83  TYR A CE1 1 
ATOM   489  C CE2 . TYR A 1 60  ? -1.058  14.380  2.417   1.00 19.77 ? 83  TYR A CE2 1 
ATOM   490  C CZ  . TYR A 1 60  ? -0.443  15.001  1.331   1.00 21.37 ? 83  TYR A CZ  1 
ATOM   491  O OH  . TYR A 1 60  ? -0.683  16.344  1.092   1.00 27.27 ? 83  TYR A OH  1 
ATOM   492  N N   . GLY A 1 61  ? 1.192   8.022   0.439   1.00 10.80 ? 84  GLY A N   1 
ATOM   493  C CA  . GLY A 1 61  ? 1.833   6.739   0.710   1.00 9.73  ? 84  GLY A CA  1 
ATOM   494  C C   . GLY A 1 61  ? 3.273   6.736   0.244   1.00 9.30  ? 84  GLY A C   1 
ATOM   495  O O   . GLY A 1 61  ? 3.613   7.451   -0.703  1.00 9.27  ? 84  GLY A O   1 
ATOM   496  N N   . PHE A 1 62  ? 4.103   5.911   0.876   1.00 8.43  ? 85  PHE A N   1 
ATOM   497  C CA  . PHE A 1 62  ? 5.512   5.787   0.488   1.00 9.46  ? 85  PHE A CA  1 
ATOM   498  C C   . PHE A 1 62  ? 5.649   5.082   -0.857  1.00 10.02 ? 85  PHE A C   1 
ATOM   499  O O   . PHE A 1 62  ? 4.938   4.128   -1.141  1.00 10.33 ? 85  PHE A O   1 
ATOM   500  C CB  . PHE A 1 62  ? 6.255   4.920   1.505   1.00 9.47  ? 85  PHE A CB  1 
ATOM   501  C CG  . PHE A 1 62  ? 6.385   5.549   2.859   1.00 10.21 ? 85  PHE A CG  1 
ATOM   502  C CD1 . PHE A 1 62  ? 7.244   6.601   3.055   1.00 11.72 ? 85  PHE A CD1 1 
ATOM   503  C CD2 . PHE A 1 62  ? 5.653   5.056   3.930   1.00 11.01 ? 85  PHE A CD2 1 
ATOM   504  C CE1 . PHE A 1 62  ? 7.392   7.165   4.326   1.00 13.65 ? 85  PHE A CE1 1 
ATOM   505  C CE2 . PHE A 1 62  ? 5.782   5.618   5.191   1.00 11.87 ? 85  PHE A CE2 1 
ATOM   506  C CZ  . PHE A 1 62  ? 6.657   6.659   5.389   1.00 11.09 ? 85  PHE A CZ  1 
ATOM   507  N N   . ILE A 1 63  ? 6.560   5.586   -1.667  1.00 9.97  ? 86  ILE A N   1 
ATOM   508  C CA  . ILE A 1 63  ? 7.149   4.809   -2.764  1.00 11.25 ? 86  ILE A CA  1 
ATOM   509  C C   . ILE A 1 63  ? 8.654   4.801   -2.437  1.00 12.01 ? 86  ILE A C   1 
ATOM   510  O O   . ILE A 1 63  ? 9.051   5.263   -1.371  1.00 11.81 ? 86  ILE A O   1 
ATOM   511  C CB  . ILE A 1 63  ? 6.867   5.411   -4.185  1.00 10.73 ? 86  ILE A CB  1 
ATOM   512  C CG1 . ILE A 1 63  ? 7.385   6.848   -4.325  1.00 11.24 ? 86  ILE A CG1 1 
ATOM   513  C CG2 . ILE A 1 63  ? 5.384   5.382   -4.482  1.00 12.12 ? 86  ILE A CG2 1 
ATOM   514  C CD1 . ILE A 1 63  ? 7.438   7.357   -5.812  1.00 11.30 ? 86  ILE A CD1 1 
ATOM   515  N N   . GLU A 1 64  ? 9.487   4.304   -3.338  1.00 13.06 ? 87  GLU A N   1 
ATOM   516  C CA  . GLU A 1 64  ? 10.929  4.329   -3.104  1.00 16.63 ? 87  GLU A CA  1 
ATOM   517  C C   . GLU A 1 64  ? 11.369  5.790   -3.265  1.00 17.34 ? 87  GLU A C   1 
ATOM   518  O O   . GLU A 1 64  ? 11.250  6.382   -4.355  1.00 20.91 ? 87  GLU A O   1 
ATOM   519  C CB  . GLU A 1 64  ? 11.662  3.406   -4.091  1.00 17.22 ? 87  GLU A CB  1 
ATOM   520  C CG  . GLU A 1 64  ? 13.170  3.264   -3.850  1.00 22.82 ? 87  GLU A CG  1 
ATOM   521  C CD  . GLU A 1 64  ? 13.538  2.578   -2.518  1.00 29.14 ? 87  GLU A CD  1 
ATOM   522  O OE1 . GLU A 1 64  ? 12.967  1.503   -2.172  1.00 30.63 ? 87  GLU A OE1 1 
ATOM   523  O OE2 . GLU A 1 64  ? 14.446  3.100   -1.819  1.00 33.45 ? 87  GLU A OE2 1 
ATOM   524  N N   . GLY A 1 65  ? 11.776  6.375   -2.155  1.00 17.22 ? 88  GLY A N   1 
ATOM   525  C CA  . GLY A 1 65  ? 12.347  7.708   -2.128  1.00 15.15 ? 88  GLY A CA  1 
ATOM   526  C C   . GLY A 1 65  ? 11.426  8.878   -1.804  1.00 13.21 ? 88  GLY A C   1 
ATOM   527  O O   . GLY A 1 65  ? 11.908  9.926   -1.384  1.00 12.63 ? 88  GLY A O   1 
ATOM   528  N N   . ASN A 1 66  ? 10.102  8.723   -1.978  1.00 11.12 ? 89  ASN A N   1 
ATOM   529  C CA  . ASN A 1 66  ? 9.203   9.852   -1.769  1.00 9.94  ? 89  ASN A CA  1 
ATOM   530  C C   . ASN A 1 66  ? 7.874   9.410   -1.186  1.00 9.58  ? 89  ASN A C   1 
ATOM   531  O O   . ASN A 1 66  ? 7.594   8.217   -1.092  1.00 9.81  ? 89  ASN A O   1 
ATOM   532  C CB  . ASN A 1 66  ? 8.910   10.624  -3.080  1.00 9.44  ? 89  ASN A CB  1 
ATOM   533  C CG  . ASN A 1 66  ? 10.098  11.472  -3.557  1.00 11.95 ? 89  ASN A CG  1 
ATOM   534  O OD1 . ASN A 1 66  ? 10.813  11.082  -4.483  1.00 14.82 ? 89  ASN A OD1 1 
ATOM   535  N ND2 . ASN A 1 66  ? 10.306  12.607  -2.934  1.00 11.43 ? 89  ASN A ND2 1 
ATOM   536  N N   . VAL A 1 67  ? 7.082   10.385  -0.766  1.00 9.59  ? 90  VAL A N   1 
ATOM   537  C CA  . VAL A 1 67  ? 5.706   10.146  -0.355  1.00 9.30  ? 90  VAL A CA  1 
ATOM   538  C C   . VAL A 1 67  ? 4.844   10.841  -1.412  1.00 9.82  ? 90  VAL A C   1 
ATOM   539  O O   . VAL A 1 67  ? 5.050   12.022  -1.716  1.00 9.71  ? 90  VAL A O   1 
ATOM   540  C CB  . VAL A 1 67  ? 5.439   10.728  1.073   1.00 9.98  ? 90  VAL A CB  1 
ATOM   541  C CG1 . VAL A 1 67  ? 3.995   10.580  1.478   1.00 10.20 ? 90  VAL A CG1 1 
ATOM   542  C CG2 . VAL A 1 67  ? 6.356   10.055  2.088   1.00 10.19 ? 90  VAL A CG2 1 
ATOM   543  N N   . VAL A 1 68  ? 3.880   10.111  -1.976  1.00 9.88  ? 91  VAL A N   1 
ATOM   544  C CA  . VAL A 1 68  ? 3.121   10.616  -3.137  1.00 9.62  ? 91  VAL A CA  1 
ATOM   545  C C   . VAL A 1 68  ? 1.623   10.330  -3.058  1.00 9.82  ? 91  VAL A C   1 
ATOM   546  O O   . VAL A 1 68  ? 1.192   9.499   -2.273  1.00 10.96 ? 91  VAL A O   1 
ATOM   547  C CB  . VAL A 1 68  ? 3.662   9.952   -4.444  1.00 9.70  ? 91  VAL A CB  1 
ATOM   548  C CG1 . VAL A 1 68  ? 5.196   10.181  -4.566  1.00 10.18 ? 91  VAL A CG1 1 
ATOM   549  C CG2 . VAL A 1 68  ? 3.320   8.407   -4.470  1.00 9.56  ? 91  VAL A CG2 1 
ATOM   550  N N   . ILE A 1 69  ? 0.842   11.014  -3.908  1.00 9.52  ? 92  ILE A N   1 
ATOM   551  C CA  . ILE A 1 69  ? -0.540  10.631  -4.165  1.00 10.11 ? 92  ILE A CA  1 
ATOM   552  C C   . ILE A 1 69  ? -0.680  10.586  -5.707  1.00 10.47 ? 92  ILE A C   1 
ATOM   553  O O   . ILE A 1 69  ? -0.444  11.597  -6.371  1.00 11.30 ? 92  ILE A O   1 
ATOM   554  C CB  . ILE A 1 69  ? -1.543  11.682  -3.621  1.00 9.97  ? 92  ILE A CB  1 
ATOM   555  C CG1 . ILE A 1 69  ? -1.353  11.871  -2.107  1.00 11.29 ? 92  ILE A CG1 1 
ATOM   556  C CG2 . ILE A 1 69  ? -2.967  11.199  -3.871  1.00 11.13 ? 92  ILE A CG2 1 
ATOM   557  C CD1 . ILE A 1 69  ? -2.306  12.881  -1.462  1.00 13.11 ? 92  ILE A CD1 1 
ATOM   558  N N   . PRO A 1 70  ? -1.055  9.426   -6.278  1.00 10.51 ? 93  PRO A N   1 
ATOM   559  C CA  . PRO A 1 70  ? -1.348  9.414   -7.704  1.00 9.64  ? 93  PRO A CA  1 
ATOM   560  C C   . PRO A 1 70  ? -2.748  9.984   -7.971  1.00 9.33  ? 93  PRO A C   1 
ATOM   561  O O   . PRO A 1 70  ? -3.722  9.535   -7.353  1.00 9.13  ? 93  PRO A O   1 
ATOM   562  C CB  . PRO A 1 70  ? -1.295  7.914   -8.048  1.00 9.66  ? 93  PRO A CB  1 
ATOM   563  C CG  . PRO A 1 70  ? -1.738  7.242   -6.824  1.00 10.38 ? 93  PRO A CG  1 
ATOM   564  C CD  . PRO A 1 70  ? -1.256  8.103   -5.661  1.00 10.31 ? 93  PRO A CD  1 
ATOM   565  N N   . ARG A 1 71  ? -2.838  10.967  -8.863  1.00 10.24 ? 94  ARG A N   1 
ATOM   566  C CA  . ARG A 1 71  ? -4.127  11.628  -9.161  1.00 11.68 ? 94  ARG A CA  1 
ATOM   567  C C   . ARG A 1 71  ? -4.411  11.644  -10.665 1.00 11.95 ? 94  ARG A C   1 
ATOM   568  O O   . ARG A 1 71  ? -3.574  12.087  -11.461 1.00 11.92 ? 94  ARG A O   1 
ATOM   569  C CB  . ARG A 1 71  ? -4.109  13.081  -8.637  1.00 12.45 ? 94  ARG A CB  1 
ATOM   570  C CG  . ARG A 1 71  ? -4.025  13.249  -7.104  1.00 13.06 ? 94  ARG A CG  1 
ATOM   571  C CD  . ARG A 1 71  ? -5.193  12.586  -6.418  1.00 12.61 ? 94  ARG A CD  1 
ATOM   572  N NE  . ARG A 1 71  ? -6.468  13.065  -6.953  1.00 13.89 ? 94  ARG A NE  1 
ATOM   573  C CZ  . ARG A 1 71  ? -7.645  12.477  -6.751  1.00 16.01 ? 94  ARG A CZ  1 
ATOM   574  N NH1 . ARG A 1 71  ? -7.739  11.362  -6.032  1.00 14.15 ? 94  ARG A NH1 1 
ATOM   575  N NH2 . ARG A 1 71  ? -8.747  13.007  -7.300  1.00 17.90 ? 94  ARG A NH2 1 
ATOM   576  N N   . ILE A 1 72  ? -5.601  11.175  -11.033 1.00 11.76 ? 95  ILE A N   1 
ATOM   577  C CA  . ILE A 1 72  ? -6.068  11.312  -12.403 1.00 13.58 ? 95  ILE A CA  1 
ATOM   578  C C   . ILE A 1 72  ? -7.000  12.523  -12.559 1.00 13.99 ? 95  ILE A C   1 
ATOM   579  O O   . ILE A 1 72  ? -6.775  13.357  -13.437 1.00 14.42 ? 95  ILE A O   1 
ATOM   580  C CB  . ILE A 1 72  ? -6.727  10.030  -12.882 1.00 12.72 ? 95  ILE A CB  1 
ATOM   581  C CG1 . ILE A 1 72  ? -5.659  8.925   -12.928 1.00 13.70 ? 95  ILE A CG1 1 
ATOM   582  C CG2 . ILE A 1 72  ? -7.375  10.234  -14.275 1.00 13.83 ? 95  ILE A CG2 1 
ATOM   583  C CD1 . ILE A 1 72  ? -6.213  7.547   -13.152 1.00 13.19 ? 95  ILE A CD1 1 
ATOM   584  N N   . HIS A 1 73  ? -8.029  12.590  -11.715 1.00 14.99 ? 96  HIS A N   1 
ATOM   585  C CA  . HIS A 1 73  ? -9.027  13.651  -11.757 1.00 16.55 ? 96  HIS A CA  1 
ATOM   586  C C   . HIS A 1 73  ? -8.692  14.717  -10.720 1.00 17.71 ? 96  HIS A C   1 
ATOM   587  O O   . HIS A 1 73  ? -8.410  14.393  -9.563  1.00 19.24 ? 96  HIS A O   1 
ATOM   588  C CB  . HIS A 1 73  ? -10.412 13.054  -11.481 1.00 16.57 ? 96  HIS A CB  1 
ATOM   589  C CG  . HIS A 1 73  ? -10.770 11.945  -12.413 1.00 19.36 ? 96  HIS A CG  1 
ATOM   590  N ND1 . HIS A 1 73  ? -10.659 10.614  -12.068 1.00 22.04 ? 96  HIS A ND1 1 
ATOM   591  C CD2 . HIS A 1 73  ? -11.179 11.965  -13.706 1.00 23.01 ? 96  HIS A CD2 1 
ATOM   592  C CE1 . HIS A 1 73  ? -11.016 9.860   -13.098 1.00 22.51 ? 96  HIS A CE1 1 
ATOM   593  N NE2 . HIS A 1 73  ? -11.322 10.656  -14.107 1.00 21.94 ? 96  HIS A NE2 1 
ATOM   594  N N   . PRO A 1 74  ? -8.705  15.992  -11.129 1.00 18.59 ? 97  PRO A N   1 
ATOM   595  C CA  . PRO A 1 74  ? -8.431  17.019  -10.138 1.00 19.49 ? 97  PRO A CA  1 
ATOM   596  C C   . PRO A 1 74  ? -9.578  17.095  -9.112  1.00 20.58 ? 97  PRO A C   1 
ATOM   597  O O   . PRO A 1 74  ? -10.760 17.068  -9.482  1.00 21.34 ? 97  PRO A O   1 
ATOM   598  C CB  . PRO A 1 74  ? -8.288  18.306  -10.971 1.00 20.01 ? 97  PRO A CB  1 
ATOM   599  C CG  . PRO A 1 74  ? -8.793  18.003  -12.309 1.00 19.14 ? 97  PRO A CG  1 
ATOM   600  C CD  . PRO A 1 74  ? -8.840  16.529  -12.501 1.00 18.03 ? 97  PRO A CD  1 
ATOM   601  N N   . ASN A 1 75  ? -9.220  17.153  -7.832  1.00 21.23 ? 98  ASN A N   1 
ATOM   602  C CA  . ASN A 1 75  ? -10.178 17.237  -6.727  1.00 22.06 ? 98  ASN A CA  1 
ATOM   603  C C   . ASN A 1 75  ? -9.533  18.154  -5.715  1.00 22.17 ? 98  ASN A C   1 
ATOM   604  O O   . ASN A 1 75  ? -8.368  17.948  -5.341  1.00 21.05 ? 98  ASN A O   1 
ATOM   605  C CB  . ASN A 1 75  ? -10.427 15.842  -6.129  1.00 22.95 ? 98  ASN A CB  1 
ATOM   606  C CG  . ASN A 1 75  ? -11.491 15.832  -5.030  1.00 25.49 ? 98  ASN A CG  1 
ATOM   607  O OD1 . ASN A 1 75  ? -11.492 16.676  -4.149  1.00 30.01 ? 98  ASN A OD1 1 
ATOM   608  N ND2 . ASN A 1 75  ? -12.381 14.842  -5.070  1.00 29.46 ? 98  ASN A ND2 1 
ATOM   609  N N   . ALA A 1 76  ? -10.286 19.173  -5.289  1.00 22.35 ? 99  ALA A N   1 
ATOM   610  C CA  . ALA A 1 76  ? -9.808  20.213  -4.364  1.00 23.55 ? 99  ALA A CA  1 
ATOM   611  C C   . ALA A 1 76  ? -9.221  19.678  -3.051  1.00 23.59 ? 99  ALA A C   1 
ATOM   612  O O   . ALA A 1 76  ? -8.280  20.268  -2.497  1.00 23.94 ? 99  ALA A O   1 
ATOM   613  C CB  . ALA A 1 76  ? -10.942 21.170  -4.039  1.00 23.74 ? 99  ALA A CB  1 
ATOM   614  N N   . ILE A 1 77  ? -9.783  18.582  -2.563  1.00 23.96 ? 100 ILE A N   1 
ATOM   615  C CA  . ILE A 1 77  ? -9.399  18.027  -1.255  1.00 24.97 ? 100 ILE A CA  1 
ATOM   616  C C   . ILE A 1 77  ? -8.407  16.843  -1.343  1.00 24.28 ? 100 ILE A C   1 
ATOM   617  O O   . ILE A 1 77  ? -8.106  16.205  -0.324  1.00 24.63 ? 100 ILE A O   1 
ATOM   618  C CB  . ILE A 1 77  ? -10.663 17.665  -0.392  1.00 25.72 ? 100 ILE A CB  1 
ATOM   619  C CG1 . ILE A 1 77  ? -11.352 16.399  -0.931  1.00 27.85 ? 100 ILE A CG1 1 
ATOM   620  C CG2 . ILE A 1 77  ? -11.634 18.856  -0.377  1.00 27.40 ? 100 ILE A CG2 1 
ATOM   621  C CD1 . ILE A 1 77  ? -12.258 15.660  0.072   1.00 32.07 ? 100 ILE A CD1 1 
ATOM   622  N N   . CYS A 1 78  ? -7.911  16.554  -2.558  1.00 23.00 ? 101 CYS A N   1 
ATOM   623  C CA  . CYS A 1 78  ? -6.931  15.484  -2.786  1.00 22.33 ? 101 CYS A CA  1 
ATOM   624  C C   . CYS A 1 78  ? -5.721  16.054  -3.486  1.00 21.95 ? 101 CYS A C   1 
ATOM   625  O O   . CYS A 1 78  ? -5.792  16.374  -4.672  1.00 21.34 ? 101 CYS A O   1 
ATOM   626  C CB  . CYS A 1 78  ? -7.513  14.369  -3.666  1.00 21.94 ? 101 CYS A CB  1 
ATOM   627  S SG  . CYS A 1 78  ? -8.949  13.542  -2.971  1.00 23.29 ? 101 CYS A SG  1 
ATOM   628  N N   . ALA A 1 79  ? -4.618  16.197  -2.755  1.00 22.00 ? 102 ALA A N   1 
ATOM   629  C CA  . ALA A 1 79  ? -3.363  16.723  -3.312  1.00 22.36 ? 102 ALA A CA  1 
ATOM   630  C C   . ALA A 1 79  ? -3.558  18.103  -3.941  1.00 23.07 ? 102 ALA A C   1 
ATOM   631  O O   . ALA A 1 79  ? -2.910  18.434  -4.944  1.00 23.43 ? 102 ALA A O   1 
ATOM   632  C CB  . ALA A 1 79  ? -2.765  15.744  -4.335  1.00 22.14 ? 102 ALA A CB  1 
ATOM   633  N N   . ALA A 1 80  ? -4.492  18.865  -3.362  1.00 23.68 ? 103 ALA A N   1 
ATOM   634  C CA  . ALA A 1 80  ? -4.764  20.255  -3.724  1.00 24.44 ? 103 ALA A CA  1 
ATOM   635  C C   . ALA A 1 80  ? -4.990  20.458  -5.233  1.00 23.87 ? 103 ALA A C   1 
ATOM   636  O O   . ALA A 1 80  ? -4.316  21.280  -5.859  1.00 23.86 ? 103 ALA A O   1 
ATOM   637  C CB  . ALA A 1 80  ? -3.620  21.157  -3.203  1.00 24.52 ? 103 ALA A CB  1 
ATOM   638  N N   . ASN A 1 81  ? -5.929  19.694  -5.795  1.00 23.72 ? 104 ASN A N   1 
ATOM   639  C CA  . ASN A 1 81  ? -6.316  19.784  -7.214  1.00 23.35 ? 104 ASN A CA  1 
ATOM   640  C C   . ASN A 1 81  ? -5.255  19.414  -8.262  1.00 22.61 ? 104 ASN A C   1 
ATOM   641  O O   . ASN A 1 81  ? -5.491  19.601  -9.452  1.00 22.24 ? 104 ASN A O   1 
ATOM   642  C CB  . ASN A 1 81  ? -6.910  21.172  -7.564  1.00 24.22 ? 104 ASN A CB  1 
ATOM   643  C CG  . ASN A 1 81  ? -8.371  21.110  -7.943  1.00 24.70 ? 104 ASN A CG  1 
ATOM   644  O OD1 . ASN A 1 81  ? -8.938  20.054  -8.130  1.00 25.89 ? 104 ASN A OD1 1 
ATOM   645  N ND2 . ASN A 1 81  ? -8.998  22.274  -8.044  1.00 32.31 ? 104 ASN A ND2 1 
ATOM   646  N N   . HIS A 1 82  ? -4.108  18.886  -7.846  1.00 21.01 ? 105 HIS A N   1 
ATOM   647  C CA  . HIS A 1 82  ? -3.112  18.449  -8.823  1.00 19.52 ? 105 HIS A CA  1 
ATOM   648  C C   . HIS A 1 82  ? -3.526  17.136  -9.460  1.00 18.52 ? 105 HIS A C   1 
ATOM   649  O O   . HIS A 1 82  ? -4.301  16.372  -8.879  1.00 17.54 ? 105 HIS A O   1 
ATOM   650  C CB  . HIS A 1 82  ? -1.743  18.288  -8.179  1.00 20.23 ? 105 HIS A CB  1 
ATOM   651  C CG  . HIS A 1 82  ? -1.110  19.583  -7.775  1.00 22.42 ? 105 HIS A CG  1 
ATOM   652  N ND1 . HIS A 1 82  ? -1.059  20.010  -6.468  1.00 27.06 ? 105 HIS A ND1 1 
ATOM   653  C CD2 . HIS A 1 82  ? -0.508  20.550  -8.508  1.00 25.60 ? 105 HIS A CD2 1 
ATOM   654  C CE1 . HIS A 1 82  ? -0.460  21.186  -6.409  1.00 26.74 ? 105 HIS A CE1 1 
ATOM   655  N NE2 . HIS A 1 82  ? -0.111  21.535  -7.633  1.00 27.10 ? 105 HIS A NE2 1 
ATOM   656  N N   . THR A 1 83  ? -2.993  16.894  -10.654 1.00 17.43 ? 106 THR A N   1 
ATOM   657  C CA  . THR A 1 83  ? -3.053  15.594  -11.332 1.00 17.09 ? 106 THR A CA  1 
ATOM   658  C C   . THR A 1 83  ? -1.615  15.118  -11.584 1.00 16.64 ? 106 THR A C   1 
ATOM   659  O O   . THR A 1 83  ? -0.637  15.900  -11.487 1.00 15.80 ? 106 THR A O   1 
ATOM   660  C CB  . THR A 1 83  ? -3.807  15.696  -12.691 1.00 17.48 ? 106 THR A CB  1 
ATOM   661  O OG1 . THR A 1 83  ? -3.086  16.578  -13.546 1.00 18.31 ? 106 THR A OG1 1 
ATOM   662  C CG2 . THR A 1 83  ? -5.223  16.277  -12.498 1.00 18.11 ? 106 THR A CG2 1 
ATOM   663  N N   . GLY A 1 84  ? -1.469  13.839  -11.924 1.00 15.91 ? 107 GLY A N   1 
ATOM   664  C CA  . GLY A 1 84  ? -0.161  13.228  -12.044 1.00 14.90 ? 107 GLY A CA  1 
ATOM   665  C C   . GLY A 1 84  ? 0.223   12.620  -10.713 1.00 14.66 ? 107 GLY A C   1 
ATOM   666  O O   . GLY A 1 84  ? -0.613  12.522  -9.779  1.00 14.18 ? 107 GLY A O   1 
ATOM   667  N N   . VAL A 1 85  ? 1.471   12.177  -10.617 1.00 13.52 ? 108 VAL A N   1 
ATOM   668  C CA  . VAL A 1 85  ? 1.970   11.670  -9.355  1.00 12.88 ? 108 VAL A CA  1 
ATOM   669  C C   . VAL A 1 85  ? 2.393   12.870  -8.499  1.00 13.20 ? 108 VAL A C   1 
ATOM   670  O O   . VAL A 1 85  ? 3.458   13.452  -8.724  1.00 15.26 ? 108 VAL A O   1 
ATOM   671  C CB  . VAL A 1 85  ? 3.119   10.649  -9.516  1.00 12.62 ? 108 VAL A CB  1 
ATOM   672  C CG1 . VAL A 1 85  ? 3.426   10.034  -8.141  1.00 12.32 ? 108 VAL A CG1 1 
ATOM   673  C CG2 . VAL A 1 85  ? 2.739   9.547   -10.484 1.00 13.70 ? 108 VAL A CG2 1 
ATOM   674  N N   . TYR A 1 86  ? 1.539   13.262  -7.562  1.00 12.60 ? 109 TYR A N   1 
ATOM   675  C CA  . TYR A 1 86  ? 1.829   14.415  -6.703  1.00 12.17 ? 109 TYR A CA  1 
ATOM   676  C C   . TYR A 1 86  ? 2.832   14.025  -5.611  1.00 11.86 ? 109 TYR A C   1 
ATOM   677  O O   . TYR A 1 86  ? 2.622   13.045  -4.889  1.00 10.55 ? 109 TYR A O   1 
ATOM   678  C CB  . TYR A 1 86  ? 0.545   14.944  -6.091  1.00 12.75 ? 109 TYR A CB  1 
ATOM   679  C CG  . TYR A 1 86  ? 0.781   16.085  -5.126  1.00 16.64 ? 109 TYR A CG  1 
ATOM   680  C CD1 . TYR A 1 86  ? 1.019   17.375  -5.587  1.00 21.31 ? 109 TYR A CD1 1 
ATOM   681  C CD2 . TYR A 1 86  ? 0.788   15.857  -3.763  1.00 21.76 ? 109 TYR A CD2 1 
ATOM   682  C CE1 . TYR A 1 86  ? 1.268   18.436  -4.679  1.00 26.08 ? 109 TYR A CE1 1 
ATOM   683  C CE2 . TYR A 1 86  ? 1.019   16.895  -2.850  1.00 26.97 ? 109 TYR A CE2 1 
ATOM   684  C CZ  . TYR A 1 86  ? 1.253   18.174  -3.312  1.00 27.57 ? 109 TYR A CZ  1 
ATOM   685  O OH  . TYR A 1 86  ? 1.474   19.170  -2.384  1.00 31.21 ? 109 TYR A OH  1 
ATOM   686  N N   . ILE A 1 87  ? 3.896   14.814  -5.473  1.00 11.45 ? 110 ILE A N   1 
ATOM   687  C CA  . ILE A 1 87  ? 4.945   14.520  -4.499  1.00 11.11 ? 110 ILE A CA  1 
ATOM   688  C C   . ILE A 1 87  ? 4.772   15.416  -3.287  1.00 11.55 ? 110 ILE A C   1 
ATOM   689  O O   . ILE A 1 87  ? 4.709   16.645  -3.419  1.00 10.60 ? 110 ILE A O   1 
ATOM   690  C CB  . ILE A 1 87  ? 6.368   14.707  -5.096  1.00 11.46 ? 110 ILE A CB  1 
ATOM   691  C CG1 . ILE A 1 87  ? 6.512   13.814  -6.337  1.00 11.93 ? 110 ILE A CG1 1 
ATOM   692  C CG2 . ILE A 1 87  ? 7.430   14.353  -4.034  1.00 12.87 ? 110 ILE A CG2 1 
ATOM   693  C CD1 . ILE A 1 87  ? 7.739   14.110  -7.178  1.00 16.66 ? 110 ILE A CD1 1 
ATOM   694  N N   . LEU A 1 88  ? 4.687   14.799  -2.103  1.00 11.41 ? 111 LEU A N   1 
ATOM   695  C CA  . LEU A 1 88  ? 4.600   15.565  -0.853  1.00 12.13 ? 111 LEU A CA  1 
ATOM   696  C C   . LEU A 1 88  ? 5.970   16.239  -0.644  1.00 12.42 ? 111 LEU A C   1 
ATOM   697  O O   . LEU A 1 88  ? 7.017   15.567  -0.647  1.00 12.93 ? 111 LEU A O   1 
ATOM   698  C CB  . LEU A 1 88  ? 4.279   14.645  0.352   1.00 11.95 ? 111 LEU A CB  1 
ATOM   699  C CG  . LEU A 1 88  ? 4.298   15.282  1.766   1.00 13.61 ? 111 LEU A CG  1 
ATOM   700  C CD1 . LEU A 1 88  ? 3.341   16.408  1.839   1.00 14.87 ? 111 LEU A CD1 1 
ATOM   701  C CD2 . LEU A 1 88  ? 3.904   14.205  2.796   1.00 13.22 ? 111 LEU A CD2 1 
ATOM   702  N N   . VAL A 1 89  ? 5.954   17.556  -0.435  1.00 12.71 ? 112 VAL A N   1 
ATOM   703  C CA  . VAL A 1 89  ? 7.225   18.286  -0.290  1.00 12.99 ? 112 VAL A CA  1 
ATOM   704  C C   . VAL A 1 89  ? 7.526   18.569  1.187   1.00 12.95 ? 112 VAL A C   1 
ATOM   705  O O   . VAL A 1 89  ? 8.598   18.229  1.672   1.00 13.48 ? 112 VAL A O   1 
ATOM   706  C CB  . VAL A 1 89  ? 7.224   19.583  -1.139  1.00 12.68 ? 112 VAL A CB  1 
ATOM   707  C CG1 . VAL A 1 89  ? 8.502   20.414  -0.899  1.00 14.76 ? 112 VAL A CG1 1 
ATOM   708  C CG2 . VAL A 1 89  ? 7.159   19.224  -2.616  1.00 13.27 ? 112 VAL A CG2 1 
ATOM   709  N N   . THR A 1 90  ? 6.562   19.158  1.892   1.00 13.52 ? 113 THR A N   1 
ATOM   710  C CA  . THR A 1 90  ? 6.803   19.655  3.255   1.00 13.41 ? 113 THR A CA  1 
ATOM   711  C C   . THR A 1 90  ? 5.832   19.041  4.259   1.00 12.25 ? 113 THR A C   1 
ATOM   712  O O   . THR A 1 90  ? 4.615   19.279  4.182   1.00 12.46 ? 113 THR A O   1 
ATOM   713  C CB  . THR A 1 90  ? 6.612   21.195  3.342   1.00 14.07 ? 113 THR A CB  1 
ATOM   714  O OG1 . THR A 1 90  ? 7.396   21.859  2.360   1.00 15.77 ? 113 THR A OG1 1 
ATOM   715  C CG2 . THR A 1 90  ? 7.029   21.716  4.739   1.00 14.10 ? 113 THR A CG2 1 
ATOM   716  N N   . SER A 1 91  ? 6.364   18.307  5.227   1.00 11.47 ? 114 SER A N   1 
ATOM   717  C CA  . SER A 1 91  ? 5.530   17.723  6.279   1.00 11.35 ? 114 SER A CA  1 
ATOM   718  C C   . SER A 1 91  ? 6.368   17.611  7.531   1.00 11.32 ? 114 SER A C   1 
ATOM   719  O O   . SER A 1 91  ? 7.583   17.437  7.441   1.00 12.67 ? 114 SER A O   1 
ATOM   720  C CB  . SER A 1 91  ? 5.039   16.344  5.841   1.00 12.00 ? 114 SER A CB  1 
ATOM   721  O OG  . SER A 1 91  ? 4.337   15.689  6.882   1.00 10.24 ? 114 SER A OG  1 
ATOM   722  N N   . ASN A 1 92  ? 5.738   17.737  8.705   1.00 10.26 ? 115 ASN A N   1 
ATOM   723  C CA  . ASN A 1 92  ? 6.449   17.535  9.966   1.00 9.36  ? 115 ASN A CA  1 
ATOM   724  C C   . ASN A 1 92  ? 6.627   16.069  10.305  1.00 9.29  ? 115 ASN A C   1 
ATOM   725  O O   . ASN A 1 92  ? 7.515   15.707  11.070  1.00 10.23 ? 115 ASN A O   1 
ATOM   726  C CB  . ASN A 1 92  ? 5.622   18.108  11.130  1.00 9.26  ? 115 ASN A CB  1 
ATOM   727  C CG  . ASN A 1 92  ? 5.692   19.619  11.246  1.00 9.21  ? 115 ASN A CG  1 
ATOM   728  O OD1 . ASN A 1 92  ? 6.575   20.278  10.681  1.00 10.82 ? 115 ASN A OD1 1 
ATOM   729  N ND2 . ASN A 1 92  ? 4.782   20.185  12.043  1.00 8.86  ? 115 ASN A ND2 1 
ATOM   730  N N   . THR A 1 93  ? 5.760   15.229  9.760   1.00 9.47  ? 116 THR A N   1 
ATOM   731  C CA  . THR A 1 93  ? 5.473   13.911  10.375  1.00 10.20 ? 116 THR A CA  1 
ATOM   732  C C   . THR A 1 93  ? 5.910   12.752  9.478   1.00 10.29 ? 116 THR A C   1 
ATOM   733  O O   . THR A 1 93  ? 6.173   12.943  8.313   1.00 9.87  ? 116 THR A O   1 
ATOM   734  C CB  . THR A 1 93  ? 3.963   13.750  10.653  1.00 10.15 ? 116 THR A CB  1 
ATOM   735  O OG1 . THR A 1 93  ? 3.268   13.934  9.432   1.00 10.57 ? 116 THR A OG1 1 
ATOM   736  C CG2 . THR A 1 93  ? 3.464   14.774  11.703  1.00 11.41 ? 116 THR A CG2 1 
ATOM   737  N N   . SER A 1 94  ? 5.988   11.547  10.041  1.00 10.67 ? 117 SER A N   1 
ATOM   738  C CA  . SER A 1 94  ? 6.739   10.460  9.402   1.00 10.85 ? 117 SER A CA  1 
ATOM   739  C C   . SER A 1 94  ? 5.917   9.223   9.077   1.00 11.18 ? 117 SER A C   1 
ATOM   740  O O   . SER A 1 94  ? 6.447   8.264   8.515   1.00 11.49 ? 117 SER A O   1 
ATOM   741  C CB  . SER A 1 94  ? 7.866   10.064  10.346  1.00 11.63 ? 117 SER A CB  1 
ATOM   742  O OG  . SER A 1 94  ? 7.331   9.489   11.519  1.00 11.32 ? 117 SER A OG  1 
ATOM   743  N N   . HIS A 1 95  ? 4.644   9.234   9.421   1.00 10.45 ? 118 HIS A N   1 
ATOM   744  C CA  . HIS A 1 95  ? 3.780   8.050   9.242   1.00 10.18 ? 118 HIS A CA  1 
ATOM   745  C C   . HIS A 1 95  ? 2.716   8.273   8.167   1.00 10.23 ? 118 HIS A C   1 
ATOM   746  O O   . HIS A 1 95  ? 1.933   9.224   8.238   1.00 10.16 ? 118 HIS A O   1 
ATOM   747  C CB  . HIS A 1 95  ? 3.140   7.599   10.577  1.00 10.45 ? 118 HIS A CB  1 
ATOM   748  C CG  . HIS A 1 95  ? 4.068   6.829   11.465  1.00 13.41 ? 118 HIS A CG  1 
ATOM   749  N ND1 . HIS A 1 95  ? 5.409   7.133   11.606  1.00 17.33 ? 118 HIS A ND1 1 
ATOM   750  C CD2 . HIS A 1 95  ? 3.838   5.787   12.295  1.00 17.00 ? 118 HIS A CD2 1 
ATOM   751  C CE1 . HIS A 1 95  ? 5.965   6.303   12.464  1.00 15.51 ? 118 HIS A CE1 1 
ATOM   752  N NE2 . HIS A 1 95  ? 5.037   5.465   12.887  1.00 17.07 ? 118 HIS A NE2 1 
ATOM   753  N N   . TYR A 1 96  ? 2.690   7.393   7.165   1.00 9.02  ? 119 TYR A N   1 
ATOM   754  C CA  . TYR A 1 96  ? 1.697   7.515   6.077   1.00 9.07  ? 119 TYR A CA  1 
ATOM   755  C C   . TYR A 1 96  ? 1.104   6.144   5.768   1.00 9.02  ? 119 TYR A C   1 
ATOM   756  O O   . TYR A 1 96  ? 1.180   5.220   6.582   1.00 9.88  ? 119 TYR A O   1 
ATOM   757  C CB  . TYR A 1 96  ? 2.384   8.098   4.821   1.00 8.01  ? 119 TYR A CB  1 
ATOM   758  C CG  . TYR A 1 96  ? 3.018   9.454   5.085   1.00 8.15  ? 119 TYR A CG  1 
ATOM   759  C CD1 . TYR A 1 96  ? 2.243   10.622  5.074   1.00 8.31  ? 119 TYR A CD1 1 
ATOM   760  C CD2 . TYR A 1 96  ? 4.384   9.562   5.380   1.00 7.29  ? 119 TYR A CD2 1 
ATOM   761  C CE1 . TYR A 1 96  ? 2.813   11.879  5.323   1.00 9.03  ? 119 TYR A CE1 1 
ATOM   762  C CE2 . TYR A 1 96  ? 4.992   10.838  5.652   1.00 7.76  ? 119 TYR A CE2 1 
ATOM   763  C CZ  . TYR A 1 96  ? 4.180   11.981  5.613   1.00 9.40  ? 119 TYR A CZ  1 
ATOM   764  O OH  . TYR A 1 96  ? 4.684   13.235  5.874   1.00 10.06 ? 119 TYR A OH  1 
ATOM   765  N N   . ASP A 1 97  ? 0.540   6.000   4.582   1.00 9.60  ? 120 ASP A N   1 
ATOM   766  C CA  . ASP A 1 97  ? 0.218   4.668   4.064   1.00 9.03  ? 120 ASP A CA  1 
ATOM   767  C C   . ASP A 1 97  ? 1.421   4.211   3.205   1.00 9.16  ? 120 ASP A C   1 
ATOM   768  O O   . ASP A 1 97  ? 2.469   4.890   3.160   1.00 8.84  ? 120 ASP A O   1 
ATOM   769  C CB  . ASP A 1 97  ? -1.033  4.738   3.195   1.00 8.78  ? 120 ASP A CB  1 
ATOM   770  C CG  . ASP A 1 97  ? -2.305  5.164   3.968   1.00 10.13 ? 120 ASP A CG  1 
ATOM   771  O OD1 . ASP A 1 97  ? -2.347  5.166   5.240   1.00 12.14 ? 120 ASP A OD1 1 
ATOM   772  O OD2 . ASP A 1 97  ? -3.289  5.490   3.256   1.00 12.88 ? 120 ASP A OD2 1 
ATOM   773  N N   . THR A 1 98  ? 1.283   3.080   2.507   1.00 9.81  ? 121 THR A N   1 
ATOM   774  C CA  . THR A 1 98  ? 2.323   2.700   1.552   1.00 10.46 ? 121 THR A CA  1 
ATOM   775  C C   . THR A 1 98  ? 1.759   2.268   0.208   1.00 10.23 ? 121 THR A C   1 
ATOM   776  O O   . THR A 1 98  ? 0.603   1.851   0.096   1.00 9.82  ? 121 THR A O   1 
ATOM   777  C CB  . THR A 1 98  ? 3.317   1.625   2.121   1.00 11.97 ? 121 THR A CB  1 
ATOM   778  O OG1 . THR A 1 98  ? 4.450   1.510   1.237   1.00 11.52 ? 121 THR A OG1 1 
ATOM   779  C CG2 . THR A 1 98  ? 2.655   0.249   2.232   1.00 11.12 ? 121 THR A CG2 1 
ATOM   780  N N   . TYR A 1 99  ? 2.582   2.401   -0.832  1.00 9.67  ? 122 TYR A N   1 
ATOM   781  C CA  . TYR A 1 99  ? 2.272   1.716   -2.076  1.00 8.34  ? 122 TYR A CA  1 
ATOM   782  C C   . TYR A 1 99  ? 3.204   0.535   -2.144  1.00 9.37  ? 122 TYR A C   1 
ATOM   783  O O   . TYR A 1 99  ? 4.295   0.575   -1.566  1.00 10.72 ? 122 TYR A O   1 
ATOM   784  C CB  . TYR A 1 99  ? 2.457   2.656   -3.275  1.00 8.20  ? 122 TYR A CB  1 
ATOM   785  C CG  . TYR A 1 99  ? 1.514   3.802   -3.182  1.00 7.15  ? 122 TYR A CG  1 
ATOM   786  C CD1 . TYR A 1 99  ? 0.172   3.633   -3.559  1.00 7.06  ? 122 TYR A CD1 1 
ATOM   787  C CD2 . TYR A 1 99  ? 1.918   5.025   -2.633  1.00 9.71  ? 122 TYR A CD2 1 
ATOM   788  C CE1 . TYR A 1 99  ? -0.749  4.671   -3.447  1.00 10.45 ? 122 TYR A CE1 1 
ATOM   789  C CE2 . TYR A 1 99  ? 0.994   6.110   -2.495  1.00 10.45 ? 122 TYR A CE2 1 
ATOM   790  C CZ  . TYR A 1 99  ? -0.342  5.908   -2.898  1.00 10.69 ? 122 TYR A CZ  1 
ATOM   791  O OH  . TYR A 1 99  ? -1.295  6.896   -2.758  1.00 11.82 ? 122 TYR A OH  1 
ATOM   792  N N   . CYS A 1 100 ? 2.779   -0.507  -2.843  1.00 9.56  ? 123 CYS A N   1 
ATOM   793  C CA  . CYS A 1 100 ? 3.594   -1.694  -3.055  1.00 9.93  ? 123 CYS A CA  1 
ATOM   794  C C   . CYS A 1 100 ? 3.515   -2.060  -4.521  1.00 10.08 ? 123 CYS A C   1 
ATOM   795  O O   . CYS A 1 100 ? 2.553   -1.725  -5.216  1.00 9.41  ? 123 CYS A O   1 
ATOM   796  C CB  . CYS A 1 100 ? 3.122   -2.877  -2.190  1.00 10.64 ? 123 CYS A CB  1 
ATOM   797  S SG  . CYS A 1 100 ? 3.310   -2.609  -0.397  1.00 15.51 ? 123 CYS A SG  1 
ATOM   798  N N   . PHE A 1 101 ? 4.542   -2.743  -4.993  1.00 9.64  ? 124 PHE A N   1 
ATOM   799  C CA  . PHE A 1 101 ? 4.576   -3.177  -6.389  1.00 9.16  ? 124 PHE A CA  1 
ATOM   800  C C   . PHE A 1 101 ? 4.826   -4.678  -6.450  1.00 10.02 ? 124 PHE A C   1 
ATOM   801  O O   . PHE A 1 101 ? 5.842   -5.148  -5.937  1.00 9.53  ? 124 PHE A O   1 
ATOM   802  C CB  . PHE A 1 101 ? 5.693   -2.440  -7.159  1.00 10.11 ? 124 PHE A CB  1 
ATOM   803  C CG  . PHE A 1 101 ? 5.987   -3.072  -8.463  1.00 9.18  ? 124 PHE A CG  1 
ATOM   804  C CD1 . PHE A 1 101 ? 5.029   -3.047  -9.483  1.00 10.17 ? 124 PHE A CD1 1 
ATOM   805  C CD2 . PHE A 1 101 ? 7.195   -3.727  -8.663  1.00 8.44  ? 124 PHE A CD2 1 
ATOM   806  C CE1 . PHE A 1 101 ? 5.264   -3.703  -10.700 1.00 11.23 ? 124 PHE A CE1 1 
ATOM   807  C CE2 . PHE A 1 101 ? 7.453   -4.402  -9.891  1.00 10.56 ? 124 PHE A CE2 1 
ATOM   808  C CZ  . PHE A 1 101 ? 6.489   -4.379  -10.909 1.00 9.71  ? 124 PHE A CZ  1 
ATOM   809  N N   . ASN A 1 102 ? 3.898   -5.407  -7.092  1.00 11.34 ? 125 ASN A N   1 
ATOM   810  C CA  . ASN A 1 102 ? 4.022   -6.842  -7.302  1.00 12.70 ? 125 ASN A CA  1 
ATOM   811  C C   . ASN A 1 102 ? 4.253   -7.168  -8.795  1.00 12.22 ? 125 ASN A C   1 
ATOM   812  O O   . ASN A 1 102 ? 3.343   -7.007  -9.638  1.00 12.69 ? 125 ASN A O   1 
ATOM   813  C CB  . ASN A 1 102 ? 2.772   -7.573  -6.799  1.00 13.00 ? 125 ASN A CB  1 
ATOM   814  C CG  . ASN A 1 102 ? 2.971   -9.079  -6.725  1.00 18.79 ? 125 ASN A CG  1 
ATOM   815  O OD1 . ASN A 1 102 ? 3.681   -9.677  -7.539  1.00 17.69 ? 125 ASN A OD1 1 
ATOM   816  N ND2 . ASN A 1 102 ? 2.350   -9.708  -5.713  1.00 25.93 ? 125 ASN A ND2 1 
ATOM   817  N N   . ALA A 1 103 ? 5.463   -7.611  -9.119  1.00 12.41 ? 126 ALA A N   1 
ATOM   818  C CA  . ALA A 1 103 ? 5.820   -7.883  -10.530 1.00 13.69 ? 126 ALA A CA  1 
ATOM   819  C C   . ALA A 1 103 ? 4.975   -8.986  -11.179 1.00 13.73 ? 126 ALA A C   1 
ATOM   820  O O   . ALA A 1 103 ? 4.864   -9.030  -12.417 1.00 14.36 ? 126 ALA A O   1 
ATOM   821  C CB  . ALA A 1 103 ? 7.314   -8.215  -10.659 1.00 14.21 ? 126 ALA A CB  1 
ATOM   822  N N   . SER A 1 104 ? 4.380   -9.858  -10.363 1.00 13.84 ? 127 SER A N   1 
ATOM   823  C CA  . SER A 1 104 ? 3.553   -10.965 -10.878 1.00 15.02 ? 127 SER A CA  1 
ATOM   824  C C   . SER A 1 104 ? 2.099   -10.612 -11.138 1.00 15.10 ? 127 SER A C   1 
ATOM   825  O O   . SER A 1 104 ? 1.348   -11.447 -11.644 1.00 16.12 ? 127 SER A O   1 
ATOM   826  C CB  . SER A 1 104 ? 3.589   -12.149 -9.915  1.00 15.66 ? 127 SER A CB  1 
ATOM   827  O OG  . SER A 1 104 ? 4.913   -12.607 -9.789  1.00 20.12 ? 127 SER A OG  1 
ATOM   828  N N   . ALA A 1 105 ? 1.690   -9.387  -10.831 1.00 14.08 ? 128 ALA A N   1 
ATOM   829  C CA  . ALA A 1 105 ? 0.315   -8.966  -11.100 1.00 13.84 ? 128 ALA A CA  1 
ATOM   830  C C   . ALA A 1 105 ? 0.042   -8.813  -12.607 1.00 14.31 ? 128 ALA A C   1 
ATOM   831  O O   . ALA A 1 105 ? 1.004   -8.796  -13.421 1.00 14.40 ? 128 ALA A O   1 
ATOM   832  C CB  . ALA A 1 105 ? -0.020  -7.656  -10.309 1.00 13.66 ? 128 ALA A CB  1 
ATOM   833  N N   . PRO A 1 106 ? -1.253  -8.731  -13.012 1.00 14.07 ? 129 PRO A N   1 
ATOM   834  C CA  . PRO A 1 106 ? -1.547  -8.421  -14.425 1.00 13.89 ? 129 PRO A CA  1 
ATOM   835  C C   . PRO A 1 106 ? -1.027  -7.051  -14.894 1.00 13.06 ? 129 PRO A C   1 
ATOM   836  O O   . PRO A 1 106 ? -0.775  -6.177  -14.056 1.00 13.47 ? 129 PRO A O   1 
ATOM   837  C CB  . PRO A 1 106 ? -3.080  -8.439  -14.482 1.00 14.60 ? 129 PRO A CB  1 
ATOM   838  C CG  . PRO A 1 106 ? -3.472  -9.421  -13.393 1.00 15.78 ? 129 PRO A CG  1 
ATOM   839  C CD  . PRO A 1 106 ? -2.490  -9.104  -12.276 1.00 13.77 ? 129 PRO A CD  1 
ATOM   840  N N   . PRO A 1 107 ? -0.842  -6.869  -16.221 1.00 12.56 ? 130 PRO A N   1 
ATOM   841  C CA  . PRO A 1 107 ? -0.194  -5.627  -16.676 1.00 12.29 ? 130 PRO A CA  1 
ATOM   842  C C   . PRO A 1 107 ? -1.023  -4.354  -16.584 1.00 12.14 ? 130 PRO A C   1 
ATOM   843  O O   . PRO A 1 107 ? -0.461  -3.247  -16.530 1.00 11.53 ? 130 PRO A O   1 
ATOM   844  C CB  . PRO A 1 107 ? 0.169   -5.936  -18.149 1.00 12.34 ? 130 PRO A CB  1 
ATOM   845  C CG  . PRO A 1 107 ? -0.832  -7.018  -18.573 1.00 11.52 ? 130 PRO A CG  1 
ATOM   846  C CD  . PRO A 1 107 ? -1.007  -7.850  -17.319 1.00 12.46 ? 130 PRO A CD  1 
ATOM   847  N N   . GLU A 1 108 ? -2.344  -4.489  -16.547 1.00 13.17 ? 131 GLU A N   1 
ATOM   848  C CA  . GLU A 1 108 ? -3.202  -3.310  -16.535 1.00 13.65 ? 131 GLU A CA  1 
ATOM   849  C C   . GLU A 1 108 ? -4.001  -3.294  -15.238 1.00 14.61 ? 131 GLU A C   1 
ATOM   850  O O   . GLU A 1 108 ? -3.417  -3.508  -14.188 1.00 14.64 ? 131 GLU A O   1 
ATOM   851  C CB  . GLU A 1 108 ? -4.039  -3.244  -17.823 1.00 15.16 ? 131 GLU A CB  1 
ATOM   852  C CG  . GLU A 1 108 ? -3.054  -3.132  -19.033 1.00 18.32 ? 131 GLU A CG  1 
ATOM   853  C CD  . GLU A 1 108 ? -3.694  -2.800  -20.358 1.00 26.55 ? 131 GLU A CD  1 
ATOM   854  O OE1 . GLU A 1 108 ? -4.463  -3.643  -20.857 1.00 27.46 ? 131 GLU A OE1 1 
ATOM   855  O OE2 . GLU A 1 108 ? -3.373  -1.718  -20.928 1.00 31.16 ? 131 GLU A OE2 1 
ATOM   856  N N   . GLU A 1 109 ? -5.312  -3.040  -15.289 1.00 16.09 ? 132 GLU A N   1 
ATOM   857  C CA  . GLU A 1 109 ? -6.117  -2.987  -14.050 1.00 17.19 ? 132 GLU A CA  1 
ATOM   858  C C   . GLU A 1 109 ? -6.474  -4.392  -13.539 1.00 17.10 ? 132 GLU A C   1 
ATOM   859  O O   . GLU A 1 109 ? -6.951  -5.240  -14.310 1.00 16.89 ? 132 GLU A O   1 
ATOM   860  C CB  . GLU A 1 109 ? -7.395  -2.158  -14.279 1.00 18.10 ? 132 GLU A CB  1 
ATOM   861  C CG  . GLU A 1 109 ? -8.274  -2.029  -13.018 1.00 22.30 ? 132 GLU A CG  1 
ATOM   862  C CD  . GLU A 1 109 ? -9.580  -1.257  -13.261 1.00 27.13 ? 132 GLU A CD  1 
ATOM   863  O OE1 . GLU A 1 109 ? -9.694  -0.111  -12.794 1.00 31.08 ? 132 GLU A OE1 1 
ATOM   864  O OE2 . GLU A 1 109 ? -10.495 -1.801  -13.908 1.00 32.12 ? 132 GLU A OE2 1 
ATOM   865  N N   . ASP A 1 110 ? -6.237  -4.639  -12.256 1.00 15.72 ? 133 ASP A N   1 
ATOM   866  C CA  . ASP A 1 110 ? -6.618  -5.905  -11.633 1.00 16.14 ? 133 ASP A CA  1 
ATOM   867  C C   . ASP A 1 110 ? -7.424  -5.586  -10.387 1.00 16.25 ? 133 ASP A C   1 
ATOM   868  O O   . ASP A 1 110 ? -6.854  -5.293  -9.319  1.00 14.46 ? 133 ASP A O   1 
ATOM   869  C CB  . ASP A 1 110 ? -5.402  -6.794  -11.313 1.00 15.66 ? 133 ASP A CB  1 
ATOM   870  C CG  . ASP A 1 110 ? -5.794  -8.085  -10.595 1.00 17.35 ? 133 ASP A CG  1 
ATOM   871  O OD1 . ASP A 1 110 ? -7.010  -8.448  -10.597 1.00 18.05 ? 133 ASP A OD1 1 
ATOM   872  O OD2 . ASP A 1 110 ? -4.898  -8.745  -10.019 1.00 17.78 ? 133 ASP A OD2 1 
ATOM   873  N N   . CYS A 1 111 ? -8.749  -5.618  -10.540 1.00 16.87 ? 134 CYS A N   1 
ATOM   874  C CA  . CYS A 1 111 ? -9.643  -5.291  -9.417  1.00 19.18 ? 134 CYS A CA  1 
ATOM   875  C C   . CYS A 1 111 ? -10.213 -6.518  -8.709  1.00 18.45 ? 134 CYS A C   1 
ATOM   876  O O   . CYS A 1 111 ? -11.243 -6.453  -8.029  1.00 20.33 ? 134 CYS A O   1 
ATOM   877  C CB  . CYS A 1 111 ? -10.726 -4.278  -9.855  1.00 20.18 ? 134 CYS A CB  1 
ATOM   878  S SG  . CYS A 1 111 ? -10.040 -2.580  -9.869  1.00 26.15 ? 134 CYS A SG  1 
ATOM   879  N N   . THR A 1 112 ? -9.517  -7.636  -8.843  1.00 17.41 ? 135 THR A N   1 
ATOM   880  C CA  . THR A 1 112 ? -9.837  -8.807  -8.054  1.00 16.14 ? 135 THR A CA  1 
ATOM   881  C C   . THR A 1 112 ? -9.333  -8.642  -6.622  1.00 15.93 ? 135 THR A C   1 
ATOM   882  O O   . THR A 1 112 ? -8.432  -7.830  -6.348  1.00 16.21 ? 135 THR A O   1 
ATOM   883  C CB  . THR A 1 112 ? -9.286  -10.077 -8.673  1.00 16.45 ? 135 THR A CB  1 
ATOM   884  O OG1 . THR A 1 112 ? -7.854  -10.003 -8.711  1.00 16.81 ? 135 THR A OG1 1 
ATOM   885  C CG2 . THR A 1 112 ? -9.846  -10.258 -10.085 1.00 16.76 ? 135 THR A CG2 1 
ATOM   886  N N   A SER A 1 113 ? -9.921  -9.424  -5.722  0.50 15.69 ? 136 SER A N   1 
ATOM   887  N N   B SER A 1 113 ? -9.930  -9.394  -5.704  0.50 15.25 ? 136 SER A N   1 
ATOM   888  C CA  A SER A 1 113 ? -9.541  -9.430  -4.308  0.50 16.17 ? 136 SER A CA  1 
ATOM   889  C CA  B SER A 1 113 ? -9.559  -9.307  -4.290  0.50 15.28 ? 136 SER A CA  1 
ATOM   890  C C   A SER A 1 113 ? -8.143  -9.969  -4.047  0.50 16.68 ? 136 SER A C   1 
ATOM   891  C C   B SER A 1 113 ? -8.234  -10.000 -3.974  0.50 16.21 ? 136 SER A C   1 
ATOM   892  O O   A SER A 1 113 ? -7.656  -10.849 -4.763  0.50 16.28 ? 136 SER A O   1 
ATOM   893  O O   B SER A 1 113 ? -7.880  -11.006 -4.597  0.50 15.87 ? 136 SER A O   1 
ATOM   894  C CB  A SER A 1 113 ? -10.538 -10.255 -3.507  0.50 15.90 ? 136 SER A CB  1 
ATOM   895  C CB  B SER A 1 113 ? -10.673 -9.879  -3.423  0.50 14.73 ? 136 SER A CB  1 
ATOM   896  O OG  A SER A 1 113 ? -11.767 -9.579  -3.420  0.50 16.20 ? 136 SER A OG  1 
ATOM   897  O OG  B SER A 1 113 ? -11.054 -11.155 -3.895  0.50 12.10 ? 136 SER A OG  1 
ATOM   898  N N   . VAL A 1 114 ? -7.510  -9.426  -3.007  1.00 16.33 ? 137 VAL A N   1 
ATOM   899  C CA  . VAL A 1 114 ? -6.236  -9.953  -2.504  1.00 17.84 ? 137 VAL A CA  1 
ATOM   900  C C   . VAL A 1 114 ? -6.562  -10.950 -1.397  1.00 19.48 ? 137 VAL A C   1 
ATOM   901  O O   . VAL A 1 114 ? -7.313  -10.647 -0.444  1.00 18.39 ? 137 VAL A O   1 
ATOM   902  C CB  . VAL A 1 114 ? -5.318  -8.830  -1.969  1.00 17.59 ? 137 VAL A CB  1 
ATOM   903  C CG1 . VAL A 1 114 ? -3.988  -9.418  -1.406  1.00 17.25 ? 137 VAL A CG1 1 
ATOM   904  C CG2 . VAL A 1 114 ? -5.007  -7.850  -3.061  1.00 18.07 ? 137 VAL A CG2 1 
ATOM   905  N N   . THR A 1 115 ? -5.978  -12.137 -1.534  1.00 21.34 ? 138 THR A N   1 
ATOM   906  C CA  . THR A 1 115 ? -6.410  -13.327 -0.822  1.00 23.90 ? 138 THR A CA  1 
ATOM   907  C C   . THR A 1 115 ? -5.322  -13.928 0.083   1.00 24.30 ? 138 THR A C   1 
ATOM   908  O O   . THR A 1 115 ? -5.537  -14.964 0.704   1.00 24.17 ? 138 THR A O   1 
ATOM   909  C CB  . THR A 1 115 ? -6.773  -14.440 -1.851  1.00 24.79 ? 138 THR A CB  1 
ATOM   910  O OG1 . THR A 1 115 ? -5.566  -14.893 -2.473  1.00 28.53 ? 138 THR A OG1 1 
ATOM   911  C CG2 . THR A 1 115 ? -7.689  -13.910 -2.935  1.00 26.39 ? 138 THR A CG2 1 
ATOM   912  N N   . ASP A 1 116 ? -4.136  -13.335 0.090   1.00 24.66 ? 139 ASP A N   1 
ATOM   913  C CA  . ASP A 1 116 ? -3.032  -13.891 0.863   1.00 25.88 ? 139 ASP A CA  1 
ATOM   914  C C   . ASP A 1 116 ? -1.984  -12.842 1.139   1.00 25.18 ? 139 ASP A C   1 
ATOM   915  O O   . ASP A 1 116 ? -1.922  -11.799 0.480   1.00 24.98 ? 139 ASP A O   1 
ATOM   916  C CB  . ASP A 1 116 ? -2.381  -15.110 0.177   1.00 26.74 ? 139 ASP A CB  1 
ATOM   917  C CG  . ASP A 1 116 ? -1.482  -15.952 1.147   1.00 30.26 ? 139 ASP A CG  1 
ATOM   918  O OD1 . ASP A 1 116 ? -1.524  -15.793 2.411   1.00 31.56 ? 139 ASP A OD1 1 
ATOM   919  O OD2 . ASP A 1 116 ? -0.722  -16.793 0.623   1.00 35.16 ? 139 ASP A OD2 1 
ATOM   920  N N   . LEU A 1 117 ? -1.171  -13.144 2.144   1.00 24.45 ? 140 LEU A N   1 
ATOM   921  C CA  . LEU A 1 117 ? -0.056  -12.348 2.539   1.00 23.28 ? 140 LEU A CA  1 
ATOM   922  C C   . LEU A 1 117 ? 1.068   -13.368 2.499   1.00 22.93 ? 140 LEU A C   1 
ATOM   923  O O   . LEU A 1 117 ? 1.465   -13.908 3.543   1.00 22.62 ? 140 LEU A O   1 
ATOM   924  C CB  . LEU A 1 117 ? -0.310  -11.830 3.954   1.00 23.75 ? 140 LEU A CB  1 
ATOM   925  C CG  . LEU A 1 117 ? 0.676   -10.809 4.515   1.00 22.82 ? 140 LEU A CG  1 
ATOM   926  C CD1 . LEU A 1 117 ? 0.604   -9.505  3.736   1.00 23.08 ? 140 LEU A CD1 1 
ATOM   927  C CD2 . LEU A 1 117 ? 0.386   -10.563 5.976   1.00 24.70 ? 140 LEU A CD2 1 
ATOM   928  N N   . PRO A 1 118 ? 1.568   -13.658 1.282   1.00 22.18 ? 141 PRO A N   1 
ATOM   929  C CA  . PRO A 1 118 ? 2.286   -14.905 1.036   1.00 21.56 ? 141 PRO A CA  1 
ATOM   930  C C   . PRO A 1 118 ? 3.610   -15.016 1.768   1.00 21.16 ? 141 PRO A C   1 
ATOM   931  O O   . PRO A 1 118 ? 4.089   -16.138 2.000   1.00 21.09 ? 141 PRO A O   1 
ATOM   932  C CB  . PRO A 1 118 ? 2.513   -14.898 -0.488  1.00 21.81 ? 141 PRO A CB  1 
ATOM   933  C CG  . PRO A 1 118 ? 2.350   -13.493 -0.909  1.00 22.12 ? 141 PRO A CG  1 
ATOM   934  C CD  . PRO A 1 118 ? 1.404   -12.856 0.052   1.00 21.79 ? 141 PRO A CD  1 
ATOM   935  N N   . ASN A 1 119 ? 4.193   -13.882 2.135   1.00 19.29 ? 142 ASN A N   1 
ATOM   936  C CA  . ASN A 1 119 ? 5.514   -13.888 2.724   1.00 18.63 ? 142 ASN A CA  1 
ATOM   937  C C   . ASN A 1 119 ? 5.574   -13.395 4.170   1.00 17.62 ? 142 ASN A C   1 
ATOM   938  O O   . ASN A 1 119 ? 6.648   -13.013 4.661   1.00 16.49 ? 142 ASN A O   1 
ATOM   939  C CB  . ASN A 1 119 ? 6.452   -13.081 1.842   1.00 19.88 ? 142 ASN A CB  1 
ATOM   940  C CG  . ASN A 1 119 ? 7.862   -13.518 1.967   1.00 21.69 ? 142 ASN A CG  1 
ATOM   941  O OD1 . ASN A 1 119 ? 8.146   -14.719 2.154   1.00 25.08 ? 142 ASN A OD1 1 
ATOM   942  N ND2 . ASN A 1 119 ? 8.785   -12.557 1.889   1.00 23.61 ? 142 ASN A ND2 1 
ATOM   943  N N   . SER A 1 120 ? 4.432   -13.405 4.857   1.00 16.53 ? 143 SER A N   1 
ATOM   944  C CA  . SER A 1 120 ? 4.414   -13.089 6.296   1.00 16.39 ? 143 SER A CA  1 
ATOM   945  C C   . SER A 1 120 ? 5.121   -14.231 7.013   1.00 15.67 ? 143 SER A C   1 
ATOM   946  O O   . SER A 1 120 ? 5.219   -15.355 6.485   1.00 14.77 ? 143 SER A O   1 
ATOM   947  C CB  . SER A 1 120 ? 2.989   -12.952 6.823   1.00 15.93 ? 143 SER A CB  1 
ATOM   948  O OG  . SER A 1 120 ? 2.213   -14.075 6.479   1.00 17.72 ? 143 SER A OG  1 
ATOM   949  N N   . PHE A 1 121 ? 5.629   -13.951 8.198   1.00 14.88 ? 144 PHE A N   1 
ATOM   950  C CA  . PHE A 1 121 ? 6.339   -15.002 8.917   1.00 15.24 ? 144 PHE A CA  1 
ATOM   951  C C   . PHE A 1 121 ? 5.581   -15.399 10.172  1.00 14.62 ? 144 PHE A C   1 
ATOM   952  O O   . PHE A 1 121 ? 4.515   -14.848 10.473  1.00 14.27 ? 144 PHE A O   1 
ATOM   953  C CB  . PHE A 1 121 ? 7.821   -14.673 9.153   1.00 15.63 ? 144 PHE A CB  1 
ATOM   954  C CG  . PHE A 1 121 ? 8.085   -13.306 9.691   1.00 17.86 ? 144 PHE A CG  1 
ATOM   955  C CD1 . PHE A 1 121 ? 8.002   -13.052 11.059  1.00 18.87 ? 144 PHE A CD1 1 
ATOM   956  C CD2 . PHE A 1 121 ? 8.448   -12.274 8.829   1.00 19.40 ? 144 PHE A CD2 1 
ATOM   957  C CE1 . PHE A 1 121 ? 8.267   -11.757 11.569  1.00 22.37 ? 144 PHE A CE1 1 
ATOM   958  C CE2 . PHE A 1 121 ? 8.722   -10.992 9.319   1.00 21.93 ? 144 PHE A CE2 1 
ATOM   959  C CZ  . PHE A 1 121 ? 8.614   -10.730 10.700  1.00 21.32 ? 144 PHE A CZ  1 
ATOM   960  N N   . ASP A 1 122 ? 6.094   -16.397 10.873  1.00 14.15 ? 145 ASP A N   1 
ATOM   961  C CA  . ASP A 1 122 ? 5.459   -16.854 12.100  1.00 14.96 ? 145 ASP A CA  1 
ATOM   962  C C   . ASP A 1 122 ? 5.359   -15.720 13.142  1.00 14.58 ? 145 ASP A C   1 
ATOM   963  O O   . ASP A 1 122 ? 6.295   -14.937 13.340  1.00 14.76 ? 145 ASP A O   1 
ATOM   964  C CB  . ASP A 1 122 ? 6.238   -18.038 12.686  1.00 14.98 ? 145 ASP A CB  1 
ATOM   965  C CG  . ASP A 1 122 ? 5.596   -18.580 13.957  1.00 17.66 ? 145 ASP A CG  1 
ATOM   966  O OD1 . ASP A 1 122 ? 4.651   -19.400 13.854  1.00 19.73 ? 145 ASP A OD1 1 
ATOM   967  O OD2 . ASP A 1 122 ? 6.025   -18.188 15.058  1.00 21.72 ? 145 ASP A OD2 1 
ATOM   968  N N   . GLY A 1 123 ? 4.213   -15.650 13.801  1.00 15.83 ? 146 GLY A N   1 
ATOM   969  C CA  . GLY A 1 123 ? 3.981   -14.637 14.823  1.00 15.52 ? 146 GLY A CA  1 
ATOM   970  C C   . GLY A 1 123 ? 2.597   -14.682 15.433  1.00 16.40 ? 146 GLY A C   1 
ATOM   971  O O   . GLY A 1 123 ? 1.753   -15.489 15.017  1.00 15.53 ? 146 GLY A O   1 
ATOM   972  N N   . PRO A 1 124 ? 2.353   -13.805 16.425  1.00 17.02 ? 147 PRO A N   1 
ATOM   973  C CA  . PRO A 1 124 ? 1.177   -13.806 17.297  1.00 17.75 ? 147 PRO A CA  1 
ATOM   974  C C   . PRO A 1 124 ? -0.015  -12.980 16.771  1.00 17.79 ? 147 PRO A C   1 
ATOM   975  O O   . PRO A 1 124 ? -1.136  -13.144 17.265  1.00 17.93 ? 147 PRO A O   1 
ATOM   976  C CB  . PRO A 1 124 ? 1.715   -13.159 18.571  1.00 17.93 ? 147 PRO A CB  1 
ATOM   977  C CG  . PRO A 1 124 ? 2.684   -12.117 18.045  1.00 17.63 ? 147 PRO A CG  1 
ATOM   978  C CD  . PRO A 1 124 ? 3.311   -12.748 16.797  1.00 17.58 ? 147 PRO A CD  1 
ATOM   979  N N   . VAL A 1 125 ? 0.237   -12.127 15.780  1.00 16.76 ? 148 VAL A N   1 
ATOM   980  C CA  . VAL A 1 125 ? -0.726  -11.132 15.321  1.00 16.41 ? 148 VAL A CA  1 
ATOM   981  C C   . VAL A 1 125 ? -1.770  -11.757 14.392  1.00 16.05 ? 148 VAL A C   1 
ATOM   982  O O   . VAL A 1 125 ? -1.434  -12.483 13.457  1.00 16.60 ? 148 VAL A O   1 
ATOM   983  C CB  . VAL A 1 125 ? -0.020  -9.982  14.569  1.00 16.20 ? 148 VAL A CB  1 
ATOM   984  C CG1 . VAL A 1 125 ? -1.017  -8.850  14.243  1.00 16.85 ? 148 VAL A CG1 1 
ATOM   985  C CG2 . VAL A 1 125 ? 1.210   -9.447  15.343  1.00 17.25 ? 148 VAL A CG2 1 
ATOM   986  N N   . THR A 1 126 ? -3.042  -11.467 14.635  1.00 15.99 ? 149 THR A N   1 
ATOM   987  C CA  . THR A 1 126 ? -4.075  -11.762 13.636  1.00 15.68 ? 149 THR A CA  1 
ATOM   988  C C   . THR A 1 126 ? -4.083  -10.645 12.593  1.00 15.37 ? 149 THR A C   1 
ATOM   989  O O   . THR A 1 126 ? -4.450  -9.528  12.897  1.00 14.91 ? 149 THR A O   1 
ATOM   990  C CB  . THR A 1 126 ? -5.466  -11.914 14.286  1.00 16.62 ? 149 THR A CB  1 
ATOM   991  O OG1 . THR A 1 126 ? -5.425  -13.035 15.177  1.00 17.89 ? 149 THR A OG1 1 
ATOM   992  C CG2 . THR A 1 126 ? -6.578  -12.165 13.222  1.00 17.90 ? 149 THR A CG2 1 
ATOM   993  N N   . ILE A 1 127 ? -3.657  -10.974 11.383  1.00 14.26 ? 150 ILE A N   1 
ATOM   994  C CA  . ILE A 1 127 ? -3.532  -9.986  10.304  1.00 14.46 ? 150 ILE A CA  1 
ATOM   995  C C   . ILE A 1 127 ? -4.690  -10.221 9.363   1.00 14.35 ? 150 ILE A C   1 
ATOM   996  O O   . ILE A 1 127 ? -4.850  -11.321 8.827   1.00 13.98 ? 150 ILE A O   1 
ATOM   997  C CB  . ILE A 1 127 ? -2.189  -10.139 9.554   1.00 14.97 ? 150 ILE A CB  1 
ATOM   998  C CG1 . ILE A 1 127 ? -1.030  -10.002 10.543  1.00 16.37 ? 150 ILE A CG1 1 
ATOM   999  C CG2 . ILE A 1 127 ? -2.112  -9.163  8.371   1.00 15.22 ? 150 ILE A CG2 1 
ATOM   1000 C CD1 . ILE A 1 127 ? 0.303   -10.521 9.976   1.00 19.20 ? 150 ILE A CD1 1 
ATOM   1001 N N   . THR A 1 128 ? -5.476  -9.176  9.132   1.00 12.99 ? 151 THR A N   1 
ATOM   1002 C CA  . THR A 1 128 ? -6.620  -9.291  8.255   1.00 13.48 ? 151 THR A CA  1 
ATOM   1003 C C   . THR A 1 128 ? -6.432  -8.398  7.037   1.00 13.06 ? 151 THR A C   1 
ATOM   1004 O O   . THR A 1 128 ? -6.270  -7.203  7.176   1.00 12.96 ? 151 THR A O   1 
ATOM   1005 C CB  . THR A 1 128 ? -7.952  -8.968  9.014   1.00 13.94 ? 151 THR A CB  1 
ATOM   1006 O OG1 . THR A 1 128 ? -8.139  -9.915  10.082  1.00 16.13 ? 151 THR A OG1 1 
ATOM   1007 C CG2 . THR A 1 128 ? -9.170  -9.069  8.085   1.00 14.80 ? 151 THR A CG2 1 
ATOM   1008 N N   . ILE A 1 129 ? -6.405  -9.015  5.848   1.00 11.98 ? 152 ILE A N   1 
ATOM   1009 C CA  . ILE A 1 129 ? -6.503  -8.292  4.595   1.00 11.60 ? 152 ILE A CA  1 
ATOM   1010 C C   . ILE A 1 129 ? -7.962  -7.905  4.336   1.00 11.45 ? 152 ILE A C   1 
ATOM   1011 O O   . ILE A 1 129 ? -8.867  -8.764  4.347   1.00 11.47 ? 152 ILE A O   1 
ATOM   1012 C CB  . ILE A 1 129 ? -5.985  -9.126  3.409   1.00 11.23 ? 152 ILE A CB  1 
ATOM   1013 C CG1 . ILE A 1 129 ? -4.544  -9.556  3.687   1.00 14.27 ? 152 ILE A CG1 1 
ATOM   1014 C CG2 . ILE A 1 129 ? -6.105  -8.301  2.101   1.00 11.60 ? 152 ILE A CG2 1 
ATOM   1015 C CD1 . ILE A 1 129 ? -3.987  -10.508 2.700   1.00 19.01 ? 152 ILE A CD1 1 
ATOM   1016 N N   . VAL A 1 130 ? -8.183  -6.615  4.091   1.00 9.85  ? 153 VAL A N   1 
ATOM   1017 C CA  . VAL A 1 130 ? -9.538  -6.131  3.829   1.00 10.81 ? 153 VAL A CA  1 
ATOM   1018 C C   . VAL A 1 130 ? -9.582  -5.498  2.439   1.00 10.18 ? 153 VAL A C   1 
ATOM   1019 O O   . VAL A 1 130 ? -8.930  -4.482  2.184   1.00 9.67  ? 153 VAL A O   1 
ATOM   1020 C CB  . VAL A 1 130 ? -10.024 -5.091  4.860   1.00 9.97  ? 153 VAL A CB  1 
ATOM   1021 C CG1 . VAL A 1 130 ? -11.508 -4.701  4.581   1.00 13.47 ? 153 VAL A CG1 1 
ATOM   1022 C CG2 . VAL A 1 130 ? -9.831  -5.585  6.326   1.00 11.56 ? 153 VAL A CG2 1 
ATOM   1023 N N   . ASN A 1 131 ? -10.367 -6.102  1.553   1.00 8.98  ? 154 ASN A N   1 
ATOM   1024 C CA  . ASN A 1 131 ? -10.549 -5.558  0.211   1.00 9.53  ? 154 ASN A CA  1 
ATOM   1025 C C   . ASN A 1 131 ? -11.622 -4.497  0.183   1.00 9.62  ? 154 ASN A C   1 
ATOM   1026 O O   . ASN A 1 131 ? -12.445 -4.419  1.101   1.00 10.76 ? 154 ASN A O   1 
ATOM   1027 C CB  . ASN A 1 131 ? -10.872 -6.704  -0.746  1.00 9.69  ? 154 ASN A CB  1 
ATOM   1028 C CG  . ASN A 1 131 ? -9.684  -7.620  -0.913  1.00 10.78 ? 154 ASN A CG  1 
ATOM   1029 O OD1 . ASN A 1 131 ? -8.764  -7.320  -1.688  1.00 10.18 ? 154 ASN A OD1 1 
ATOM   1030 N ND2 . ASN A 1 131 ? -9.650  -8.697  -0.127  1.00 10.47 ? 154 ASN A ND2 1 
ATOM   1031 N N   . ARG A 1 132 ? -11.623 -3.659  -0.854  1.00 9.49  ? 155 ARG A N   1 
ATOM   1032 C CA  . ARG A 1 132 ? -12.570 -2.561  -0.892  1.00 10.27 ? 155 ARG A CA  1 
ATOM   1033 C C   . ARG A 1 132 ? -14.023 -3.061  -0.994  1.00 10.17 ? 155 ARG A C   1 
ATOM   1034 O O   . ARG A 1 132 ? -14.930 -2.417  -0.492  1.00 9.93  ? 155 ARG A O   1 
ATOM   1035 C CB  . ARG A 1 132 ? -12.208 -1.566  -2.022  1.00 11.21 ? 155 ARG A CB  1 
ATOM   1036 C CG  . ARG A 1 132 ? -13.145 -0.341  -2.135  1.00 11.78 ? 155 ARG A CG  1 
ATOM   1037 C CD  . ARG A 1 132 ? -13.122 0.543   -0.860  1.00 15.85 ? 155 ARG A CD  1 
ATOM   1038 N NE  . ARG A 1 132 ? -13.972 0.038   0.238   1.00 14.42 ? 155 ARG A NE  1 
ATOM   1039 C CZ  . ARG A 1 132 ? -14.340 0.767   1.288   1.00 15.27 ? 155 ARG A CZ  1 
ATOM   1040 N NH1 . ARG A 1 132 ? -13.934 2.024   1.389   1.00 16.48 ? 155 ARG A NH1 1 
ATOM   1041 N NH2 . ARG A 1 132 ? -15.096 0.249   2.243   1.00 15.50 ? 155 ARG A NH2 1 
ATOM   1042 N N   . ASP A 1 133 ? -14.240 -4.228  -1.613  1.00 10.01 ? 156 ASP A N   1 
ATOM   1043 C CA  . ASP A 1 133 ? -15.591 -4.840  -1.627  1.00 10.91 ? 156 ASP A CA  1 
ATOM   1044 C C   . ASP A 1 133 ? -15.962 -5.591  -0.351  1.00 12.06 ? 156 ASP A C   1 
ATOM   1045 O O   . ASP A 1 133 ? -17.015 -6.262  -0.285  1.00 11.40 ? 156 ASP A O   1 
ATOM   1046 C CB  . ASP A 1 133 ? -15.763 -5.769  -2.860  1.00 10.94 ? 156 ASP A CB  1 
ATOM   1047 C CG  . ASP A 1 133 ? -14.928 -7.052  -2.776  1.00 12.69 ? 156 ASP A CG  1 
ATOM   1048 O OD1 . ASP A 1 133 ? -14.247 -7.292  -1.760  1.00 13.96 ? 156 ASP A OD1 1 
ATOM   1049 O OD2 . ASP A 1 133 ? -14.924 -7.803  -3.791  1.00 13.27 ? 156 ASP A OD2 1 
ATOM   1050 N N   . GLY A 1 134 ? -15.061 -5.519  0.625   1.00 11.17 ? 157 GLY A N   1 
ATOM   1051 C CA  . GLY A 1 134 ? -15.285 -6.031  1.984   1.00 11.52 ? 157 GLY A CA  1 
ATOM   1052 C C   . GLY A 1 134 ? -14.799 -7.458  2.176   1.00 12.04 ? 157 GLY A C   1 
ATOM   1053 O O   . GLY A 1 134 ? -14.819 -7.965  3.291   1.00 11.63 ? 157 GLY A O   1 
ATOM   1054 N N   . THR A 1 135 ? -14.390 -8.120  1.093   1.00 12.27 ? 158 THR A N   1 
ATOM   1055 C CA  . THR A 1 135 ? -13.883 -9.485  1.203   1.00 13.35 ? 158 THR A CA  1 
ATOM   1056 C C   . THR A 1 135 ? -12.689 -9.490  2.159   1.00 12.47 ? 158 THR A C   1 
ATOM   1057 O O   . THR A 1 135 ? -11.803 -8.650  2.035   1.00 12.50 ? 158 THR A O   1 
ATOM   1058 C CB  . THR A 1 135 ? -13.438 -10.038 -0.191  1.00 12.54 ? 158 THR A CB  1 
ATOM   1059 O OG1 . THR A 1 135 ? -14.579 -10.060 -1.077  1.00 17.83 ? 158 THR A OG1 1 
ATOM   1060 C CG2 . THR A 1 135 ? -12.963 -11.474 -0.019  1.00 15.78 ? 158 THR A CG2 1 
ATOM   1061 N N   A ARG A 1 136 ? -12.654 -10.433 3.095   0.50 12.62 ? 159 ARG A N   1 
ATOM   1062 N N   B ARG A 1 136 ? -12.658 -10.455 3.069   0.50 12.73 ? 159 ARG A N   1 
ATOM   1063 C CA  A ARG A 1 136 ? -11.556 -10.501 4.065   0.50 12.89 ? 159 ARG A CA  1 
ATOM   1064 C CA  B ARG A 1 136 ? -11.581 -10.550 4.040   0.50 13.12 ? 159 ARG A CA  1 
ATOM   1065 C C   A ARG A 1 136 ? -10.805 -11.827 4.062   0.50 14.15 ? 159 ARG A C   1 
ATOM   1066 C C   B ARG A 1 136 ? -10.858 -11.887 3.998   0.50 14.46 ? 159 ARG A C   1 
ATOM   1067 O O   A ARG A 1 136 ? -11.393 -12.900 3.869   0.50 13.77 ? 159 ARG A O   1 
ATOM   1068 O O   B ARG A 1 136 ? -11.451 -12.935 3.703   0.50 13.99 ? 159 ARG A O   1 
ATOM   1069 C CB  A ARG A 1 136 ? -12.045 -10.212 5.490   0.50 12.80 ? 159 ARG A CB  1 
ATOM   1070 C CB  B ARG A 1 136 ? -12.110 -10.294 5.452   0.50 12.89 ? 159 ARG A CB  1 
ATOM   1071 C CG  A ARG A 1 136 ? -12.129 -8.719  5.838   0.50 11.87 ? 159 ARG A CG  1 
ATOM   1072 C CG  B ARG A 1 136 ? -12.490 -8.833  5.686   0.50 12.23 ? 159 ARG A CG  1 
ATOM   1073 C CD  A ARG A 1 136 ? -12.711 -8.532  7.257   0.50 11.55 ? 159 ARG A CD  1 
ATOM   1074 C CD  B ARG A 1 136 ? -13.314 -8.684  6.965   0.50 10.42 ? 159 ARG A CD  1 
ATOM   1075 N NE  A ARG A 1 136 ? -13.163 -7.168  7.463   0.50 11.75 ? 159 ARG A NE  1 
ATOM   1076 N NE  B ARG A 1 136 ? -13.245 -7.319  7.452   0.50 10.98 ? 159 ARG A NE  1 
ATOM   1077 C CZ  A ARG A 1 136 ? -12.780 -6.384  8.462   0.50 13.33 ? 159 ARG A CZ  1 
ATOM   1078 C CZ  B ARG A 1 136 ? -13.964 -6.318  6.959   0.50 11.05 ? 159 ARG A CZ  1 
ATOM   1079 N NH1 A ARG A 1 136 ? -11.915 -6.811  9.388   0.50 10.85 ? 159 ARG A NH1 1 
ATOM   1080 N NH1 B ARG A 1 136 ? -14.820 -6.526  5.947   0.50 11.27 ? 159 ARG A NH1 1 
ATOM   1081 N NH2 A ARG A 1 136 ? -13.275 -5.157  8.528   0.50 14.90 ? 159 ARG A NH2 1 
ATOM   1082 N NH2 B ARG A 1 136 ? -13.828 -5.110  7.490   0.50 12.32 ? 159 ARG A NH2 1 
ATOM   1083 N N   A TYR A 1 137 ? -9.497  -11.732 4.274   0.50 14.31 ? 160 TYR A N   1 
ATOM   1084 N N   B TYR A 1 137 ? -9.559  -11.827 4.274   0.50 14.85 ? 160 TYR A N   1 
ATOM   1085 C CA  A TYR A 1 137 ? -8.669  -12.912 4.486   0.50 15.72 ? 160 TYR A CA  1 
ATOM   1086 C CA  B TYR A 1 137 ? -8.752  -13.023 4.460   0.50 16.27 ? 160 TYR A CA  1 
ATOM   1087 C C   A TYR A 1 137 ? -7.848  -12.698 5.736   0.50 16.15 ? 160 TYR A C   1 
ATOM   1088 C C   B TYR A 1 137 ? -7.847  -12.759 5.666   0.50 16.51 ? 160 TYR A C   1 
ATOM   1089 O O   A TYR A 1 137 ? -7.226  -11.644 5.891   0.50 16.18 ? 160 TYR A O   1 
ATOM   1090 O O   B TYR A 1 137 ? -7.173  -11.723 5.720   0.50 16.54 ? 160 TYR A O   1 
ATOM   1091 C CB  A TYR A 1 137 ? -7.747  -13.127 3.299   0.50 15.57 ? 160 TYR A CB  1 
ATOM   1092 C CB  B TYR A 1 137 ? -7.911  -13.294 3.215   0.50 16.35 ? 160 TYR A CB  1 
ATOM   1093 C CG  A TYR A 1 137 ? -6.639  -14.121 3.563   0.50 15.78 ? 160 TYR A CG  1 
ATOM   1094 C CG  B TYR A 1 137 ? -8.626  -13.813 1.964   0.50 17.20 ? 160 TYR A CG  1 
ATOM   1095 C CD1 A TYR A 1 137 ? -6.864  -15.480 3.425   0.50 16.60 ? 160 TYR A CD1 1 
ATOM   1096 C CD1 B TYR A 1 137 ? -8.708  -15.181 1.701   0.50 20.60 ? 160 TYR A CD1 1 
ATOM   1097 C CD2 A TYR A 1 137 ? -5.378  -13.697 3.969   0.50 16.47 ? 160 TYR A CD2 1 
ATOM   1098 C CD2 B TYR A 1 137 ? -9.152  -12.939 1.019   0.50 19.15 ? 160 TYR A CD2 1 
ATOM   1099 C CE1 A TYR A 1 137 ? -5.857  -16.399 3.661   0.50 15.81 ? 160 TYR A CE1 1 
ATOM   1100 C CE1 B TYR A 1 137 ? -9.329  -15.668 0.560   0.50 20.50 ? 160 TYR A CE1 1 
ATOM   1101 C CE2 A TYR A 1 137 ? -4.358  -14.610 4.221   0.50 16.00 ? 160 TYR A CE2 1 
ATOM   1102 C CE2 B TYR A 1 137 ? -9.766  -13.412 -0.135  0.50 19.48 ? 160 TYR A CE2 1 
ATOM   1103 C CZ  A TYR A 1 137 ? -4.608  -15.965 4.059   0.50 15.67 ? 160 TYR A CZ  1 
ATOM   1104 C CZ  B TYR A 1 137 ? -9.850  -14.774 -0.360  0.50 19.99 ? 160 TYR A CZ  1 
ATOM   1105 O OH  A TYR A 1 137 ? -3.621  -16.901 4.288   0.50 14.43 ? 160 TYR A OH  1 
ATOM   1106 O OH  B TYR A 1 137 ? -10.451 -15.240 -1.514  0.50 20.78 ? 160 TYR A OH  1 
ATOM   1107 N N   . SER A 1 138 ? -7.833  -13.692 6.621   1.00 16.85 ? 161 SER A N   1 
ATOM   1108 C CA  . SER A 1 138 ? -7.102  -13.545 7.895   1.00 18.17 ? 161 SER A CA  1 
ATOM   1109 C C   . SER A 1 138 ? -6.035  -14.632 8.082   1.00 18.66 ? 161 SER A C   1 
ATOM   1110 O O   . SER A 1 138 ? -6.187  -15.760 7.589   1.00 18.33 ? 161 SER A O   1 
ATOM   1111 C CB  . SER A 1 138 ? -8.073  -13.587 9.079   1.00 19.02 ? 161 SER A CB  1 
ATOM   1112 O OG  . SER A 1 138 ? -8.816  -12.380 9.169   1.00 23.59 ? 161 SER A OG  1 
ATOM   1113 N N   . LYS A 1 139 ? -4.948  -14.283 8.765   1.00 18.31 ? 162 LYS A N   1 
ATOM   1114 C CA  . LYS A 1 139 ? -3.940  -15.277 9.138   1.00 18.48 ? 162 LYS A CA  1 
ATOM   1115 C C   . LYS A 1 139 ? -3.193  -14.809 10.371  1.00 18.53 ? 162 LYS A C   1 
ATOM   1116 O O   . LYS A 1 139 ? -3.151  -13.609 10.657  1.00 18.59 ? 162 LYS A O   1 
ATOM   1117 C CB  . LYS A 1 139 ? -2.980  -15.595 7.985   1.00 19.08 ? 162 LYS A CB  1 
ATOM   1118 C CG  . LYS A 1 139 ? -2.011  -14.489 7.604   1.00 19.50 ? 162 LYS A CG  1 
ATOM   1119 C CD  . LYS A 1 139 ? -1.303  -14.806 6.293   1.00 23.86 ? 162 LYS A CD  1 
ATOM   1120 C CE  . LYS A 1 139 ? -0.271  -15.926 6.410   1.00 23.32 ? 162 LYS A CE  1 
ATOM   1121 N NZ  . LYS A 1 139 ? 0.551   -16.118 5.150   1.00 22.44 ? 162 LYS A NZ  1 
ATOM   1122 N N   . LYS A 1 140 ? -2.652  -15.759 11.127  1.00 17.76 ? 163 LYS A N   1 
ATOM   1123 C CA  . LYS A 1 140 ? -1.835  -15.427 12.289  1.00 17.74 ? 163 LYS A CA  1 
ATOM   1124 C C   . LYS A 1 140 ? -0.403  -15.311 11.792  1.00 16.42 ? 163 LYS A C   1 
ATOM   1125 O O   . LYS A 1 140 ? 0.073   -16.165 11.061  1.00 17.20 ? 163 LYS A O   1 
ATOM   1126 C CB  . LYS A 1 140 ? -1.959  -16.512 13.376  1.00 18.68 ? 163 LYS A CB  1 
ATOM   1127 C CG  . LYS A 1 140 ? -1.407  -16.105 14.734  1.00 22.48 ? 163 LYS A CG  1 
ATOM   1128 C CD  . LYS A 1 140 ? -1.396  -17.273 15.779  1.00 29.22 ? 163 LYS A CD  1 
ATOM   1129 C CE  . LYS A 1 140 ? -0.430  -18.451 15.406  1.00 33.30 ? 163 LYS A CE  1 
ATOM   1130 N NZ  . LYS A 1 140 ? 1.057   -18.217 15.610  1.00 34.08 ? 163 LYS A NZ  1 
ATOM   1131 N N   . GLY A 1 141 ? 0.277   -14.233 12.147  1.00 15.96 ? 164 GLY A N   1 
ATOM   1132 C CA  . GLY A 1 141 ? 1.675   -14.105 11.758  1.00 14.81 ? 164 GLY A CA  1 
ATOM   1133 C C   . GLY A 1 141 ? 2.293   -12.796 12.176  1.00 15.23 ? 164 GLY A C   1 
ATOM   1134 O O   . GLY A 1 141 ? 1.845   -12.156 13.160  1.00 15.40 ? 164 GLY A O   1 
ATOM   1135 N N   . GLU A 1 142 ? 3.324   -12.387 11.440  1.00 14.20 ? 165 GLU A N   1 
ATOM   1136 C CA  . GLU A 1 142 ? 3.990   -11.099 11.701  1.00 14.72 ? 165 GLU A CA  1 
ATOM   1137 C C   . GLU A 1 142 ? 4.681   -10.695 10.399  1.00 14.27 ? 165 GLU A C   1 
ATOM   1138 O O   . GLU A 1 142 ? 4.973   -11.563 9.559   1.00 13.64 ? 165 GLU A O   1 
ATOM   1139 C CB  . GLU A 1 142 ? 4.976   -11.219 12.868  1.00 14.86 ? 165 GLU A CB  1 
ATOM   1140 C CG  . GLU A 1 142 ? 5.790   -9.940  13.196  1.00 17.74 ? 165 GLU A CG  1 
ATOM   1141 C CD  . GLU A 1 142 ? 4.913   -8.756  13.574  1.00 20.68 ? 165 GLU A CD  1 
ATOM   1142 O OE1 . GLU A 1 142 ? 4.586   -8.634  14.781  1.00 20.03 ? 165 GLU A OE1 1 
ATOM   1143 O OE2 . GLU A 1 142 ? 4.548   -7.940  12.669  1.00 20.62 ? 165 GLU A OE2 1 
ATOM   1144 N N   . TYR A 1 143 ? 4.897   -9.394  10.205  1.00 14.07 ? 166 TYR A N   1 
ATOM   1145 C CA  . TYR A 1 143 ? 5.671   -8.900  9.058   1.00 14.35 ? 166 TYR A CA  1 
ATOM   1146 C C   . TYR A 1 143 ? 6.710   -7.859  9.477   1.00 15.10 ? 166 TYR A C   1 
ATOM   1147 O O   . TYR A 1 143 ? 7.597   -7.538  8.721   1.00 14.52 ? 166 TYR A O   1 
ATOM   1148 C CB  . TYR A 1 143 ? 4.756   -8.325  7.960   1.00 14.88 ? 166 TYR A CB  1 
ATOM   1149 C CG  . TYR A 1 143 ? 3.944   -7.141  8.431   1.00 15.54 ? 166 TYR A CG  1 
ATOM   1150 C CD1 . TYR A 1 143 ? 4.449   -5.840  8.348   1.00 17.62 ? 166 TYR A CD1 1 
ATOM   1151 C CD2 . TYR A 1 143 ? 2.674   -7.321  8.983   1.00 17.43 ? 166 TYR A CD2 1 
ATOM   1152 C CE1 . TYR A 1 143 ? 3.693   -4.748  8.808   1.00 16.63 ? 166 TYR A CE1 1 
ATOM   1153 C CE2 . TYR A 1 143 ? 1.928   -6.251  9.439   1.00 19.11 ? 166 TYR A CE2 1 
ATOM   1154 C CZ  . TYR A 1 143 ? 2.441   -4.965  9.350   1.00 17.12 ? 166 TYR A CZ  1 
ATOM   1155 O OH  . TYR A 1 143 ? 1.703   -3.891  9.825   1.00 19.17 ? 166 TYR A OH  1 
ATOM   1156 N N   . ARG A 1 144 ? 6.593   -7.332  10.692  1.00 16.35 ? 167 ARG A N   1 
ATOM   1157 C CA  . ARG A 1 144 ? 7.502   -6.272  11.146  1.00 16.94 ? 167 ARG A CA  1 
ATOM   1158 C C   . ARG A 1 144 ? 8.819   -6.864  11.628  1.00 18.90 ? 167 ARG A C   1 
ATOM   1159 O O   . ARG A 1 144 ? 8.819   -7.799  12.454  1.00 19.47 ? 167 ARG A O   1 
ATOM   1160 C CB  . ARG A 1 144 ? 6.810   -5.432  12.237  1.00 17.58 ? 167 ARG A CB  1 
ATOM   1161 C CG  . ARG A 1 144 ? 5.572   -4.703  11.713  1.00 16.10 ? 167 ARG A CG  1 
ATOM   1162 C CD  . ARG A 1 144 ? 4.671   -4.219  12.812  1.00 21.53 ? 167 ARG A CD  1 
ATOM   1163 N NE  . ARG A 1 144 ? 4.192   -5.336  13.627  1.00 19.49 ? 167 ARG A NE  1 
ATOM   1164 C CZ  . ARG A 1 144 ? 3.520   -5.186  14.761  1.00 22.25 ? 167 ARG A CZ  1 
ATOM   1165 N NH1 . ARG A 1 144 ? 3.236   -3.961  15.211  1.00 20.88 ? 167 ARG A NH1 1 
ATOM   1166 N NH2 . ARG A 1 144 ? 3.122   -6.252  15.446  1.00 21.86 ? 167 ARG A NH2 1 
ATOM   1167 N N   . THR A 1 145 ? 9.928   -6.347  11.101  1.00 20.16 ? 168 THR A N   1 
ATOM   1168 C CA  . THR A 1 145 ? 11.261  -6.841  11.442  1.00 22.38 ? 168 THR A CA  1 
ATOM   1169 C C   . THR A 1 145 ? 12.053  -5.876  12.315  1.00 24.50 ? 168 THR A C   1 
ATOM   1170 O O   . THR A 1 145 ? 13.134  -6.235  12.806  1.00 25.06 ? 168 THR A O   1 
ATOM   1171 C CB  . THR A 1 145 ? 12.106  -7.162  10.189  1.00 22.53 ? 168 THR A CB  1 
ATOM   1172 O OG1 . THR A 1 145 ? 12.465  -5.945  9.505   1.00 22.50 ? 168 THR A OG1 1 
ATOM   1173 C CG2 . THR A 1 145 ? 11.337  -8.084  9.257   1.00 21.92 ? 168 THR A CG2 1 
ATOM   1174 N N   . HIS A 1 146 ? 11.525  -4.668  12.503  1.00 26.10 ? 169 HIS A N   1 
ATOM   1175 C CA  . HIS A 1 146 ? 12.169  -3.633  13.337  1.00 28.78 ? 169 HIS A CA  1 
ATOM   1176 C C   . HIS A 1 146 ? 11.396  -3.425  14.635  1.00 29.83 ? 169 HIS A C   1 
ATOM   1177 O O   . HIS A 1 146 ? 10.169  -3.275  14.618  1.00 29.94 ? 169 HIS A O   1 
ATOM   1178 C CB  . HIS A 1 146 ? 12.276  -2.308  12.571  1.00 28.59 ? 169 HIS A CB  1 
ATOM   1179 C CG  . HIS A 1 146 ? 13.030  -2.414  11.284  1.00 30.50 ? 169 HIS A CG  1 
ATOM   1180 N ND1 . HIS A 1 146 ? 14.401  -2.303  11.218  1.00 32.40 ? 169 HIS A ND1 1 
ATOM   1181 C CD2 . HIS A 1 146 ? 12.606  -2.628  10.015  1.00 31.68 ? 169 HIS A CD2 1 
ATOM   1182 C CE1 . HIS A 1 146 ? 14.790  -2.441  9.963   1.00 33.82 ? 169 HIS A CE1 1 
ATOM   1183 N NE2 . HIS A 1 146 ? 13.720  -2.633  9.210   1.00 31.86 ? 169 HIS A NE2 1 
ATOM   1184 N N   . GLN A 1 147 ? 12.107  -3.432  15.764  1.00 31.75 ? 170 GLN A N   1 
ATOM   1185 C CA  . GLN A 1 147 ? 11.461  -3.316  17.084  1.00 33.57 ? 170 GLN A CA  1 
ATOM   1186 C C   . GLN A 1 147 ? 10.704  -1.996  17.279  1.00 34.19 ? 170 GLN A C   1 
ATOM   1187 O O   . GLN A 1 147 ? 9.593   -1.983  17.828  1.00 34.93 ? 170 GLN A O   1 
ATOM   1188 C CB  . GLN A 1 147 ? 12.473  -3.531  18.222  1.00 34.31 ? 170 GLN A CB  1 
ATOM   1189 C CG  . GLN A 1 147 ? 11.826  -3.707  19.605  1.00 35.66 ? 170 GLN A CG  1 
ATOM   1190 C CD  . GLN A 1 147 ? 10.822  -4.863  19.667  1.00 39.60 ? 170 GLN A CD  1 
ATOM   1191 O OE1 . GLN A 1 147 ? 9.626   -4.660  19.922  1.00 40.31 ? 170 GLN A OE1 1 
ATOM   1192 N NE2 . GLN A 1 147 ? 11.306  -6.083  19.446  1.00 40.95 ? 170 GLN A NE2 1 
ATOM   1193 N N   . GLU A 1 148 ? 11.301  -0.901  16.810  1.00 34.80 ? 171 GLU A N   1 
ATOM   1194 C CA  . GLU A 1 148 ? 10.703  0.441   16.898  1.00 35.55 ? 171 GLU A CA  1 
ATOM   1195 C C   . GLU A 1 148 ? 9.310   0.472   16.258  1.00 34.73 ? 171 GLU A C   1 
ATOM   1196 O O   . GLU A 1 148 ? 8.502   1.345   16.576  1.00 35.02 ? 171 GLU A O   1 
ATOM   1197 C CB  . GLU A 1 148 ? 11.614  1.519   16.273  1.00 36.02 ? 171 GLU A CB  1 
ATOM   1198 C CG  . GLU A 1 148 ? 13.122  1.303   16.523  1.00 39.91 ? 171 GLU A CG  1 
ATOM   1199 C CD  . GLU A 1 148 ? 13.671  0.077   15.782  1.00 44.04 ? 171 GLU A CD  1 
ATOM   1200 O OE1 . GLU A 1 148 ? 14.543  -0.631  16.335  1.00 46.15 ? 171 GLU A OE1 1 
ATOM   1201 O OE2 . GLU A 1 148 ? 13.206  -0.189  14.651  1.00 45.15 ? 171 GLU A OE2 1 
ATOM   1202 N N   . ASP A 1 149 ? 9.027   -0.499  15.387  1.00 33.55 ? 172 ASP A N   1 
ATOM   1203 C CA  . ASP A 1 149 ? 7.715   -0.594  14.736  1.00 32.54 ? 172 ASP A CA  1 
ATOM   1204 C C   . ASP A 1 149 ? 6.665   -1.439  15.480  1.00 33.17 ? 172 ASP A C   1 
ATOM   1205 O O   . ASP A 1 149 ? 5.477   -1.400  15.125  1.00 33.74 ? 172 ASP A O   1 
ATOM   1206 C CB  . ASP A 1 149 ? 7.861   -1.077  13.284  1.00 31.29 ? 172 ASP A CB  1 
ATOM   1207 C CG  . ASP A 1 149 ? 8.574   -0.073  12.400  1.00 28.28 ? 172 ASP A CG  1 
ATOM   1208 O OD1 . ASP A 1 149 ? 8.423   1.159   12.608  1.00 23.91 ? 172 ASP A OD1 1 
ATOM   1209 O OD2 . ASP A 1 149 ? 9.278   -0.520  11.470  1.00 23.67 ? 172 ASP A OD2 1 
ATOM   1210 N N   A ILE A 1 150 ? 7.097   -2.207  16.480  0.50 33.19 ? 173 ILE A N   1 
ATOM   1211 N N   B ILE A 1 150 ? 7.092   -2.166  16.512  0.50 33.23 ? 173 ILE A N   1 
ATOM   1212 C CA  A ILE A 1 150 ? 6.197   -3.124  17.189  0.50 33.12 ? 173 ILE A CA  1 
ATOM   1213 C CA  B ILE A 1 150 ? 6.167   -2.940  17.342  0.50 33.18 ? 173 ILE A CA  1 
ATOM   1214 C C   A ILE A 1 150 ? 5.716   -2.572  18.533  0.50 33.22 ? 173 ILE A C   1 
ATOM   1215 C C   B ILE A 1 150 ? 6.011   -2.341  18.741  0.50 33.34 ? 173 ILE A C   1 
ATOM   1216 O O   A ILE A 1 150 ? 4.589   -2.085  18.647  0.50 33.21 ? 173 ILE A O   1 
ATOM   1217 O O   B ILE A 1 150 ? 6.987   -2.203  19.481  0.50 33.43 ? 173 ILE A O   1 
ATOM   1218 C CB  A ILE A 1 150 ? 6.854   -4.489  17.407  0.50 33.18 ? 173 ILE A CB  1 
ATOM   1219 C CB  B ILE A 1 150 ? 6.615   -4.393  17.468  0.50 33.15 ? 173 ILE A CB  1 
ATOM   1220 C CG1 A ILE A 1 150 ? 7.354   -5.050  16.070  0.50 32.66 ? 173 ILE A CG1 1 
ATOM   1221 C CG1 B ILE A 1 150 ? 7.004   -4.944  16.091  0.50 32.69 ? 173 ILE A CG1 1 
ATOM   1222 C CG2 A ILE A 1 150 ? 5.877   -5.438  18.095  0.50 33.18 ? 173 ILE A CG2 1 
ATOM   1223 C CG2 B ILE A 1 150 ? 5.517   -5.218  18.136  0.50 32.97 ? 173 ILE A CG2 1 
ATOM   1224 C CD1 A ILE A 1 150 ? 8.054   -6.381  16.176  0.50 32.40 ? 173 ILE A CD1 1 
ATOM   1225 C CD1 B ILE A 1 150 ? 7.769   -6.245  16.135  0.50 31.89 ? 173 ILE A CD1 1 
HETATM 1226 C CAH . 2L1 B 2 .   ? -10.963 3.443   3.202   1.00 20.79 ? 201 2L1 A CAH 1 
HETATM 1227 C CAG . 2L1 B 2 .   ? -11.136 1.994   3.740   1.00 21.16 ? 201 2L1 A CAG 1 
HETATM 1228 C CAN . 2L1 B 2 .   ? -10.665 1.034   2.784   1.00 19.88 ? 201 2L1 A CAN 1 
HETATM 1229 C CAD . 2L1 B 2 .   ? -10.992 -0.320  2.999   1.00 18.40 ? 201 2L1 A CAD 1 
HETATM 1230 C CAB . 2L1 B 2 .   ? -10.549 -1.311  2.112   1.00 17.69 ? 201 2L1 A CAB 1 
HETATM 1231 C CAC . 2L1 B 2 .   ? -9.787  -0.962  0.998   1.00 17.64 ? 201 2L1 A CAC 1 
HETATM 1232 C CAE . 2L1 B 2 .   ? -9.458  0.384   0.762   1.00 18.53 ? 201 2L1 A CAE 1 
HETATM 1233 C CAO . 2L1 B 2 .   ? -9.879  1.391   1.652   1.00 21.67 ? 201 2L1 A CAO 1 
HETATM 1234 C CAI . 2L1 B 2 .   ? -9.515  2.746   1.362   1.00 22.13 ? 201 2L1 A CAI 1 
HETATM 1235 N NAQ . 2L1 B 2 .   ? -9.631  3.618   2.561   1.00 22.21 ? 201 2L1 A NAQ 1 
HETATM 1236 C CAJ . 2L1 B 2 .   ? -9.406  5.042   2.218   1.00 22.69 ? 201 2L1 A CAJ 1 
HETATM 1237 C CAP . 2L1 B 2 .   ? -9.395  5.929   3.485   1.00 21.96 ? 201 2L1 A CAP 1 
HETATM 1238 N NAL . 2L1 B 2 .   ? -8.518  5.844   4.480   1.00 23.93 ? 201 2L1 A NAL 1 
HETATM 1239 C CAF . 2L1 B 2 .   ? -8.858  6.769   5.394   1.00 23.21 ? 201 2L1 A CAF 1 
HETATM 1240 N NAK . 2L1 B 2 .   ? -9.946  7.429   4.958   1.00 22.50 ? 201 2L1 A NAK 1 
HETATM 1241 C CAM . 2L1 B 2 .   ? -10.269 6.894   3.782   1.00 23.28 ? 201 2L1 A CAM 1 
HETATM 1242 C CAA . 2L1 B 2 .   ? -11.456 7.332   2.922   1.00 23.71 ? 201 2L1 A CAA 1 
HETATM 1243 O O1  . MES C 3 .   ? -18.473 6.848   2.236   1.00 35.61 ? 202 MES A O1  1 
HETATM 1244 C C2  . MES C 3 .   ? -18.090 5.547   2.659   1.00 34.24 ? 202 MES A C2  1 
HETATM 1245 C C3  . MES C 3 .   ? -17.329 4.851   1.537   1.00 34.31 ? 202 MES A C3  1 
HETATM 1246 N N4  . MES C 3 .   ? -16.238 5.728   1.105   1.00 34.79 ? 202 MES A N4  1 
HETATM 1247 C C5  . MES C 3 .   ? -16.330 7.200   1.103   1.00 36.10 ? 202 MES A C5  1 
HETATM 1248 C C6  . MES C 3 .   ? -17.326 7.711   2.154   1.00 35.37 ? 202 MES A C6  1 
HETATM 1249 C C7  . MES C 3 .   ? -15.066 5.030   0.580   1.00 34.08 ? 202 MES A C7  1 
HETATM 1250 C C8  . MES C 3 .   ? -13.855 5.943   0.378   1.00 35.42 ? 202 MES A C8  1 
HETATM 1251 S S   . MES C 3 .   ? -12.686 5.120   -0.507  1.00 35.03 ? 202 MES A S   1 
HETATM 1252 O O1S . MES C 3 .   ? -13.168 4.895   -1.881  1.00 35.49 ? 202 MES A O1S 1 
HETATM 1253 O O2S . MES C 3 .   ? -12.432 3.799   0.114   1.00 34.30 ? 202 MES A O2S 1 
HETATM 1254 O O3S . MES C 3 .   ? -11.423 5.921   -0.492  1.00 33.62 ? 202 MES A O3S 1 
HETATM 1255 S S   . SO4 D 4 .   ? -12.035 9.621   6.991   1.00 53.52 ? 203 SO4 A S   1 
HETATM 1256 O O1  . SO4 D 4 .   ? -12.402 8.234   6.734   1.00 54.19 ? 203 SO4 A O1  1 
HETATM 1257 O O2  . SO4 D 4 .   ? -13.222 10.416  6.658   1.00 52.23 ? 203 SO4 A O2  1 
HETATM 1258 O O3  . SO4 D 4 .   ? -10.874 9.994   6.176   1.00 52.79 ? 203 SO4 A O3  1 
HETATM 1259 O O4  . SO4 D 4 .   ? -11.671 9.800   8.392   1.00 52.43 ? 203 SO4 A O4  1 
HETATM 1260 S S   . SO4 E 4 .   ? 3.198   20.176  -0.022  1.00 50.25 ? 204 SO4 A S   1 
HETATM 1261 O O1  . SO4 E 4 .   ? 2.076   19.671  0.791   1.00 49.62 ? 204 SO4 A O1  1 
HETATM 1262 O O2  . SO4 E 4 .   ? 3.737   19.109  -0.870  1.00 48.47 ? 204 SO4 A O2  1 
HETATM 1263 O O3  . SO4 E 4 .   ? 2.719   21.254  -0.886  1.00 49.12 ? 204 SO4 A O3  1 
HETATM 1264 O O4  . SO4 E 4 .   ? 4.246   20.701  0.846   1.00 48.31 ? 204 SO4 A O4  1 
HETATM 1265 S S   . DMS F 5 .   ? -11.356 -5.700  -4.410  1.00 23.86 ? 205 DMS A S   1 
HETATM 1266 O O   . DMS F 5 .   ? -12.453 -4.655  -3.555  1.00 19.20 ? 205 DMS A O   1 
HETATM 1267 C C1  . DMS F 5 .   ? -12.356 -6.935  -5.299  1.00 19.18 ? 205 DMS A C1  1 
HETATM 1268 C C2  . DMS F 5 .   ? -10.661 -4.729  -5.794  1.00 19.93 ? 205 DMS A C2  1 
HETATM 1269 O O   . HOH G 6 .   ? -1.709  3.452   7.118   1.00 11.33 ? 301 HOH A O   1 
HETATM 1270 O O   . HOH G 6 .   ? -1.957  -5.076  -12.020 1.00 10.90 ? 302 HOH A O   1 
HETATM 1271 O O   . HOH G 6 .   ? 11.890  1.749   -12.427 1.00 16.02 ? 303 HOH A O   1 
HETATM 1272 O O   . HOH G 6 .   ? 10.163  6.940   0.774   1.00 14.42 ? 304 HOH A O   1 
HETATM 1273 O O   . HOH G 6 .   ? 10.631  17.283  0.253   1.00 15.40 ? 305 HOH A O   1 
HETATM 1274 O O   . HOH G 6 .   ? -14.070 -2.819  2.791   1.00 12.56 ? 306 HOH A O   1 
HETATM 1275 O O   . HOH G 6 .   ? -4.233  -6.670  -17.144 1.00 15.21 ? 307 HOH A O   1 
HETATM 1276 O O   . HOH G 6 .   ? 8.108   -8.549  6.138   1.00 15.32 ? 308 HOH A O   1 
HETATM 1277 O O   . HOH G 6 .   ? 11.720  5.870   -11.487 1.00 15.57 ? 309 HOH A O   1 
HETATM 1278 O O   . HOH G 6 .   ? -12.184 -0.709  -5.906  1.00 16.00 ? 310 HOH A O   1 
HETATM 1279 O O   . HOH G 6 .   ? 2.847   17.465  8.344   1.00 13.11 ? 311 HOH A O   1 
HETATM 1280 O O   . HOH G 6 .   ? 2.455   11.341  9.344   1.00 18.73 ? 312 HOH A O   1 
HETATM 1281 O O   . HOH G 6 .   ? 8.155   13.068  -0.829  1.00 12.66 ? 313 HOH A O   1 
HETATM 1282 O O   . HOH G 6 .   ? 4.289   17.015  -7.368  1.00 15.69 ? 314 HOH A O   1 
HETATM 1283 O O   . HOH G 6 .   ? 9.807   16.119  -1.970  1.00 18.07 ? 315 HOH A O   1 
HETATM 1284 O O   . HOH G 6 .   ? -9.598  -3.990  -2.893  1.00 17.26 ? 316 HOH A O   1 
HETATM 1285 O O   . HOH G 6 .   ? -7.893  3.856   -9.163  1.00 18.74 ? 317 HOH A O   1 
HETATM 1286 O O   . HOH G 6 .   ? 9.919   0.870   -14.175 1.00 25.14 ? 318 HOH A O   1 
HETATM 1287 O O   . HOH G 6 .   ? -10.203 0.366   8.238   1.00 22.02 ? 319 HOH A O   1 
HETATM 1288 O O   . HOH G 6 .   ? -15.201 -12.727 2.963   1.00 17.11 ? 320 HOH A O   1 
HETATM 1289 O O   . HOH G 6 .   ? -11.322 -1.885  7.029   1.00 19.78 ? 321 HOH A O   1 
HETATM 1290 O O   . HOH G 6 .   ? -6.135  0.926   0.859   1.00 21.29 ? 322 HOH A O   1 
HETATM 1291 O O   . HOH G 6 .   ? -14.030 -10.695 -3.758  1.00 13.28 ? 323 HOH A O   1 
HETATM 1292 O O   . HOH G 6 .   ? -0.774  -8.236  -4.633  1.00 28.19 ? 324 HOH A O   1 
HETATM 1293 O O   . HOH G 6 .   ? 10.031  -1.397  -7.130  1.00 17.31 ? 325 HOH A O   1 
HETATM 1294 O O   . HOH G 6 .   ? -5.451  9.030   8.954   1.00 19.44 ? 326 HOH A O   1 
HETATM 1295 O O   . HOH G 6 .   ? -9.581  -0.346  -4.939  1.00 16.43 ? 327 HOH A O   1 
HETATM 1296 O O   . HOH G 6 .   ? -4.890  12.923  3.510   1.00 21.81 ? 328 HOH A O   1 
HETATM 1297 O O   . HOH G 6 .   ? -6.490  16.149  -7.316  1.00 16.12 ? 329 HOH A O   1 
HETATM 1298 O O   . HOH G 6 .   ? -13.323 -1.423  5.285   1.00 26.84 ? 330 HOH A O   1 
HETATM 1299 O O   . HOH G 6 .   ? 5.276   18.516  -5.334  1.00 16.61 ? 331 HOH A O   1 
HETATM 1300 O O   . HOH G 6 .   ? 11.960  12.991  -6.286  1.00 21.06 ? 332 HOH A O   1 
HETATM 1301 O O   . HOH G 6 .   ? 9.236   -3.162  10.880  1.00 20.15 ? 333 HOH A O   1 
HETATM 1302 O O   . HOH G 6 .   ? 9.912   -5.894  -7.682  1.00 28.66 ? 334 HOH A O   1 
HETATM 1303 O O   . HOH G 6 .   ? 1.907   8.652   -16.223 1.00 18.82 ? 335 HOH A O   1 
HETATM 1304 O O   . HOH G 6 .   ? -1.191  19.277  -11.640 1.00 25.04 ? 336 HOH A O   1 
HETATM 1305 O O   . HOH G 6 .   ? -7.887  6.794   -1.239  1.00 18.28 ? 337 HOH A O   1 
HETATM 1306 O O   . HOH G 6 .   ? 2.319   -15.735 8.828   1.00 21.93 ? 338 HOH A O   1 
HETATM 1307 O O   . HOH G 6 .   ? 10.034  17.222  -4.417  1.00 23.15 ? 339 HOH A O   1 
HETATM 1308 O O   . HOH G 6 .   ? 8.068   18.442  -6.015  1.00 19.85 ? 340 HOH A O   1 
HETATM 1309 O O   . HOH G 6 .   ? -2.598  1.784   12.945  1.00 24.06 ? 341 HOH A O   1 
HETATM 1310 O O   . HOH G 6 .   ? 11.143  -2.221  -1.184  1.00 22.41 ? 342 HOH A O   1 
HETATM 1311 O O   . HOH G 6 .   ? -2.755  -8.626  -8.498  1.00 21.25 ? 343 HOH A O   1 
HETATM 1312 O O   . HOH G 6 .   ? 10.227  -4.269  0.514   1.00 24.25 ? 344 HOH A O   1 
HETATM 1313 O O   . HOH G 6 .   ? 3.110   12.411  -12.849 1.00 19.64 ? 345 HOH A O   1 
HETATM 1314 O O   . HOH G 6 .   ? 3.527   -17.107 5.424   1.00 22.88 ? 346 HOH A O   1 
HETATM 1315 O O   . HOH G 6 .   ? 8.916   -3.417  -13.217 1.00 20.22 ? 347 HOH A O   1 
HETATM 1316 O O   . HOH G 6 .   ? 11.957  6.201   -8.045  1.00 24.28 ? 348 HOH A O   1 
HETATM 1317 O O   . HOH G 6 .   ? -10.471 4.443   6.891   1.00 21.13 ? 349 HOH A O   1 
HETATM 1318 O O   . HOH G 6 .   ? -1.186  15.034  -14.939 1.00 25.40 ? 350 HOH A O   1 
HETATM 1319 O O   . HOH G 6 .   ? -8.175  8.004   8.845   1.00 22.23 ? 351 HOH A O   1 
HETATM 1320 O O   . HOH G 6 .   ? 6.145   22.983  0.501   1.00 28.14 ? 352 HOH A O   1 
HETATM 1321 O O   . HOH G 6 .   ? -14.479 8.283   4.665   1.00 31.14 ? 353 HOH A O   1 
HETATM 1322 O O   . HOH G 6 .   ? 9.902   23.213  2.117   1.00 25.14 ? 354 HOH A O   1 
HETATM 1323 O O   . HOH G 6 .   ? 5.605   13.918  -10.319 1.00 26.22 ? 355 HOH A O   1 
HETATM 1324 O O   . HOH G 6 .   ? -9.941  -6.834  -12.750 1.00 21.00 ? 356 HOH A O   1 
HETATM 1325 O O   . HOH G 6 .   ? -11.072 -15.505 3.398   1.00 31.35 ? 357 HOH A O   1 
HETATM 1326 O O   . HOH G 6 .   ? 4.907   1.959   11.500  1.00 26.30 ? 358 HOH A O   1 
HETATM 1327 O O   . HOH G 6 .   ? 1.968   -17.579 12.678  1.00 21.53 ? 359 HOH A O   1 
HETATM 1328 O O   . HOH G 6 .   ? -7.237  4.180   -1.512  1.00 27.67 ? 360 HOH A O   1 
HETATM 1329 O O   . HOH G 6 .   ? -12.138 16.571  -11.770 1.00 29.67 ? 361 HOH A O   1 
HETATM 1330 O O   . HOH G 6 .   ? 2.398   20.690  3.421   1.00 24.96 ? 362 HOH A O   1 
# 
